data_1UMU
# 
_entry.id   1UMU 
# 
_audit_conform.dict_name       mmcif_pdbx.dic 
_audit_conform.dict_version    5.397 
_audit_conform.dict_location   http://mmcif.pdb.org/dictionaries/ascii/mmcif_pdbx.dic 
# 
loop_
_database_2.database_id 
_database_2.database_code 
_database_2.pdbx_database_accession 
_database_2.pdbx_DOI 
PDB   1UMU         pdb_00001umu 10.2210/pdb1umu/pdb 
WWPDB D_1000176956 ?            ?                   
# 
loop_
_pdbx_audit_revision_history.ordinal 
_pdbx_audit_revision_history.data_content_type 
_pdbx_audit_revision_history.major_revision 
_pdbx_audit_revision_history.minor_revision 
_pdbx_audit_revision_history.revision_date 
1 'Structure model' 1 0 1996-08-01 
2 'Structure model' 1 1 2008-03-24 
3 'Structure model' 1 2 2011-07-13 
4 'Structure model' 1 3 2024-10-23 
# 
_pdbx_audit_revision_details.ordinal             1 
_pdbx_audit_revision_details.revision_ordinal    1 
_pdbx_audit_revision_details.data_content_type   'Structure model' 
_pdbx_audit_revision_details.provider            repository 
_pdbx_audit_revision_details.type                'Initial release' 
_pdbx_audit_revision_details.description         ? 
_pdbx_audit_revision_details.details             ? 
# 
loop_
_pdbx_audit_revision_group.ordinal 
_pdbx_audit_revision_group.revision_ordinal 
_pdbx_audit_revision_group.data_content_type 
_pdbx_audit_revision_group.group 
1 2 'Structure model' 'Version format compliance' 
2 3 'Structure model' 'Version format compliance' 
3 4 'Structure model' 'Data collection'           
4 4 'Structure model' 'Database references'       
5 4 'Structure model' 'Derived calculations'      
6 4 'Structure model' 'Structure summary'         
# 
loop_
_pdbx_audit_revision_category.ordinal 
_pdbx_audit_revision_category.revision_ordinal 
_pdbx_audit_revision_category.data_content_type 
_pdbx_audit_revision_category.category 
1 4 'Structure model' chem_comp_atom            
2 4 'Structure model' chem_comp_bond            
3 4 'Structure model' database_2                
4 4 'Structure model' pdbx_entry_details        
5 4 'Structure model' pdbx_modification_feature 
6 4 'Structure model' struct_conn               
7 4 'Structure model' struct_ref_seq_dif        
# 
loop_
_pdbx_audit_revision_item.ordinal 
_pdbx_audit_revision_item.revision_ordinal 
_pdbx_audit_revision_item.data_content_type 
_pdbx_audit_revision_item.item 
1  4 'Structure model' '_database_2.pdbx_DOI'                         
2  4 'Structure model' '_database_2.pdbx_database_accession'          
3  4 'Structure model' '_pdbx_entry_details.has_protein_modification' 
4  4 'Structure model' '_struct_conn.pdbx_leaving_atom_flag'          
5  4 'Structure model' '_struct_conn.ptnr1_auth_comp_id'              
6  4 'Structure model' '_struct_conn.ptnr1_auth_seq_id'               
7  4 'Structure model' '_struct_conn.ptnr1_label_atom_id'             
8  4 'Structure model' '_struct_conn.ptnr1_label_comp_id'             
9  4 'Structure model' '_struct_conn.ptnr1_label_seq_id'              
10 4 'Structure model' '_struct_conn.ptnr2_auth_comp_id'              
11 4 'Structure model' '_struct_conn.ptnr2_auth_seq_id'               
12 4 'Structure model' '_struct_conn.ptnr2_label_atom_id'             
13 4 'Structure model' '_struct_conn.ptnr2_label_comp_id'             
14 4 'Structure model' '_struct_conn.ptnr2_label_seq_id'              
15 4 'Structure model' '_struct_ref_seq_dif.details'                  
# 
_pdbx_database_status.status_code                     REL 
_pdbx_database_status.entry_id                        1UMU 
_pdbx_database_status.recvd_initial_deposition_date   1996-03-07 
_pdbx_database_status.deposit_site                    ? 
_pdbx_database_status.process_site                    BNL 
_pdbx_database_status.SG_entry                        . 
_pdbx_database_status.pdb_format_compatible           Y 
_pdbx_database_status.status_code_mr                  ? 
_pdbx_database_status.status_code_sf                  ? 
_pdbx_database_status.status_code_cs                  ? 
_pdbx_database_status.status_code_nmr_data            ? 
_pdbx_database_status.methods_development_category    ? 
# 
loop_
_audit_author.name 
_audit_author.pdbx_ordinal 
'Peat, T.S.'        1 
'Hendrickson, W.A.' 2 
# 
loop_
_citation.id 
_citation.title 
_citation.journal_abbrev 
_citation.journal_volume 
_citation.page_first 
_citation.page_last 
_citation.year 
_citation.journal_id_ASTM 
_citation.country 
_citation.journal_id_ISSN 
_citation.journal_id_CSD 
_citation.book_publisher 
_citation.pdbx_database_id_PubMed 
_citation.pdbx_database_id_DOI 
primary 
;Structure of the UmuD' protein and its regulation in response to DNA damage.
;
Nature            380 727 730 1996 NATUAS UK 0028-0836 0006 ? 8614470 10.1038/380727a0 
1       
;Production and Crystallization of a Selenomethionyl Variant of UmuD', an Escherichia Coli SOS Response Protein
;
'To be Published' ?   ?   ?   ?    ?      ?  ?         0353 ? ?       ?                
# 
loop_
_citation_author.citation_id 
_citation_author.name 
_citation_author.ordinal 
_citation_author.identifier_ORCID 
primary 'Peat, T.S.'        1  ? 
primary 'Frank, E.G.'       2  ? 
primary 'McDonald, J.P.'    3  ? 
primary 'Levine, A.S.'      4  ? 
primary 'Woodgate, R.'      5  ? 
primary 'Hendrickson, W.A.' 6  ? 
1       'Peat, T.S.'        7  ? 
1       'Frank, E.G.'       8  ? 
1       'Woodgate, R.'      9  ? 
1       'Hendrickson, W.A.' 10 ? 
# 
loop_
_entity.id 
_entity.type 
_entity.src_method 
_entity.pdbx_description 
_entity.formula_weight 
_entity.pdbx_number_of_molecules 
_entity.pdbx_ec 
_entity.pdbx_mutation 
_entity.pdbx_fragment 
_entity.details 
1 polymer man "UMUD'" 12429.735 2  3.4.21.- 'DEL(1-24), M138T, M61 AND M110 SUBSTITUTED BY SELENOMETHIONINE' 
;UMUD', RESIDUES 25 - 139
;
? 
2 water   nat water   18.015    77 ?        ?                                                                ? ? 
# 
_entity_poly.entity_id                      1 
_entity_poly.type                           'polypeptide(L)' 
_entity_poly.nstd_linkage                   no 
_entity_poly.nstd_monomer                   yes 
_entity_poly.pdbx_seq_one_letter_code       
;GFPSPAADYVEQRIDLNQLLIQHPSATYFVKASGDS(MSE)IDGGISDGDLLIVDSAITASHGDIVIAAVDGEFTVKKLQ
LRPTVQLIP(MSE)NSAYSPITISSEDTLDVFGVVIHVVKAATR
;
_entity_poly.pdbx_seq_one_letter_code_can   
;GFPSPAADYVEQRIDLNQLLIQHPSATYFVKASGDSMIDGGISDGDLLIVDSAITASHGDIVIAAVDGEFTVKKLQLRPT
VQLIPMNSAYSPITISSEDTLDVFGVVIHVVKAATR
;
_entity_poly.pdbx_strand_id                 A,B 
_entity_poly.pdbx_target_identifier         ? 
# 
_pdbx_entity_nonpoly.entity_id   2 
_pdbx_entity_nonpoly.name        water 
_pdbx_entity_nonpoly.comp_id     HOH 
# 
loop_
_entity_poly_seq.entity_id 
_entity_poly_seq.num 
_entity_poly_seq.mon_id 
_entity_poly_seq.hetero 
1 1   GLY n 
1 2   PHE n 
1 3   PRO n 
1 4   SER n 
1 5   PRO n 
1 6   ALA n 
1 7   ALA n 
1 8   ASP n 
1 9   TYR n 
1 10  VAL n 
1 11  GLU n 
1 12  GLN n 
1 13  ARG n 
1 14  ILE n 
1 15  ASP n 
1 16  LEU n 
1 17  ASN n 
1 18  GLN n 
1 19  LEU n 
1 20  LEU n 
1 21  ILE n 
1 22  GLN n 
1 23  HIS n 
1 24  PRO n 
1 25  SER n 
1 26  ALA n 
1 27  THR n 
1 28  TYR n 
1 29  PHE n 
1 30  VAL n 
1 31  LYS n 
1 32  ALA n 
1 33  SER n 
1 34  GLY n 
1 35  ASP n 
1 36  SER n 
1 37  MSE n 
1 38  ILE n 
1 39  ASP n 
1 40  GLY n 
1 41  GLY n 
1 42  ILE n 
1 43  SER n 
1 44  ASP n 
1 45  GLY n 
1 46  ASP n 
1 47  LEU n 
1 48  LEU n 
1 49  ILE n 
1 50  VAL n 
1 51  ASP n 
1 52  SER n 
1 53  ALA n 
1 54  ILE n 
1 55  THR n 
1 56  ALA n 
1 57  SER n 
1 58  HIS n 
1 59  GLY n 
1 60  ASP n 
1 61  ILE n 
1 62  VAL n 
1 63  ILE n 
1 64  ALA n 
1 65  ALA n 
1 66  VAL n 
1 67  ASP n 
1 68  GLY n 
1 69  GLU n 
1 70  PHE n 
1 71  THR n 
1 72  VAL n 
1 73  LYS n 
1 74  LYS n 
1 75  LEU n 
1 76  GLN n 
1 77  LEU n 
1 78  ARG n 
1 79  PRO n 
1 80  THR n 
1 81  VAL n 
1 82  GLN n 
1 83  LEU n 
1 84  ILE n 
1 85  PRO n 
1 86  MSE n 
1 87  ASN n 
1 88  SER n 
1 89  ALA n 
1 90  TYR n 
1 91  SER n 
1 92  PRO n 
1 93  ILE n 
1 94  THR n 
1 95  ILE n 
1 96  SER n 
1 97  SER n 
1 98  GLU n 
1 99  ASP n 
1 100 THR n 
1 101 LEU n 
1 102 ASP n 
1 103 VAL n 
1 104 PHE n 
1 105 GLY n 
1 106 VAL n 
1 107 VAL n 
1 108 ILE n 
1 109 HIS n 
1 110 VAL n 
1 111 VAL n 
1 112 LYS n 
1 113 ALA n 
1 114 ALA n 
1 115 THR n 
1 116 ARG n 
# 
_entity_src_gen.entity_id                          1 
_entity_src_gen.pdbx_src_id                        1 
_entity_src_gen.pdbx_alt_source_flag               sample 
_entity_src_gen.pdbx_seq_type                      ? 
_entity_src_gen.pdbx_beg_seq_num                   ? 
_entity_src_gen.pdbx_end_seq_num                   ? 
_entity_src_gen.gene_src_common_name               ? 
_entity_src_gen.gene_src_genus                     Escherichia 
_entity_src_gen.pdbx_gene_src_gene                 ? 
_entity_src_gen.gene_src_species                   ? 
_entity_src_gen.gene_src_strain                    ? 
_entity_src_gen.gene_src_tissue                    ? 
_entity_src_gen.gene_src_tissue_fraction           ? 
_entity_src_gen.gene_src_details                   ? 
_entity_src_gen.pdbx_gene_src_fragment             ? 
_entity_src_gen.pdbx_gene_src_scientific_name      'Escherichia coli' 
_entity_src_gen.pdbx_gene_src_ncbi_taxonomy_id     562 
_entity_src_gen.pdbx_gene_src_variant              ? 
_entity_src_gen.pdbx_gene_src_cell_line            ? 
_entity_src_gen.pdbx_gene_src_atcc                 ? 
_entity_src_gen.pdbx_gene_src_organ                ? 
_entity_src_gen.pdbx_gene_src_organelle            ? 
_entity_src_gen.pdbx_gene_src_cell                 ? 
_entity_src_gen.pdbx_gene_src_cellular_location    ? 
_entity_src_gen.host_org_common_name               ? 
_entity_src_gen.pdbx_host_org_scientific_name      'Escherichia coli' 
_entity_src_gen.pdbx_host_org_ncbi_taxonomy_id     562 
_entity_src_gen.host_org_genus                     Escherichia 
_entity_src_gen.pdbx_host_org_gene                 'UMUD, WITH THE FIRST 24 AMINO ACID CODONS REMOVED' 
_entity_src_gen.pdbx_host_org_organ                ? 
_entity_src_gen.host_org_species                   ? 
_entity_src_gen.pdbx_host_org_tissue               ? 
_entity_src_gen.pdbx_host_org_tissue_fraction      ? 
_entity_src_gen.pdbx_host_org_strain               ? 
_entity_src_gen.pdbx_host_org_variant              ? 
_entity_src_gen.pdbx_host_org_cell_line            ? 
_entity_src_gen.pdbx_host_org_atcc                 ? 
_entity_src_gen.pdbx_host_org_culture_collection   ? 
_entity_src_gen.pdbx_host_org_cell                 ? 
_entity_src_gen.pdbx_host_org_organelle            ? 
_entity_src_gen.pdbx_host_org_cellular_location    ? 
_entity_src_gen.pdbx_host_org_vector_type          ? 
_entity_src_gen.pdbx_host_org_vector               ? 
_entity_src_gen.host_org_details                   ? 
_entity_src_gen.expression_system_id               ? 
_entity_src_gen.plasmid_name                       PALTER 
_entity_src_gen.plasmid_details                    ? 
_entity_src_gen.pdbx_description                   'T7 PROMOTER' 
# 
loop_
_chem_comp.id 
_chem_comp.type 
_chem_comp.mon_nstd_flag 
_chem_comp.name 
_chem_comp.pdbx_synonyms 
_chem_comp.formula 
_chem_comp.formula_weight 
ALA 'L-peptide linking' y ALANINE          ? 'C3 H7 N O2'     89.093  
ARG 'L-peptide linking' y ARGININE         ? 'C6 H15 N4 O2 1' 175.209 
ASN 'L-peptide linking' y ASPARAGINE       ? 'C4 H8 N2 O3'    132.118 
ASP 'L-peptide linking' y 'ASPARTIC ACID'  ? 'C4 H7 N O4'     133.103 
GLN 'L-peptide linking' y GLUTAMINE        ? 'C5 H10 N2 O3'   146.144 
GLU 'L-peptide linking' y 'GLUTAMIC ACID'  ? 'C5 H9 N O4'     147.129 
GLY 'peptide linking'   y GLYCINE          ? 'C2 H5 N O2'     75.067  
HIS 'L-peptide linking' y HISTIDINE        ? 'C6 H10 N3 O2 1' 156.162 
HOH non-polymer         . WATER            ? 'H2 O'           18.015  
ILE 'L-peptide linking' y ISOLEUCINE       ? 'C6 H13 N O2'    131.173 
LEU 'L-peptide linking' y LEUCINE          ? 'C6 H13 N O2'    131.173 
LYS 'L-peptide linking' y LYSINE           ? 'C6 H15 N2 O2 1' 147.195 
MET 'L-peptide linking' y METHIONINE       ? 'C5 H11 N O2 S'  149.211 
MSE 'L-peptide linking' n SELENOMETHIONINE ? 'C5 H11 N O2 Se' 196.106 
PHE 'L-peptide linking' y PHENYLALANINE    ? 'C9 H11 N O2'    165.189 
PRO 'L-peptide linking' y PROLINE          ? 'C5 H9 N O2'     115.130 
SER 'L-peptide linking' y SERINE           ? 'C3 H7 N O3'     105.093 
THR 'L-peptide linking' y THREONINE        ? 'C4 H9 N O3'     119.119 
TYR 'L-peptide linking' y TYROSINE         ? 'C9 H11 N O3'    181.189 
VAL 'L-peptide linking' y VALINE           ? 'C5 H11 N O2'    117.146 
# 
loop_
_pdbx_poly_seq_scheme.asym_id 
_pdbx_poly_seq_scheme.entity_id 
_pdbx_poly_seq_scheme.seq_id 
_pdbx_poly_seq_scheme.mon_id 
_pdbx_poly_seq_scheme.ndb_seq_num 
_pdbx_poly_seq_scheme.pdb_seq_num 
_pdbx_poly_seq_scheme.auth_seq_num 
_pdbx_poly_seq_scheme.pdb_mon_id 
_pdbx_poly_seq_scheme.auth_mon_id 
_pdbx_poly_seq_scheme.pdb_strand_id 
_pdbx_poly_seq_scheme.pdb_ins_code 
_pdbx_poly_seq_scheme.hetero 
A 1 1   GLY 1   25  ?   ?   ?   A . n 
A 1 2   PHE 2   26  ?   ?   ?   A . n 
A 1 3   PRO 3   27  ?   ?   ?   A . n 
A 1 4   SER 4   28  ?   ?   ?   A . n 
A 1 5   PRO 5   29  ?   ?   ?   A . n 
A 1 6   ALA 6   30  ?   ?   ?   A . n 
A 1 7   ALA 7   31  ?   ?   ?   A . n 
A 1 8   ASP 8   32  32  ASP ASP A . n 
A 1 9   TYR 9   33  33  TYR TYR A . n 
A 1 10  VAL 10  34  34  VAL VAL A . n 
A 1 11  GLU 11  35  35  GLU GLU A . n 
A 1 12  GLN 12  36  36  GLN GLN A . n 
A 1 13  ARG 13  37  37  ARG ARG A . n 
A 1 14  ILE 14  38  38  ILE ILE A . n 
A 1 15  ASP 15  39  39  ASP ASP A . n 
A 1 16  LEU 16  40  40  LEU LEU A . n 
A 1 17  ASN 17  41  41  ASN ASN A . n 
A 1 18  GLN 18  42  42  GLN GLN A . n 
A 1 19  LEU 19  43  43  LEU LEU A . n 
A 1 20  LEU 20  44  44  LEU LEU A . n 
A 1 21  ILE 21  45  45  ILE ILE A . n 
A 1 22  GLN 22  46  46  GLN GLN A . n 
A 1 23  HIS 23  47  47  HIS HIS A . n 
A 1 24  PRO 24  48  48  PRO PRO A . n 
A 1 25  SER 25  49  49  SER SER A . n 
A 1 26  ALA 26  50  50  ALA ALA A . n 
A 1 27  THR 27  51  51  THR THR A . n 
A 1 28  TYR 28  52  52  TYR TYR A . n 
A 1 29  PHE 29  53  53  PHE PHE A . n 
A 1 30  VAL 30  54  54  VAL VAL A . n 
A 1 31  LYS 31  55  55  LYS LYS A . n 
A 1 32  ALA 32  56  56  ALA ALA A . n 
A 1 33  SER 33  57  57  SER SER A . n 
A 1 34  GLY 34  58  58  GLY GLY A . n 
A 1 35  ASP 35  59  59  ASP ASP A . n 
A 1 36  SER 36  60  60  SER SER A . n 
A 1 37  MSE 37  61  61  MSE MSE A . n 
A 1 38  ILE 38  62  62  ILE ILE A . n 
A 1 39  ASP 39  63  63  ASP ASP A . n 
A 1 40  GLY 40  64  64  GLY GLY A . n 
A 1 41  GLY 41  65  65  GLY GLY A . n 
A 1 42  ILE 42  66  66  ILE ILE A . n 
A 1 43  SER 43  67  67  SER SER A . n 
A 1 44  ASP 44  68  68  ASP ASP A . n 
A 1 45  GLY 45  69  69  GLY GLY A . n 
A 1 46  ASP 46  70  70  ASP ASP A . n 
A 1 47  LEU 47  71  71  LEU LEU A . n 
A 1 48  LEU 48  72  72  LEU LEU A . n 
A 1 49  ILE 49  73  73  ILE ILE A . n 
A 1 50  VAL 50  74  74  VAL VAL A . n 
A 1 51  ASP 51  75  75  ASP ASP A . n 
A 1 52  SER 52  76  76  SER SER A . n 
A 1 53  ALA 53  77  77  ALA ALA A . n 
A 1 54  ILE 54  78  78  ILE ILE A . n 
A 1 55  THR 55  79  79  THR THR A . n 
A 1 56  ALA 56  80  80  ALA ALA A . n 
A 1 57  SER 57  81  81  SER SER A . n 
A 1 58  HIS 58  82  82  HIS HIS A . n 
A 1 59  GLY 59  83  83  GLY GLY A . n 
A 1 60  ASP 60  84  84  ASP ASP A . n 
A 1 61  ILE 61  85  85  ILE ILE A . n 
A 1 62  VAL 62  86  86  VAL VAL A . n 
A 1 63  ILE 63  87  87  ILE ILE A . n 
A 1 64  ALA 64  88  88  ALA ALA A . n 
A 1 65  ALA 65  89  89  ALA ALA A . n 
A 1 66  VAL 66  90  90  VAL VAL A . n 
A 1 67  ASP 67  91  91  ASP ASP A . n 
A 1 68  GLY 68  92  92  GLY GLY A . n 
A 1 69  GLU 69  93  93  GLU GLU A . n 
A 1 70  PHE 70  94  94  PHE PHE A . n 
A 1 71  THR 71  95  95  THR THR A . n 
A 1 72  VAL 72  96  96  VAL VAL A . n 
A 1 73  LYS 73  97  97  LYS LYS A . n 
A 1 74  LYS 74  98  98  LYS LYS A . n 
A 1 75  LEU 75  99  99  LEU LEU A . n 
A 1 76  GLN 76  100 100 GLN GLN A . n 
A 1 77  LEU 77  101 101 LEU LEU A . n 
A 1 78  ARG 78  102 102 ARG ARG A . n 
A 1 79  PRO 79  103 103 PRO PRO A . n 
A 1 80  THR 80  104 104 THR THR A . n 
A 1 81  VAL 81  105 105 VAL VAL A . n 
A 1 82  GLN 82  106 106 GLN GLN A . n 
A 1 83  LEU 83  107 107 LEU LEU A . n 
A 1 84  ILE 84  108 108 ILE ILE A . n 
A 1 85  PRO 85  109 109 PRO PRO A . n 
A 1 86  MSE 86  110 110 MSE MSE A . n 
A 1 87  ASN 87  111 111 ASN ASN A . n 
A 1 88  SER 88  112 112 SER SER A . n 
A 1 89  ALA 89  113 113 ALA ALA A . n 
A 1 90  TYR 90  114 114 TYR TYR A . n 
A 1 91  SER 91  115 115 SER SER A . n 
A 1 92  PRO 92  116 116 PRO PRO A . n 
A 1 93  ILE 93  117 117 ILE ILE A . n 
A 1 94  THR 94  118 118 THR THR A . n 
A 1 95  ILE 95  119 119 ILE ILE A . n 
A 1 96  SER 96  120 120 SER SER A . n 
A 1 97  SER 97  121 121 SER SER A . n 
A 1 98  GLU 98  122 122 GLU GLU A . n 
A 1 99  ASP 99  123 123 ASP ASP A . n 
A 1 100 THR 100 124 124 THR THR A . n 
A 1 101 LEU 101 125 125 LEU LEU A . n 
A 1 102 ASP 102 126 126 ASP ASP A . n 
A 1 103 VAL 103 127 127 VAL VAL A . n 
A 1 104 PHE 104 128 128 PHE PHE A . n 
A 1 105 GLY 105 129 129 GLY GLY A . n 
A 1 106 VAL 106 130 130 VAL VAL A . n 
A 1 107 VAL 107 131 131 VAL VAL A . n 
A 1 108 ILE 108 132 132 ILE ILE A . n 
A 1 109 HIS 109 133 133 HIS HIS A . n 
A 1 110 VAL 110 134 134 VAL VAL A . n 
A 1 111 VAL 111 135 135 VAL VAL A . n 
A 1 112 LYS 112 136 136 LYS LYS A . n 
A 1 113 ALA 113 137 ?   ?   ?   A . n 
A 1 114 ALA 114 138 ?   ?   ?   A . n 
A 1 115 THR 115 139 ?   ?   ?   A . n 
A 1 116 ARG 116 140 ?   ?   ?   A . n 
B 1 1   GLY 1   25  ?   ?   ?   B . n 
B 1 2   PHE 2   26  ?   ?   ?   B . n 
B 1 3   PRO 3   27  ?   ?   ?   B . n 
B 1 4   SER 4   28  ?   ?   ?   B . n 
B 1 5   PRO 5   29  ?   ?   ?   B . n 
B 1 6   ALA 6   30  ?   ?   ?   B . n 
B 1 7   ALA 7   31  ?   ?   ?   B . n 
B 1 8   ASP 8   32  32  ASP ASP B . n 
B 1 9   TYR 9   33  33  TYR TYR B . n 
B 1 10  VAL 10  34  34  VAL VAL B . n 
B 1 11  GLU 11  35  35  GLU GLU B . n 
B 1 12  GLN 12  36  36  GLN GLN B . n 
B 1 13  ARG 13  37  37  ARG ARG B . n 
B 1 14  ILE 14  38  38  ILE ILE B . n 
B 1 15  ASP 15  39  39  ASP ASP B . n 
B 1 16  LEU 16  40  40  LEU LEU B . n 
B 1 17  ASN 17  41  41  ASN ASN B . n 
B 1 18  GLN 18  42  42  GLN GLN B . n 
B 1 19  LEU 19  43  43  LEU LEU B . n 
B 1 20  LEU 20  44  44  LEU LEU B . n 
B 1 21  ILE 21  45  45  ILE ILE B . n 
B 1 22  GLN 22  46  46  GLN GLN B . n 
B 1 23  HIS 23  47  47  HIS HIS B . n 
B 1 24  PRO 24  48  48  PRO PRO B . n 
B 1 25  SER 25  49  49  SER SER B . n 
B 1 26  ALA 26  50  50  ALA ALA B . n 
B 1 27  THR 27  51  51  THR THR B . n 
B 1 28  TYR 28  52  52  TYR TYR B . n 
B 1 29  PHE 29  53  53  PHE PHE B . n 
B 1 30  VAL 30  54  54  VAL VAL B . n 
B 1 31  LYS 31  55  55  LYS LYS B . n 
B 1 32  ALA 32  56  56  ALA ALA B . n 
B 1 33  SER 33  57  57  SER SER B . n 
B 1 34  GLY 34  58  58  GLY GLY B . n 
B 1 35  ASP 35  59  59  ASP ASP B . n 
B 1 36  SER 36  60  60  SER SER B . n 
B 1 37  MSE 37  61  61  MSE MSE B . n 
B 1 38  ILE 38  62  62  ILE ILE B . n 
B 1 39  ASP 39  63  63  ASP ASP B . n 
B 1 40  GLY 40  64  64  GLY GLY B . n 
B 1 41  GLY 41  65  65  GLY GLY B . n 
B 1 42  ILE 42  66  66  ILE ILE B . n 
B 1 43  SER 43  67  67  SER SER B . n 
B 1 44  ASP 44  68  68  ASP ASP B . n 
B 1 45  GLY 45  69  69  GLY GLY B . n 
B 1 46  ASP 46  70  70  ASP ASP B . n 
B 1 47  LEU 47  71  71  LEU LEU B . n 
B 1 48  LEU 48  72  72  LEU LEU B . n 
B 1 49  ILE 49  73  73  ILE ILE B . n 
B 1 50  VAL 50  74  74  VAL VAL B . n 
B 1 51  ASP 51  75  75  ASP ASP B . n 
B 1 52  SER 52  76  76  SER SER B . n 
B 1 53  ALA 53  77  77  ALA ALA B . n 
B 1 54  ILE 54  78  78  ILE ILE B . n 
B 1 55  THR 55  79  79  THR THR B . n 
B 1 56  ALA 56  80  80  ALA ALA B . n 
B 1 57  SER 57  81  81  SER SER B . n 
B 1 58  HIS 58  82  82  HIS HIS B . n 
B 1 59  GLY 59  83  83  GLY GLY B . n 
B 1 60  ASP 60  84  84  ASP ASP B . n 
B 1 61  ILE 61  85  85  ILE ILE B . n 
B 1 62  VAL 62  86  86  VAL VAL B . n 
B 1 63  ILE 63  87  87  ILE ILE B . n 
B 1 64  ALA 64  88  88  ALA ALA B . n 
B 1 65  ALA 65  89  89  ALA ALA B . n 
B 1 66  VAL 66  90  90  VAL VAL B . n 
B 1 67  ASP 67  91  91  ASP ASP B . n 
B 1 68  GLY 68  92  92  GLY GLY B . n 
B 1 69  GLU 69  93  93  GLU GLU B . n 
B 1 70  PHE 70  94  94  PHE PHE B . n 
B 1 71  THR 71  95  95  THR THR B . n 
B 1 72  VAL 72  96  96  VAL VAL B . n 
B 1 73  LYS 73  97  97  LYS LYS B . n 
B 1 74  LYS 74  98  98  LYS LYS B . n 
B 1 75  LEU 75  99  99  LEU LEU B . n 
B 1 76  GLN 76  100 100 GLN GLN B . n 
B 1 77  LEU 77  101 101 LEU LEU B . n 
B 1 78  ARG 78  102 102 ARG ARG B . n 
B 1 79  PRO 79  103 103 PRO PRO B . n 
B 1 80  THR 80  104 104 THR THR B . n 
B 1 81  VAL 81  105 105 VAL VAL B . n 
B 1 82  GLN 82  106 106 GLN GLN B . n 
B 1 83  LEU 83  107 107 LEU LEU B . n 
B 1 84  ILE 84  108 108 ILE ILE B . n 
B 1 85  PRO 85  109 109 PRO PRO B . n 
B 1 86  MSE 86  110 110 MSE MSE B . n 
B 1 87  ASN 87  111 111 ASN ASN B . n 
B 1 88  SER 88  112 112 SER SER B . n 
B 1 89  ALA 89  113 113 ALA ALA B . n 
B 1 90  TYR 90  114 114 TYR TYR B . n 
B 1 91  SER 91  115 115 SER SER B . n 
B 1 92  PRO 92  116 116 PRO PRO B . n 
B 1 93  ILE 93  117 117 ILE ILE B . n 
B 1 94  THR 94  118 118 THR THR B . n 
B 1 95  ILE 95  119 119 ILE ILE B . n 
B 1 96  SER 96  120 120 SER SER B . n 
B 1 97  SER 97  121 121 SER SER B . n 
B 1 98  GLU 98  122 122 GLU GLU B . n 
B 1 99  ASP 99  123 123 ASP ASP B . n 
B 1 100 THR 100 124 124 THR THR B . n 
B 1 101 LEU 101 125 125 LEU LEU B . n 
B 1 102 ASP 102 126 126 ASP ASP B . n 
B 1 103 VAL 103 127 127 VAL VAL B . n 
B 1 104 PHE 104 128 128 PHE PHE B . n 
B 1 105 GLY 105 129 129 GLY GLY B . n 
B 1 106 VAL 106 130 130 VAL VAL B . n 
B 1 107 VAL 107 131 131 VAL VAL B . n 
B 1 108 ILE 108 132 132 ILE ILE B . n 
B 1 109 HIS 109 133 133 HIS HIS B . n 
B 1 110 VAL 110 134 134 VAL VAL B . n 
B 1 111 VAL 111 135 135 VAL VAL B . n 
B 1 112 LYS 112 136 136 LYS LYS B . n 
B 1 113 ALA 113 137 137 ALA ALA B . n 
B 1 114 ALA 114 138 ?   ?   ?   B . n 
B 1 115 THR 115 139 ?   ?   ?   B . n 
B 1 116 ARG 116 140 ?   ?   ?   B . n 
# 
loop_
_pdbx_nonpoly_scheme.asym_id 
_pdbx_nonpoly_scheme.entity_id 
_pdbx_nonpoly_scheme.mon_id 
_pdbx_nonpoly_scheme.ndb_seq_num 
_pdbx_nonpoly_scheme.pdb_seq_num 
_pdbx_nonpoly_scheme.auth_seq_num 
_pdbx_nonpoly_scheme.pdb_mon_id 
_pdbx_nonpoly_scheme.auth_mon_id 
_pdbx_nonpoly_scheme.pdb_strand_id 
_pdbx_nonpoly_scheme.pdb_ins_code 
C 2 HOH 1  141 5  HOH HOH A . 
C 2 HOH 2  142 6  HOH HOH A . 
C 2 HOH 3  143 8  HOH HOH A . 
C 2 HOH 4  144 9  HOH HOH A . 
C 2 HOH 5  145 10 HOH HOH A . 
C 2 HOH 6  146 11 HOH HOH A . 
C 2 HOH 7  147 12 HOH HOH A . 
C 2 HOH 8  148 13 HOH HOH A . 
C 2 HOH 9  149 14 HOH HOH A . 
C 2 HOH 10 150 15 HOH HOH A . 
C 2 HOH 11 151 17 HOH HOH A . 
C 2 HOH 12 152 19 HOH HOH A . 
C 2 HOH 13 153 20 HOH HOH A . 
C 2 HOH 14 154 23 HOH HOH A . 
C 2 HOH 15 155 25 HOH HOH A . 
C 2 HOH 16 156 26 HOH HOH A . 
C 2 HOH 17 157 27 HOH HOH A . 
C 2 HOH 18 158 28 HOH HOH A . 
C 2 HOH 19 159 29 HOH HOH A . 
C 2 HOH 20 160 39 HOH HOH A . 
C 2 HOH 21 161 40 HOH HOH A . 
C 2 HOH 22 162 42 HOH HOH A . 
C 2 HOH 23 163 45 HOH HOH A . 
C 2 HOH 24 164 49 HOH HOH A . 
C 2 HOH 25 165 52 HOH HOH A . 
C 2 HOH 26 166 53 HOH HOH A . 
C 2 HOH 27 167 54 HOH HOH A . 
C 2 HOH 28 168 55 HOH HOH A . 
C 2 HOH 29 169 56 HOH HOH A . 
C 2 HOH 30 170 57 HOH HOH A . 
C 2 HOH 31 171 58 HOH HOH A . 
C 2 HOH 32 172 59 HOH HOH A . 
C 2 HOH 33 173 60 HOH HOH A . 
C 2 HOH 34 174 61 HOH HOH A . 
C 2 HOH 35 175 67 HOH HOH A . 
C 2 HOH 36 176 68 HOH HOH A . 
C 2 HOH 37 177 69 HOH HOH A . 
C 2 HOH 38 178 70 HOH HOH A . 
C 2 HOH 39 179 74 HOH HOH A . 
D 2 HOH 1  141 1  HOH HOH B . 
D 2 HOH 2  142 2  HOH HOH B . 
D 2 HOH 3  143 3  HOH HOH B . 
D 2 HOH 4  144 4  HOH HOH B . 
D 2 HOH 5  145 7  HOH HOH B . 
D 2 HOH 6  146 16 HOH HOH B . 
D 2 HOH 7  147 18 HOH HOH B . 
D 2 HOH 8  148 21 HOH HOH B . 
D 2 HOH 9  149 22 HOH HOH B . 
D 2 HOH 10 150 24 HOH HOH B . 
D 2 HOH 11 151 30 HOH HOH B . 
D 2 HOH 12 152 31 HOH HOH B . 
D 2 HOH 13 153 32 HOH HOH B . 
D 2 HOH 14 154 33 HOH HOH B . 
D 2 HOH 15 155 34 HOH HOH B . 
D 2 HOH 16 156 35 HOH HOH B . 
D 2 HOH 17 157 36 HOH HOH B . 
D 2 HOH 18 158 37 HOH HOH B . 
D 2 HOH 19 159 38 HOH HOH B . 
D 2 HOH 20 160 41 HOH HOH B . 
D 2 HOH 21 161 43 HOH HOH B . 
D 2 HOH 22 162 44 HOH HOH B . 
D 2 HOH 23 163 46 HOH HOH B . 
D 2 HOH 24 164 47 HOH HOH B . 
D 2 HOH 25 165 48 HOH HOH B . 
D 2 HOH 26 166 50 HOH HOH B . 
D 2 HOH 27 167 51 HOH HOH B . 
D 2 HOH 28 168 62 HOH HOH B . 
D 2 HOH 29 169 63 HOH HOH B . 
D 2 HOH 30 170 64 HOH HOH B . 
D 2 HOH 31 171 65 HOH HOH B . 
D 2 HOH 32 172 66 HOH HOH B . 
D 2 HOH 33 173 71 HOH HOH B . 
D 2 HOH 34 174 72 HOH HOH B . 
D 2 HOH 35 175 73 HOH HOH B . 
D 2 HOH 36 176 75 HOH HOH B . 
D 2 HOH 37 177 76 HOH HOH B . 
D 2 HOH 38 178 77 HOH HOH B . 
# 
loop_
_pdbx_unobs_or_zero_occ_atoms.id 
_pdbx_unobs_or_zero_occ_atoms.PDB_model_num 
_pdbx_unobs_or_zero_occ_atoms.polymer_flag 
_pdbx_unobs_or_zero_occ_atoms.occupancy_flag 
_pdbx_unobs_or_zero_occ_atoms.auth_asym_id 
_pdbx_unobs_or_zero_occ_atoms.auth_comp_id 
_pdbx_unobs_or_zero_occ_atoms.auth_seq_id 
_pdbx_unobs_or_zero_occ_atoms.PDB_ins_code 
_pdbx_unobs_or_zero_occ_atoms.auth_atom_id 
_pdbx_unobs_or_zero_occ_atoms.label_alt_id 
_pdbx_unobs_or_zero_occ_atoms.label_asym_id 
_pdbx_unobs_or_zero_occ_atoms.label_comp_id 
_pdbx_unobs_or_zero_occ_atoms.label_seq_id 
_pdbx_unobs_or_zero_occ_atoms.label_atom_id 
1  1 Y 1 A ASP 32 ? CG  ? A ASP 8  CG  
2  1 Y 1 A ASP 32 ? OD1 ? A ASP 8  OD1 
3  1 Y 1 A ASP 32 ? OD2 ? A ASP 8  OD2 
4  1 Y 1 A GLU 35 ? CG  ? A GLU 11 CG  
5  1 Y 1 A GLU 35 ? CD  ? A GLU 11 CD  
6  1 Y 1 A GLU 35 ? OE1 ? A GLU 11 OE1 
7  1 Y 1 A GLU 35 ? OE2 ? A GLU 11 OE2 
8  1 Y 1 A GLN 36 ? CD  ? A GLN 12 CD  
9  1 Y 1 A GLN 36 ? OE1 ? A GLN 12 OE1 
10 1 Y 1 A GLN 36 ? NE2 ? A GLN 12 NE2 
11 1 Y 1 A ARG 37 ? CG  ? A ARG 13 CG  
12 1 Y 1 A ARG 37 ? CD  ? A ARG 13 CD  
13 1 Y 1 A ARG 37 ? NE  ? A ARG 13 NE  
14 1 Y 1 A ARG 37 ? CZ  ? A ARG 13 CZ  
15 1 Y 1 A ARG 37 ? NH1 ? A ARG 13 NH1 
16 1 Y 1 A ARG 37 ? NH2 ? A ARG 13 NH2 
17 1 Y 1 A GLN 42 ? CG  ? A GLN 18 CG  
18 1 Y 1 A GLN 42 ? CD  ? A GLN 18 CD  
19 1 Y 1 A GLN 42 ? OE1 ? A GLN 18 OE1 
20 1 Y 1 A GLN 42 ? NE2 ? A GLN 18 NE2 
21 1 Y 1 B ASP 32 ? CG  ? B ASP 8  CG  
22 1 Y 1 B ASP 32 ? OD1 ? B ASP 8  OD1 
23 1 Y 1 B ASP 32 ? OD2 ? B ASP 8  OD2 
24 1 Y 1 B GLU 35 ? CD  ? B GLU 11 CD  
25 1 Y 1 B GLU 35 ? OE1 ? B GLU 11 OE1 
26 1 Y 1 B GLU 35 ? OE2 ? B GLU 11 OE2 
27 1 Y 1 B GLN 36 ? CG  ? B GLN 12 CG  
28 1 Y 1 B GLN 36 ? CD  ? B GLN 12 CD  
29 1 Y 1 B GLN 36 ? OE1 ? B GLN 12 OE1 
30 1 Y 1 B GLN 36 ? NE2 ? B GLN 12 NE2 
31 1 Y 1 B GLN 42 ? CG  ? B GLN 18 CG  
32 1 Y 1 B GLN 42 ? CD  ? B GLN 18 CD  
33 1 Y 1 B GLN 42 ? OE1 ? B GLN 18 OE1 
34 1 Y 1 B GLN 42 ? NE2 ? B GLN 18 NE2 
# 
loop_
_software.name 
_software.classification 
_software.version 
_software.citation_id 
_software.pdbx_ordinal 
MADSYS phasing          .                  ? 1 
X-PLOR 'model building' .                  ? 2 
X-PLOR refinement       .                  ? 3 
DENZO  'data reduction' .                  ? 4 
CCP4   'data scaling'   'MODIFIED LOCALLY' ? 5 
X-PLOR phasing          .                  ? 6 
# 
_cell.entry_id           1UMU 
_cell.length_a           52.800 
_cell.length_b           52.800 
_cell.length_c           160.100 
_cell.angle_alpha        90.00 
_cell.angle_beta         90.00 
_cell.angle_gamma        90.00 
_cell.Z_PDB              16 
_cell.pdbx_unique_axis   ? 
# 
_symmetry.entry_id                         1UMU 
_symmetry.space_group_name_H-M             'P 41 21 2' 
_symmetry.pdbx_full_space_group_name_H-M   ? 
_symmetry.cell_setting                     ? 
_symmetry.Int_Tables_number                92 
# 
_exptl.entry_id          1UMU 
_exptl.method            'X-RAY DIFFRACTION' 
_exptl.crystals_number   1 
# 
_exptl_crystal.id                    1 
_exptl_crystal.density_meas          ? 
_exptl_crystal.density_Matthews      2.24 
_exptl_crystal.density_percent_sol   47. 
_exptl_crystal.description           'THE COMPLETENESS GIVEN ABOVE IS CALCULATED NOT SEPARATING THE BIJVOETS.' 
# 
_exptl_crystal_grow.crystal_id      1 
_exptl_crystal_grow.method          ? 
_exptl_crystal_grow.temp            ? 
_exptl_crystal_grow.temp_details    ? 
_exptl_crystal_grow.pH              5.8 
_exptl_crystal_grow.pdbx_pH_range   ? 
_exptl_crystal_grow.pdbx_details    
;THE CRYSTALS WERE GROWN FROM 600MM LISO4, 20MM MGCL2, 100MM CACODYLATE BUFFER PH 5.8, 5MM DTT AT 20C WITH A PROTEIN CONCENTRATION OF 12-15 MG/ML. THE CRYSTALS WERE FROZEN AT 100K IN PARATONE FOR DATA COLLECTION AT THE NSLS X4A BEAMLINE.
;
# 
_diffrn.id                     1 
_diffrn.ambient_temp           100 
_diffrn.ambient_temp_details   ? 
_diffrn.crystal_id             1 
# 
_diffrn_detector.diffrn_id              1 
_diffrn_detector.detector               'IMAGE PLATE' 
_diffrn_detector.type                   FUJI 
_diffrn_detector.pdbx_collection_date   1994-08 
_diffrn_detector.details                ? 
# 
_diffrn_radiation.diffrn_id                        1 
_diffrn_radiation.wavelength_id                    1 
_diffrn_radiation.pdbx_monochromatic_or_laue_m_l   M 
_diffrn_radiation.monochromator                    ? 
_diffrn_radiation.pdbx_diffrn_protocol             ? 
_diffrn_radiation.pdbx_scattering_type             x-ray 
# 
loop_
_diffrn_radiation_wavelength.id 
_diffrn_radiation_wavelength.wavelength 
_diffrn_radiation_wavelength.wt 
1 0.9871 1.0 
2 0.9794 1.0 
3 0.9792 1.0 
4 0.9686 1.0 
5 0.9793 1.0 
6 0.9791 1.0 
# 
_diffrn_source.diffrn_id                   1 
_diffrn_source.source                      SYNCHROTRON 
_diffrn_source.type                        'NSLS BEAMLINE X4A' 
_diffrn_source.pdbx_synchrotron_site       NSLS 
_diffrn_source.pdbx_synchrotron_beamline   X4A 
_diffrn_source.pdbx_wavelength             ? 
_diffrn_source.pdbx_wavelength_list        '0.9871, 0.9794, 0.9792, 0.9686; 0.9793, 0.9791, 0.9686' 
# 
_reflns.entry_id                     1UMU 
_reflns.observed_criterion_sigma_I   2.0 
_reflns.observed_criterion_sigma_F   ? 
_reflns.d_resolution_low             20.0 
_reflns.d_resolution_high            3.0 
_reflns.number_obs                   7500 
_reflns.number_all                   ? 
_reflns.percent_possible_obs         98. 
_reflns.pdbx_Rmerge_I_obs            0.0670000 
_reflns.pdbx_Rsym_value              ? 
_reflns.pdbx_netI_over_sigmaI        2. 
_reflns.B_iso_Wilson_estimate        ? 
_reflns.pdbx_redundancy              4.9 
_reflns.pdbx_diffrn_id               1 
_reflns.pdbx_ordinal                 1 
# 
_reflns_shell.d_res_high             3.0 
_reflns_shell.d_res_low              3.1 
_reflns_shell.percent_possible_all   ? 
_reflns_shell.Rmerge_I_obs           ? 
_reflns_shell.pdbx_Rsym_value        ? 
_reflns_shell.meanI_over_sigI_obs    ? 
_reflns_shell.pdbx_redundancy        ? 
_reflns_shell.pdbx_diffrn_id         ? 
_reflns_shell.pdbx_ordinal           1 
# 
_refine.entry_id                                 1UMU 
_refine.ls_number_reflns_obs                     7016 
_refine.ls_number_reflns_all                     ? 
_refine.pdbx_ls_sigma_I                          ? 
_refine.pdbx_ls_sigma_F                          3.0 
_refine.pdbx_data_cutoff_high_absF               ? 
_refine.pdbx_data_cutoff_low_absF                ? 
_refine.pdbx_data_cutoff_high_rms_absF           ? 
_refine.ls_d_res_low                             6. 
_refine.ls_d_res_high                            2.5 
_refine.ls_percent_reflns_obs                    98.9 
_refine.ls_R_factor_obs                          0.2070000 
_refine.ls_R_factor_all                          ? 
_refine.ls_R_factor_R_work                       0.2070000 
_refine.ls_R_factor_R_free                       0.3030000 
_refine.ls_R_factor_R_free_error                 ? 
_refine.ls_R_factor_R_free_error_details         ? 
_refine.ls_percent_reflns_R_free                 6. 
_refine.ls_number_reflns_R_free                  ? 
_refine.ls_number_parameters                     ? 
_refine.ls_number_restraints                     ? 
_refine.occupancy_min                            ? 
_refine.occupancy_max                            ? 
_refine.B_iso_mean                               24.2 
_refine.aniso_B[1][1]                            ? 
_refine.aniso_B[2][2]                            ? 
_refine.aniso_B[3][3]                            ? 
_refine.aniso_B[1][2]                            ? 
_refine.aniso_B[1][3]                            ? 
_refine.aniso_B[2][3]                            ? 
_refine.solvent_model_details                    ? 
_refine.solvent_model_param_ksol                 ? 
_refine.solvent_model_param_bsol                 ? 
_refine.pdbx_ls_cross_valid_method               THROUGHOUT 
_refine.details                                  ? 
_refine.pdbx_starting_model                      ? 
_refine.pdbx_method_to_determine_struct          'MAD METHOD' 
_refine.pdbx_isotropic_thermal_model             ? 
_refine.pdbx_stereochemistry_target_values       ? 
_refine.pdbx_stereochem_target_val_spec_case     ? 
_refine.pdbx_R_Free_selection_details            ? 
_refine.pdbx_overall_ESU_R                       ? 
_refine.pdbx_overall_ESU_R_Free                  ? 
_refine.overall_SU_ML                            ? 
_refine.overall_SU_B                             ? 
_refine.pdbx_refine_id                           'X-RAY DIFFRACTION' 
_refine.pdbx_diffrn_id                           1 
_refine.pdbx_TLS_residual_ADP_flag               ? 
_refine.correlation_coeff_Fo_to_Fc               ? 
_refine.correlation_coeff_Fo_to_Fc_free          ? 
_refine.pdbx_solvent_vdw_probe_radii             ? 
_refine.pdbx_solvent_ion_probe_radii             ? 
_refine.pdbx_solvent_shrinkage_radii             ? 
_refine.pdbx_overall_phase_error                 ? 
_refine.overall_SU_R_Cruickshank_DPI             ? 
_refine.pdbx_overall_SU_R_free_Cruickshank_DPI   ? 
_refine.pdbx_overall_SU_R_Blow_DPI               ? 
_refine.pdbx_overall_SU_R_free_Blow_DPI          ? 
# 
_refine_hist.pdbx_refine_id                   'X-RAY DIFFRACTION' 
_refine_hist.cycle_id                         LAST 
_refine_hist.pdbx_number_atoms_protein        2129 
_refine_hist.pdbx_number_atoms_nucleic_acid   0 
_refine_hist.pdbx_number_atoms_ligand         0 
_refine_hist.number_atoms_solvent             77 
_refine_hist.number_atoms_total               2206 
_refine_hist.d_res_high                       2.5 
_refine_hist.d_res_low                        6. 
# 
loop_
_refine_ls_restr.type 
_refine_ls_restr.dev_ideal 
_refine_ls_restr.dev_ideal_target 
_refine_ls_restr.weight 
_refine_ls_restr.number 
_refine_ls_restr.pdbx_refine_id 
_refine_ls_restr.pdbx_restraint_function 
x_bond_d                0.013 ? ? ? 'X-RAY DIFFRACTION' ? 
x_bond_d_na             ?     ? ? ? 'X-RAY DIFFRACTION' ? 
x_bond_d_prot           ?     ? ? ? 'X-RAY DIFFRACTION' ? 
x_angle_d               ?     ? ? ? 'X-RAY DIFFRACTION' ? 
x_angle_d_na            ?     ? ? ? 'X-RAY DIFFRACTION' ? 
x_angle_d_prot          ?     ? ? ? 'X-RAY DIFFRACTION' ? 
x_angle_deg             1.8   ? ? ? 'X-RAY DIFFRACTION' ? 
x_angle_deg_na          ?     ? ? ? 'X-RAY DIFFRACTION' ? 
x_angle_deg_prot        ?     ? ? ? 'X-RAY DIFFRACTION' ? 
x_dihedral_angle_d      ?     ? ? ? 'X-RAY DIFFRACTION' ? 
x_dihedral_angle_d_na   ?     ? ? ? 'X-RAY DIFFRACTION' ? 
x_dihedral_angle_d_prot ?     ? ? ? 'X-RAY DIFFRACTION' ? 
x_improper_angle_d      ?     ? ? ? 'X-RAY DIFFRACTION' ? 
x_improper_angle_d_na   ?     ? ? ? 'X-RAY DIFFRACTION' ? 
x_improper_angle_d_prot ?     ? ? ? 'X-RAY DIFFRACTION' ? 
x_mcbond_it             ?     ? ? ? 'X-RAY DIFFRACTION' ? 
x_mcangle_it            ?     ? ? ? 'X-RAY DIFFRACTION' ? 
x_scbond_it             ?     ? ? ? 'X-RAY DIFFRACTION' ? 
x_scangle_it            ?     ? ? ? 'X-RAY DIFFRACTION' ? 
# 
_struct.entry_id                  1UMU 
_struct.title                     
;STRUCTURE DETERMINATION OF UMUD' BY MAD PHASING OF THE SELENOMETHIONYL PROTEIN
;
_struct.pdbx_model_details        ? 
_struct.pdbx_CASP_flag            ? 
_struct.pdbx_model_type_details   ? 
# 
_struct_keywords.entry_id        1UMU 
_struct_keywords.pdbx_keywords   'SOS MUTAGENESIS' 
_struct_keywords.text            
'INDUCED MUTAGENESIS, SOS MUTAGENESIS, DNA REPAIR, BETA-LACTAMASE CLEAVAGE REACTION, LEXA REPRESSOR, LAMBDA CI' 
# 
loop_
_struct_asym.id 
_struct_asym.pdbx_blank_PDB_chainid_flag 
_struct_asym.pdbx_modified 
_struct_asym.entity_id 
_struct_asym.details 
A N N 1 ? 
B N N 1 ? 
C N N 2 ? 
D N N 2 ? 
# 
_struct_ref.id                         1 
_struct_ref.db_name                    UNP 
_struct_ref.db_code                    UMUD_ECOLI 
_struct_ref.entity_id                  1 
_struct_ref.pdbx_db_accession          P04153 
_struct_ref.pdbx_align_begin           1 
_struct_ref.pdbx_seq_one_letter_code   
;MLFIKPADLREIVTFPLFSDLVQCGFPSPAADYVEQRIDLNQLLIQHPSATYFVKASGDSMIDGGISDGDLLIVDSAITA
SHGDIVIAAVDGEFTVKKLQLRPTVQLIPMNSAYSPITISSEDTLDVFGVVIHVVKAMR
;
_struct_ref.pdbx_db_isoform            ? 
# 
loop_
_struct_ref_seq.align_id 
_struct_ref_seq.ref_id 
_struct_ref_seq.pdbx_PDB_id_code 
_struct_ref_seq.pdbx_strand_id 
_struct_ref_seq.seq_align_beg 
_struct_ref_seq.pdbx_seq_align_beg_ins_code 
_struct_ref_seq.seq_align_end 
_struct_ref_seq.pdbx_seq_align_end_ins_code 
_struct_ref_seq.pdbx_db_accession 
_struct_ref_seq.db_align_beg 
_struct_ref_seq.pdbx_db_align_beg_ins_code 
_struct_ref_seq.db_align_end 
_struct_ref_seq.pdbx_db_align_end_ins_code 
_struct_ref_seq.pdbx_auth_seq_align_beg 
_struct_ref_seq.pdbx_auth_seq_align_end 
1 1 1UMU A 1 ? 116 ? P04153 25 ? 139 ? 25 140 
2 1 1UMU B 1 ? 116 ? P04153 25 ? 139 ? 25 140 
# 
loop_
_struct_ref_seq_dif.align_id 
_struct_ref_seq_dif.pdbx_pdb_id_code 
_struct_ref_seq_dif.mon_id 
_struct_ref_seq_dif.pdbx_pdb_strand_id 
_struct_ref_seq_dif.seq_num 
_struct_ref_seq_dif.pdbx_pdb_ins_code 
_struct_ref_seq_dif.pdbx_seq_db_name 
_struct_ref_seq_dif.pdbx_seq_db_accession_code 
_struct_ref_seq_dif.db_mon_id 
_struct_ref_seq_dif.pdbx_seq_db_seq_num 
_struct_ref_seq_dif.details 
_struct_ref_seq_dif.pdbx_auth_seq_num 
_struct_ref_seq_dif.pdbx_ordinal 
1 1UMU MSE A 37  ? UNP P04153 MET 61  conflict  61  1 
1 1UMU MSE A 86  ? UNP P04153 MET 110 conflict  110 2 
1 1UMU ALA A 113 ? UNP P04153 ?   ?   insertion 137 3 
1 1UMU THR A 115 ? UNP P04153 MET 138 conflict  139 4 
2 1UMU MSE B 37  ? UNP P04153 MET 61  conflict  61  5 
2 1UMU MSE B 86  ? UNP P04153 MET 110 conflict  110 6 
2 1UMU ALA B 113 ? UNP P04153 ?   ?   insertion 137 7 
2 1UMU THR B 115 ? UNP P04153 MET 138 conflict  139 8 
# 
_pdbx_struct_assembly.id                   1 
_pdbx_struct_assembly.details              author_defined_assembly 
_pdbx_struct_assembly.method_details       ? 
_pdbx_struct_assembly.oligomeric_details   dimeric 
_pdbx_struct_assembly.oligomeric_count     2 
# 
_pdbx_struct_assembly_gen.assembly_id       1 
_pdbx_struct_assembly_gen.oper_expression   1 
_pdbx_struct_assembly_gen.asym_id_list      A,B,C,D 
# 
_pdbx_struct_oper_list.id                   1 
_pdbx_struct_oper_list.type                 'identity operation' 
_pdbx_struct_oper_list.name                 1_555 
_pdbx_struct_oper_list.symmetry_operation   x,y,z 
_pdbx_struct_oper_list.matrix[1][1]         1.0000000000 
_pdbx_struct_oper_list.matrix[1][2]         0.0000000000 
_pdbx_struct_oper_list.matrix[1][3]         0.0000000000 
_pdbx_struct_oper_list.vector[1]            0.0000000000 
_pdbx_struct_oper_list.matrix[2][1]         0.0000000000 
_pdbx_struct_oper_list.matrix[2][2]         1.0000000000 
_pdbx_struct_oper_list.matrix[2][3]         0.0000000000 
_pdbx_struct_oper_list.vector[2]            0.0000000000 
_pdbx_struct_oper_list.matrix[3][1]         0.0000000000 
_pdbx_struct_oper_list.matrix[3][2]         0.0000000000 
_pdbx_struct_oper_list.matrix[3][3]         1.0000000000 
_pdbx_struct_oper_list.vector[3]            0.0000000000 
# 
_struct_biol.id   1 
# 
loop_
_struct_conf.conf_type_id 
_struct_conf.id 
_struct_conf.pdbx_PDB_helix_id 
_struct_conf.beg_label_comp_id 
_struct_conf.beg_label_asym_id 
_struct_conf.beg_label_seq_id 
_struct_conf.pdbx_beg_PDB_ins_code 
_struct_conf.end_label_comp_id 
_struct_conf.end_label_asym_id 
_struct_conf.end_label_seq_id 
_struct_conf.pdbx_end_PDB_ins_code 
_struct_conf.beg_auth_comp_id 
_struct_conf.beg_auth_asym_id 
_struct_conf.beg_auth_seq_id 
_struct_conf.end_auth_comp_id 
_struct_conf.end_auth_asym_id 
_struct_conf.end_auth_seq_id 
_struct_conf.pdbx_PDB_helix_class 
_struct_conf.details 
_struct_conf.pdbx_PDB_helix_length 
HELX_P HELX_P1 1 LEU A 16 ? LEU A 20 ? LEU A 40 LEU A 44 1 ? 5 
HELX_P HELX_P2 3 ILE A 38 ? GLY A 40 ? ILE A 62 GLY A 64 5 ? 3 
HELX_P HELX_P3 4 LEU B 16 ? LEU B 20 ? LEU B 40 LEU B 44 1 ? 5 
HELX_P HELX_P4 5 PRO B 24 ? ALA B 26 ? PRO B 48 ALA B 50 5 ? 3 
HELX_P HELX_P5 6 ILE B 38 ? GLY B 40 ? ILE B 62 GLY B 64 5 ? 3 
# 
_struct_conf_type.id          HELX_P 
_struct_conf_type.criteria    ? 
_struct_conf_type.reference   ? 
# 
loop_
_struct_conn.id 
_struct_conn.conn_type_id 
_struct_conn.pdbx_leaving_atom_flag 
_struct_conn.pdbx_PDB_id 
_struct_conn.ptnr1_label_asym_id 
_struct_conn.ptnr1_label_comp_id 
_struct_conn.ptnr1_label_seq_id 
_struct_conn.ptnr1_label_atom_id 
_struct_conn.pdbx_ptnr1_label_alt_id 
_struct_conn.pdbx_ptnr1_PDB_ins_code 
_struct_conn.pdbx_ptnr1_standard_comp_id 
_struct_conn.ptnr1_symmetry 
_struct_conn.ptnr2_label_asym_id 
_struct_conn.ptnr2_label_comp_id 
_struct_conn.ptnr2_label_seq_id 
_struct_conn.ptnr2_label_atom_id 
_struct_conn.pdbx_ptnr2_label_alt_id 
_struct_conn.pdbx_ptnr2_PDB_ins_code 
_struct_conn.ptnr1_auth_asym_id 
_struct_conn.ptnr1_auth_comp_id 
_struct_conn.ptnr1_auth_seq_id 
_struct_conn.ptnr2_auth_asym_id 
_struct_conn.ptnr2_auth_comp_id 
_struct_conn.ptnr2_auth_seq_id 
_struct_conn.ptnr2_symmetry 
_struct_conn.pdbx_ptnr3_label_atom_id 
_struct_conn.pdbx_ptnr3_label_seq_id 
_struct_conn.pdbx_ptnr3_label_comp_id 
_struct_conn.pdbx_ptnr3_label_asym_id 
_struct_conn.pdbx_ptnr3_label_alt_id 
_struct_conn.pdbx_ptnr3_PDB_ins_code 
_struct_conn.details 
_struct_conn.pdbx_dist_value 
_struct_conn.pdbx_value_order 
_struct_conn.pdbx_role 
covale1 covale both ? A SER 36 C ? ? ? 1_555 A MSE 37 N ? ? A SER 60  A MSE 61  1_555 ? ? ? ? ? ? ? 1.325 ? ? 
covale2 covale both ? A MSE 37 C ? ? ? 1_555 A ILE 38 N ? ? A MSE 61  A ILE 62  1_555 ? ? ? ? ? ? ? 1.340 ? ? 
covale3 covale both ? A PRO 85 C ? ? ? 1_555 A MSE 86 N ? ? A PRO 109 A MSE 110 1_555 ? ? ? ? ? ? ? 1.329 ? ? 
covale4 covale both ? A MSE 86 C ? ? ? 1_555 A ASN 87 N ? ? A MSE 110 A ASN 111 1_555 ? ? ? ? ? ? ? 1.326 ? ? 
covale5 covale both ? B SER 36 C ? ? ? 1_555 B MSE 37 N ? ? B SER 60  B MSE 61  1_555 ? ? ? ? ? ? ? 1.326 ? ? 
covale6 covale both ? B MSE 37 C ? ? ? 1_555 B ILE 38 N ? ? B MSE 61  B ILE 62  1_555 ? ? ? ? ? ? ? 1.337 ? ? 
covale7 covale both ? B PRO 85 C ? ? ? 1_555 B MSE 86 N ? ? B PRO 109 B MSE 110 1_555 ? ? ? ? ? ? ? 1.333 ? ? 
covale8 covale both ? B MSE 86 C ? ? ? 1_555 B ASN 87 N ? ? B MSE 110 B ASN 111 1_555 ? ? ? ? ? ? ? 1.331 ? ? 
# 
_struct_conn_type.id          covale 
_struct_conn_type.criteria    ? 
_struct_conn_type.reference   ? 
# 
loop_
_pdbx_modification_feature.ordinal 
_pdbx_modification_feature.label_comp_id 
_pdbx_modification_feature.label_asym_id 
_pdbx_modification_feature.label_seq_id 
_pdbx_modification_feature.label_alt_id 
_pdbx_modification_feature.modified_residue_label_comp_id 
_pdbx_modification_feature.modified_residue_label_asym_id 
_pdbx_modification_feature.modified_residue_label_seq_id 
_pdbx_modification_feature.modified_residue_label_alt_id 
_pdbx_modification_feature.auth_comp_id 
_pdbx_modification_feature.auth_asym_id 
_pdbx_modification_feature.auth_seq_id 
_pdbx_modification_feature.PDB_ins_code 
_pdbx_modification_feature.symmetry 
_pdbx_modification_feature.modified_residue_auth_comp_id 
_pdbx_modification_feature.modified_residue_auth_asym_id 
_pdbx_modification_feature.modified_residue_auth_seq_id 
_pdbx_modification_feature.modified_residue_PDB_ins_code 
_pdbx_modification_feature.modified_residue_symmetry 
_pdbx_modification_feature.comp_id_linking_atom 
_pdbx_modification_feature.modified_residue_id_linking_atom 
_pdbx_modification_feature.modified_residue_id 
_pdbx_modification_feature.ref_pcm_id 
_pdbx_modification_feature.ref_comp_id 
_pdbx_modification_feature.type 
_pdbx_modification_feature.category 
1 MSE A 37 ? . . . . MSE A 61  ? 1_555 . . . . . . . MET 1 MSE Selenomethionine 'Named protein modification' 
2 MSE A 86 ? . . . . MSE A 110 ? 1_555 . . . . . . . MET 1 MSE Selenomethionine 'Named protein modification' 
3 MSE B 37 ? . . . . MSE B 61  ? 1_555 . . . . . . . MET 1 MSE Selenomethionine 'Named protein modification' 
4 MSE B 86 ? . . . . MSE B 110 ? 1_555 . . . . . . . MET 1 MSE Selenomethionine 'Named protein modification' 
# 
loop_
_struct_mon_prot_cis.pdbx_id 
_struct_mon_prot_cis.label_comp_id 
_struct_mon_prot_cis.label_seq_id 
_struct_mon_prot_cis.label_asym_id 
_struct_mon_prot_cis.label_alt_id 
_struct_mon_prot_cis.pdbx_PDB_ins_code 
_struct_mon_prot_cis.auth_comp_id 
_struct_mon_prot_cis.auth_seq_id 
_struct_mon_prot_cis.auth_asym_id 
_struct_mon_prot_cis.pdbx_label_comp_id_2 
_struct_mon_prot_cis.pdbx_label_seq_id_2 
_struct_mon_prot_cis.pdbx_label_asym_id_2 
_struct_mon_prot_cis.pdbx_PDB_ins_code_2 
_struct_mon_prot_cis.pdbx_auth_comp_id_2 
_struct_mon_prot_cis.pdbx_auth_seq_id_2 
_struct_mon_prot_cis.pdbx_auth_asym_id_2 
_struct_mon_prot_cis.pdbx_PDB_model_num 
_struct_mon_prot_cis.pdbx_omega_angle 
1 ARG 78 A . ? ARG 102 A PRO 79 A ? PRO 103 A 1 0.00  
2 ARG 78 B . ? ARG 102 B PRO 79 B ? PRO 103 B 1 -0.24 
# 
loop_
_struct_sheet.id 
_struct_sheet.type 
_struct_sheet.number_strands 
_struct_sheet.details 
A ? 6 ? 
B ? 6 ? 
# 
loop_
_struct_sheet_order.sheet_id 
_struct_sheet_order.range_id_1 
_struct_sheet_order.range_id_2 
_struct_sheet_order.offset 
_struct_sheet_order.sense 
A 1 2 ? anti-parallel 
A 2 3 ? anti-parallel 
A 3 4 ? anti-parallel 
A 4 5 ? anti-parallel 
A 5 6 ? anti-parallel 
B 1 2 ? anti-parallel 
B 2 3 ? anti-parallel 
B 3 4 ? anti-parallel 
B 4 5 ? anti-parallel 
B 5 6 ? anti-parallel 
# 
loop_
_struct_sheet_range.sheet_id 
_struct_sheet_range.id 
_struct_sheet_range.beg_label_comp_id 
_struct_sheet_range.beg_label_asym_id 
_struct_sheet_range.beg_label_seq_id 
_struct_sheet_range.pdbx_beg_PDB_ins_code 
_struct_sheet_range.end_label_comp_id 
_struct_sheet_range.end_label_asym_id 
_struct_sheet_range.end_label_seq_id 
_struct_sheet_range.pdbx_end_PDB_ins_code 
_struct_sheet_range.beg_auth_comp_id 
_struct_sheet_range.beg_auth_asym_id 
_struct_sheet_range.beg_auth_seq_id 
_struct_sheet_range.end_auth_comp_id 
_struct_sheet_range.end_auth_asym_id 
_struct_sheet_range.end_auth_seq_id 
A 1 THR A 27  ? LYS A 31  ? THR A 51  LYS A 55  
A 2 LEU A 47  ? ASP A 51  ? LEU A 71  ASP A 75  
A 3 LEU A 101 ? VAL A 111 ? LEU A 125 VAL A 135 
A 4 ILE A 61  ? VAL A 66  ? ILE A 85  VAL A 90  
A 5 GLU A 69  ? GLN A 76  ? GLU A 93  GLN A 100 
A 6 GLN A 82  ? ILE A 84  ? GLN A 106 ILE A 108 
B 1 THR B 27  ? LYS B 31  ? THR B 51  LYS B 55  
B 2 LEU B 47  ? ASP B 51  ? LEU B 71  ASP B 75  
B 3 LEU B 101 ? VAL B 111 ? LEU B 125 VAL B 135 
B 4 ILE B 61  ? VAL B 66  ? ILE B 85  VAL B 90  
B 5 GLU B 69  ? GLN B 76  ? GLU B 93  GLN B 100 
B 6 GLN B 82  ? ILE B 84  ? GLN B 106 ILE B 108 
# 
loop_
_pdbx_struct_sheet_hbond.sheet_id 
_pdbx_struct_sheet_hbond.range_id_1 
_pdbx_struct_sheet_hbond.range_id_2 
_pdbx_struct_sheet_hbond.range_1_label_atom_id 
_pdbx_struct_sheet_hbond.range_1_label_comp_id 
_pdbx_struct_sheet_hbond.range_1_label_asym_id 
_pdbx_struct_sheet_hbond.range_1_label_seq_id 
_pdbx_struct_sheet_hbond.range_1_PDB_ins_code 
_pdbx_struct_sheet_hbond.range_1_auth_atom_id 
_pdbx_struct_sheet_hbond.range_1_auth_comp_id 
_pdbx_struct_sheet_hbond.range_1_auth_asym_id 
_pdbx_struct_sheet_hbond.range_1_auth_seq_id 
_pdbx_struct_sheet_hbond.range_2_label_atom_id 
_pdbx_struct_sheet_hbond.range_2_label_comp_id 
_pdbx_struct_sheet_hbond.range_2_label_asym_id 
_pdbx_struct_sheet_hbond.range_2_label_seq_id 
_pdbx_struct_sheet_hbond.range_2_PDB_ins_code 
_pdbx_struct_sheet_hbond.range_2_auth_atom_id 
_pdbx_struct_sheet_hbond.range_2_auth_comp_id 
_pdbx_struct_sheet_hbond.range_2_auth_asym_id 
_pdbx_struct_sheet_hbond.range_2_auth_seq_id 
A 1 2 O TYR A 28  ? O TYR A 52  N VAL A 50  ? N VAL A 74  
A 2 3 O LEU A 47  ? O LEU A 71  N VAL A 111 ? N VAL A 135 
A 3 4 O ASP A 102 ? O ASP A 126 N ALA A 65  ? N ALA A 89  
A 4 5 O VAL A 62  ? O VAL A 86  N LYS A 73  ? N LYS A 97  
A 5 6 O LYS A 74  ? O LYS A 98  N ILE A 84  ? N ILE A 108 
B 1 2 O TYR B 28  ? O TYR B 52  N VAL B 50  ? N VAL B 74  
B 2 3 O LEU B 47  ? O LEU B 71  N VAL B 111 ? N VAL B 135 
B 3 4 O ASP B 102 ? O ASP B 126 N ALA B 65  ? N ALA B 89  
B 4 5 O VAL B 62  ? O VAL B 86  N LYS B 73  ? N LYS B 97  
B 5 6 O LYS B 74  ? O LYS B 98  N ILE B 84  ? N ILE B 108 
# 
loop_
_struct_site.id 
_struct_site.pdbx_evidence_code 
_struct_site.pdbx_auth_asym_id 
_struct_site.pdbx_auth_comp_id 
_struct_site.pdbx_auth_seq_id 
_struct_site.pdbx_auth_ins_code 
_struct_site.pdbx_num_residues 
_struct_site.details 
CAA Unknown ? ? ? ? 2 
;THE CATALYTIC SITE INVOLVES RESIDUES SER 60 AND LYS 97. UMUD GOES THROUGH A SELF CLEAVAGE REACTION TO FORM THE MUTAGENETICALLY ACTIVE FORM OF THE PROTEIN UMUD'.
;
CAB Unknown ? ? ? ? 2 
;THE CATALYTIC SITE INVOLVES RESIDUES SER 60 AND LYS 97. UMUD GOES THROUGH A SELF CLEAVAGE REACTION TO FORM THE MUTAGENETICALLY ACTIVE FORM OF THE PROTEIN UMUD'.
;
# 
loop_
_struct_site_gen.id 
_struct_site_gen.site_id 
_struct_site_gen.pdbx_num_res 
_struct_site_gen.label_comp_id 
_struct_site_gen.label_asym_id 
_struct_site_gen.label_seq_id 
_struct_site_gen.pdbx_auth_ins_code 
_struct_site_gen.auth_comp_id 
_struct_site_gen.auth_asym_id 
_struct_site_gen.auth_seq_id 
_struct_site_gen.label_atom_id 
_struct_site_gen.label_alt_id 
_struct_site_gen.symmetry 
_struct_site_gen.details 
1 CAA 2 SER A 36 ? SER A 60 . ? 1_555 ? 
2 CAA 2 LYS A 73 ? LYS A 97 . ? 1_555 ? 
3 CAB 2 SER B 36 ? SER B 60 . ? 1_555 ? 
4 CAB 2 LYS B 73 ? LYS B 97 . ? 1_555 ? 
# 
_pdbx_entry_details.entry_id                   1UMU 
_pdbx_entry_details.compound_details           
;UMUD GOES THROUGH A SELF CLEAVAGE REACTION TO FORM THE
MUTAGENETICALLY ACTIVE FORM OF THE PROTEIN UMUD'.

UMUD'S CLEAVAGE MECHANISM IS SIMILAR TO THE BETA-LACTAMASE
REACTION.

THERE IS HOMOLOGY TO C-TERMINAL PORTIONS OF LAMBDA CI,
AND E. COLI LEXA REPRESSOR PROTEINS.
;
_pdbx_entry_details.source_details             ? 
_pdbx_entry_details.nonpolymer_details         ? 
_pdbx_entry_details.sequence_details           ? 
_pdbx_entry_details.has_ligand_of_interest     ? 
_pdbx_entry_details.has_protein_modification   Y 
# 
loop_
_pdbx_validate_torsion.id 
_pdbx_validate_torsion.PDB_model_num 
_pdbx_validate_torsion.auth_comp_id 
_pdbx_validate_torsion.auth_asym_id 
_pdbx_validate_torsion.auth_seq_id 
_pdbx_validate_torsion.PDB_ins_code 
_pdbx_validate_torsion.label_alt_id 
_pdbx_validate_torsion.phi 
_pdbx_validate_torsion.psi 
1 1 PRO A 109 ? ? -73.64  -168.76 
2 1 MSE A 110 ? ? -150.65 60.68   
3 1 ASN A 111 ? ? -166.79 111.34  
4 1 PRO A 116 ? ? -58.89  171.65  
5 1 ARG B 37  ? ? -33.79  134.62  
6 1 HIS B 47  ? ? -118.38 76.93   
7 1 ASN B 111 ? ? -168.28 114.65  
# 
loop_
_pdbx_struct_mod_residue.id 
_pdbx_struct_mod_residue.label_asym_id 
_pdbx_struct_mod_residue.label_comp_id 
_pdbx_struct_mod_residue.label_seq_id 
_pdbx_struct_mod_residue.auth_asym_id 
_pdbx_struct_mod_residue.auth_comp_id 
_pdbx_struct_mod_residue.auth_seq_id 
_pdbx_struct_mod_residue.PDB_ins_code 
_pdbx_struct_mod_residue.parent_comp_id 
_pdbx_struct_mod_residue.details 
1 A MSE 37 A MSE 61  ? MET SELENOMETHIONINE 
2 A MSE 86 A MSE 110 ? MET SELENOMETHIONINE 
3 B MSE 37 B MSE 61  ? MET SELENOMETHIONINE 
4 B MSE 86 B MSE 110 ? MET SELENOMETHIONINE 
# 
loop_
_pdbx_unobs_or_zero_occ_residues.id 
_pdbx_unobs_or_zero_occ_residues.PDB_model_num 
_pdbx_unobs_or_zero_occ_residues.polymer_flag 
_pdbx_unobs_or_zero_occ_residues.occupancy_flag 
_pdbx_unobs_or_zero_occ_residues.auth_asym_id 
_pdbx_unobs_or_zero_occ_residues.auth_comp_id 
_pdbx_unobs_or_zero_occ_residues.auth_seq_id 
_pdbx_unobs_or_zero_occ_residues.PDB_ins_code 
_pdbx_unobs_or_zero_occ_residues.label_asym_id 
_pdbx_unobs_or_zero_occ_residues.label_comp_id 
_pdbx_unobs_or_zero_occ_residues.label_seq_id 
1  1 Y 1 A GLY 25  ? A GLY 1   
2  1 Y 1 A PHE 26  ? A PHE 2   
3  1 Y 1 A PRO 27  ? A PRO 3   
4  1 Y 1 A SER 28  ? A SER 4   
5  1 Y 1 A PRO 29  ? A PRO 5   
6  1 Y 1 A ALA 30  ? A ALA 6   
7  1 Y 1 A ALA 31  ? A ALA 7   
8  1 Y 1 A ALA 137 ? A ALA 113 
9  1 Y 1 A ALA 138 ? A ALA 114 
10 1 Y 1 A THR 139 ? A THR 115 
11 1 Y 1 A ARG 140 ? A ARG 116 
12 1 Y 1 B GLY 25  ? B GLY 1   
13 1 Y 1 B PHE 26  ? B PHE 2   
14 1 Y 1 B PRO 27  ? B PRO 3   
15 1 Y 1 B SER 28  ? B SER 4   
16 1 Y 1 B PRO 29  ? B PRO 5   
17 1 Y 1 B ALA 30  ? B ALA 6   
18 1 Y 1 B ALA 31  ? B ALA 7   
19 1 Y 1 B ALA 138 ? B ALA 114 
20 1 Y 1 B THR 139 ? B THR 115 
21 1 Y 1 B ARG 140 ? B ARG 116 
# 
loop_
_chem_comp_atom.comp_id 
_chem_comp_atom.atom_id 
_chem_comp_atom.type_symbol 
_chem_comp_atom.pdbx_aromatic_flag 
_chem_comp_atom.pdbx_stereo_config 
_chem_comp_atom.pdbx_ordinal 
ALA N    N  N N 1   
ALA CA   C  N S 2   
ALA C    C  N N 3   
ALA O    O  N N 4   
ALA CB   C  N N 5   
ALA OXT  O  N N 6   
ALA H    H  N N 7   
ALA H2   H  N N 8   
ALA HA   H  N N 9   
ALA HB1  H  N N 10  
ALA HB2  H  N N 11  
ALA HB3  H  N N 12  
ALA HXT  H  N N 13  
ARG N    N  N N 14  
ARG CA   C  N S 15  
ARG C    C  N N 16  
ARG O    O  N N 17  
ARG CB   C  N N 18  
ARG CG   C  N N 19  
ARG CD   C  N N 20  
ARG NE   N  N N 21  
ARG CZ   C  N N 22  
ARG NH1  N  N N 23  
ARG NH2  N  N N 24  
ARG OXT  O  N N 25  
ARG H    H  N N 26  
ARG H2   H  N N 27  
ARG HA   H  N N 28  
ARG HB2  H  N N 29  
ARG HB3  H  N N 30  
ARG HG2  H  N N 31  
ARG HG3  H  N N 32  
ARG HD2  H  N N 33  
ARG HD3  H  N N 34  
ARG HE   H  N N 35  
ARG HH11 H  N N 36  
ARG HH12 H  N N 37  
ARG HH21 H  N N 38  
ARG HH22 H  N N 39  
ARG HXT  H  N N 40  
ASN N    N  N N 41  
ASN CA   C  N S 42  
ASN C    C  N N 43  
ASN O    O  N N 44  
ASN CB   C  N N 45  
ASN CG   C  N N 46  
ASN OD1  O  N N 47  
ASN ND2  N  N N 48  
ASN OXT  O  N N 49  
ASN H    H  N N 50  
ASN H2   H  N N 51  
ASN HA   H  N N 52  
ASN HB2  H  N N 53  
ASN HB3  H  N N 54  
ASN HD21 H  N N 55  
ASN HD22 H  N N 56  
ASN HXT  H  N N 57  
ASP N    N  N N 58  
ASP CA   C  N S 59  
ASP C    C  N N 60  
ASP O    O  N N 61  
ASP CB   C  N N 62  
ASP CG   C  N N 63  
ASP OD1  O  N N 64  
ASP OD2  O  N N 65  
ASP OXT  O  N N 66  
ASP H    H  N N 67  
ASP H2   H  N N 68  
ASP HA   H  N N 69  
ASP HB2  H  N N 70  
ASP HB3  H  N N 71  
ASP HD2  H  N N 72  
ASP HXT  H  N N 73  
GLN N    N  N N 74  
GLN CA   C  N S 75  
GLN C    C  N N 76  
GLN O    O  N N 77  
GLN CB   C  N N 78  
GLN CG   C  N N 79  
GLN CD   C  N N 80  
GLN OE1  O  N N 81  
GLN NE2  N  N N 82  
GLN OXT  O  N N 83  
GLN H    H  N N 84  
GLN H2   H  N N 85  
GLN HA   H  N N 86  
GLN HB2  H  N N 87  
GLN HB3  H  N N 88  
GLN HG2  H  N N 89  
GLN HG3  H  N N 90  
GLN HE21 H  N N 91  
GLN HE22 H  N N 92  
GLN HXT  H  N N 93  
GLU N    N  N N 94  
GLU CA   C  N S 95  
GLU C    C  N N 96  
GLU O    O  N N 97  
GLU CB   C  N N 98  
GLU CG   C  N N 99  
GLU CD   C  N N 100 
GLU OE1  O  N N 101 
GLU OE2  O  N N 102 
GLU OXT  O  N N 103 
GLU H    H  N N 104 
GLU H2   H  N N 105 
GLU HA   H  N N 106 
GLU HB2  H  N N 107 
GLU HB3  H  N N 108 
GLU HG2  H  N N 109 
GLU HG3  H  N N 110 
GLU HE2  H  N N 111 
GLU HXT  H  N N 112 
GLY N    N  N N 113 
GLY CA   C  N N 114 
GLY C    C  N N 115 
GLY O    O  N N 116 
GLY OXT  O  N N 117 
GLY H    H  N N 118 
GLY H2   H  N N 119 
GLY HA2  H  N N 120 
GLY HA3  H  N N 121 
GLY HXT  H  N N 122 
HIS N    N  N N 123 
HIS CA   C  N S 124 
HIS C    C  N N 125 
HIS O    O  N N 126 
HIS CB   C  N N 127 
HIS CG   C  Y N 128 
HIS ND1  N  Y N 129 
HIS CD2  C  Y N 130 
HIS CE1  C  Y N 131 
HIS NE2  N  Y N 132 
HIS OXT  O  N N 133 
HIS H    H  N N 134 
HIS H2   H  N N 135 
HIS HA   H  N N 136 
HIS HB2  H  N N 137 
HIS HB3  H  N N 138 
HIS HD1  H  N N 139 
HIS HD2  H  N N 140 
HIS HE1  H  N N 141 
HIS HE2  H  N N 142 
HIS HXT  H  N N 143 
HOH O    O  N N 144 
HOH H1   H  N N 145 
HOH H2   H  N N 146 
ILE N    N  N N 147 
ILE CA   C  N S 148 
ILE C    C  N N 149 
ILE O    O  N N 150 
ILE CB   C  N S 151 
ILE CG1  C  N N 152 
ILE CG2  C  N N 153 
ILE CD1  C  N N 154 
ILE OXT  O  N N 155 
ILE H    H  N N 156 
ILE H2   H  N N 157 
ILE HA   H  N N 158 
ILE HB   H  N N 159 
ILE HG12 H  N N 160 
ILE HG13 H  N N 161 
ILE HG21 H  N N 162 
ILE HG22 H  N N 163 
ILE HG23 H  N N 164 
ILE HD11 H  N N 165 
ILE HD12 H  N N 166 
ILE HD13 H  N N 167 
ILE HXT  H  N N 168 
LEU N    N  N N 169 
LEU CA   C  N S 170 
LEU C    C  N N 171 
LEU O    O  N N 172 
LEU CB   C  N N 173 
LEU CG   C  N N 174 
LEU CD1  C  N N 175 
LEU CD2  C  N N 176 
LEU OXT  O  N N 177 
LEU H    H  N N 178 
LEU H2   H  N N 179 
LEU HA   H  N N 180 
LEU HB2  H  N N 181 
LEU HB3  H  N N 182 
LEU HG   H  N N 183 
LEU HD11 H  N N 184 
LEU HD12 H  N N 185 
LEU HD13 H  N N 186 
LEU HD21 H  N N 187 
LEU HD22 H  N N 188 
LEU HD23 H  N N 189 
LEU HXT  H  N N 190 
LYS N    N  N N 191 
LYS CA   C  N S 192 
LYS C    C  N N 193 
LYS O    O  N N 194 
LYS CB   C  N N 195 
LYS CG   C  N N 196 
LYS CD   C  N N 197 
LYS CE   C  N N 198 
LYS NZ   N  N N 199 
LYS OXT  O  N N 200 
LYS H    H  N N 201 
LYS H2   H  N N 202 
LYS HA   H  N N 203 
LYS HB2  H  N N 204 
LYS HB3  H  N N 205 
LYS HG2  H  N N 206 
LYS HG3  H  N N 207 
LYS HD2  H  N N 208 
LYS HD3  H  N N 209 
LYS HE2  H  N N 210 
LYS HE3  H  N N 211 
LYS HZ1  H  N N 212 
LYS HZ2  H  N N 213 
LYS HZ3  H  N N 214 
LYS HXT  H  N N 215 
MET N    N  N N 216 
MET CA   C  N S 217 
MET C    C  N N 218 
MET O    O  N N 219 
MET CB   C  N N 220 
MET CG   C  N N 221 
MET SD   S  N N 222 
MET CE   C  N N 223 
MET OXT  O  N N 224 
MET H    H  N N 225 
MET H2   H  N N 226 
MET HA   H  N N 227 
MET HB2  H  N N 228 
MET HB3  H  N N 229 
MET HG2  H  N N 230 
MET HG3  H  N N 231 
MET HE1  H  N N 232 
MET HE2  H  N N 233 
MET HE3  H  N N 234 
MET HXT  H  N N 235 
MSE N    N  N N 236 
MSE CA   C  N S 237 
MSE C    C  N N 238 
MSE O    O  N N 239 
MSE OXT  O  N N 240 
MSE CB   C  N N 241 
MSE CG   C  N N 242 
MSE SE   SE N N 243 
MSE CE   C  N N 244 
MSE H    H  N N 245 
MSE H2   H  N N 246 
MSE HA   H  N N 247 
MSE HXT  H  N N 248 
MSE HB2  H  N N 249 
MSE HB3  H  N N 250 
MSE HG2  H  N N 251 
MSE HG3  H  N N 252 
MSE HE1  H  N N 253 
MSE HE2  H  N N 254 
MSE HE3  H  N N 255 
PHE N    N  N N 256 
PHE CA   C  N S 257 
PHE C    C  N N 258 
PHE O    O  N N 259 
PHE CB   C  N N 260 
PHE CG   C  Y N 261 
PHE CD1  C  Y N 262 
PHE CD2  C  Y N 263 
PHE CE1  C  Y N 264 
PHE CE2  C  Y N 265 
PHE CZ   C  Y N 266 
PHE OXT  O  N N 267 
PHE H    H  N N 268 
PHE H2   H  N N 269 
PHE HA   H  N N 270 
PHE HB2  H  N N 271 
PHE HB3  H  N N 272 
PHE HD1  H  N N 273 
PHE HD2  H  N N 274 
PHE HE1  H  N N 275 
PHE HE2  H  N N 276 
PHE HZ   H  N N 277 
PHE HXT  H  N N 278 
PRO N    N  N N 279 
PRO CA   C  N S 280 
PRO C    C  N N 281 
PRO O    O  N N 282 
PRO CB   C  N N 283 
PRO CG   C  N N 284 
PRO CD   C  N N 285 
PRO OXT  O  N N 286 
PRO H    H  N N 287 
PRO HA   H  N N 288 
PRO HB2  H  N N 289 
PRO HB3  H  N N 290 
PRO HG2  H  N N 291 
PRO HG3  H  N N 292 
PRO HD2  H  N N 293 
PRO HD3  H  N N 294 
PRO HXT  H  N N 295 
SER N    N  N N 296 
SER CA   C  N S 297 
SER C    C  N N 298 
SER O    O  N N 299 
SER CB   C  N N 300 
SER OG   O  N N 301 
SER OXT  O  N N 302 
SER H    H  N N 303 
SER H2   H  N N 304 
SER HA   H  N N 305 
SER HB2  H  N N 306 
SER HB3  H  N N 307 
SER HG   H  N N 308 
SER HXT  H  N N 309 
THR N    N  N N 310 
THR CA   C  N S 311 
THR C    C  N N 312 
THR O    O  N N 313 
THR CB   C  N R 314 
THR OG1  O  N N 315 
THR CG2  C  N N 316 
THR OXT  O  N N 317 
THR H    H  N N 318 
THR H2   H  N N 319 
THR HA   H  N N 320 
THR HB   H  N N 321 
THR HG1  H  N N 322 
THR HG21 H  N N 323 
THR HG22 H  N N 324 
THR HG23 H  N N 325 
THR HXT  H  N N 326 
TYR N    N  N N 327 
TYR CA   C  N S 328 
TYR C    C  N N 329 
TYR O    O  N N 330 
TYR CB   C  N N 331 
TYR CG   C  Y N 332 
TYR CD1  C  Y N 333 
TYR CD2  C  Y N 334 
TYR CE1  C  Y N 335 
TYR CE2  C  Y N 336 
TYR CZ   C  Y N 337 
TYR OH   O  N N 338 
TYR OXT  O  N N 339 
TYR H    H  N N 340 
TYR H2   H  N N 341 
TYR HA   H  N N 342 
TYR HB2  H  N N 343 
TYR HB3  H  N N 344 
TYR HD1  H  N N 345 
TYR HD2  H  N N 346 
TYR HE1  H  N N 347 
TYR HE2  H  N N 348 
TYR HH   H  N N 349 
TYR HXT  H  N N 350 
VAL N    N  N N 351 
VAL CA   C  N S 352 
VAL C    C  N N 353 
VAL O    O  N N 354 
VAL CB   C  N N 355 
VAL CG1  C  N N 356 
VAL CG2  C  N N 357 
VAL OXT  O  N N 358 
VAL H    H  N N 359 
VAL H2   H  N N 360 
VAL HA   H  N N 361 
VAL HB   H  N N 362 
VAL HG11 H  N N 363 
VAL HG12 H  N N 364 
VAL HG13 H  N N 365 
VAL HG21 H  N N 366 
VAL HG22 H  N N 367 
VAL HG23 H  N N 368 
VAL HXT  H  N N 369 
# 
loop_
_chem_comp_bond.comp_id 
_chem_comp_bond.atom_id_1 
_chem_comp_bond.atom_id_2 
_chem_comp_bond.value_order 
_chem_comp_bond.pdbx_aromatic_flag 
_chem_comp_bond.pdbx_stereo_config 
_chem_comp_bond.pdbx_ordinal 
ALA N   CA   sing N N 1   
ALA N   H    sing N N 2   
ALA N   H2   sing N N 3   
ALA CA  C    sing N N 4   
ALA CA  CB   sing N N 5   
ALA CA  HA   sing N N 6   
ALA C   O    doub N N 7   
ALA C   OXT  sing N N 8   
ALA CB  HB1  sing N N 9   
ALA CB  HB2  sing N N 10  
ALA CB  HB3  sing N N 11  
ALA OXT HXT  sing N N 12  
ARG N   CA   sing N N 13  
ARG N   H    sing N N 14  
ARG N   H2   sing N N 15  
ARG CA  C    sing N N 16  
ARG CA  CB   sing N N 17  
ARG CA  HA   sing N N 18  
ARG C   O    doub N N 19  
ARG C   OXT  sing N N 20  
ARG CB  CG   sing N N 21  
ARG CB  HB2  sing N N 22  
ARG CB  HB3  sing N N 23  
ARG CG  CD   sing N N 24  
ARG CG  HG2  sing N N 25  
ARG CG  HG3  sing N N 26  
ARG CD  NE   sing N N 27  
ARG CD  HD2  sing N N 28  
ARG CD  HD3  sing N N 29  
ARG NE  CZ   sing N N 30  
ARG NE  HE   sing N N 31  
ARG CZ  NH1  sing N N 32  
ARG CZ  NH2  doub N N 33  
ARG NH1 HH11 sing N N 34  
ARG NH1 HH12 sing N N 35  
ARG NH2 HH21 sing N N 36  
ARG NH2 HH22 sing N N 37  
ARG OXT HXT  sing N N 38  
ASN N   CA   sing N N 39  
ASN N   H    sing N N 40  
ASN N   H2   sing N N 41  
ASN CA  C    sing N N 42  
ASN CA  CB   sing N N 43  
ASN CA  HA   sing N N 44  
ASN C   O    doub N N 45  
ASN C   OXT  sing N N 46  
ASN CB  CG   sing N N 47  
ASN CB  HB2  sing N N 48  
ASN CB  HB3  sing N N 49  
ASN CG  OD1  doub N N 50  
ASN CG  ND2  sing N N 51  
ASN ND2 HD21 sing N N 52  
ASN ND2 HD22 sing N N 53  
ASN OXT HXT  sing N N 54  
ASP N   CA   sing N N 55  
ASP N   H    sing N N 56  
ASP N   H2   sing N N 57  
ASP CA  C    sing N N 58  
ASP CA  CB   sing N N 59  
ASP CA  HA   sing N N 60  
ASP C   O    doub N N 61  
ASP C   OXT  sing N N 62  
ASP CB  CG   sing N N 63  
ASP CB  HB2  sing N N 64  
ASP CB  HB3  sing N N 65  
ASP CG  OD1  doub N N 66  
ASP CG  OD2  sing N N 67  
ASP OD2 HD2  sing N N 68  
ASP OXT HXT  sing N N 69  
GLN N   CA   sing N N 70  
GLN N   H    sing N N 71  
GLN N   H2   sing N N 72  
GLN CA  C    sing N N 73  
GLN CA  CB   sing N N 74  
GLN CA  HA   sing N N 75  
GLN C   O    doub N N 76  
GLN C   OXT  sing N N 77  
GLN CB  CG   sing N N 78  
GLN CB  HB2  sing N N 79  
GLN CB  HB3  sing N N 80  
GLN CG  CD   sing N N 81  
GLN CG  HG2  sing N N 82  
GLN CG  HG3  sing N N 83  
GLN CD  OE1  doub N N 84  
GLN CD  NE2  sing N N 85  
GLN NE2 HE21 sing N N 86  
GLN NE2 HE22 sing N N 87  
GLN OXT HXT  sing N N 88  
GLU N   CA   sing N N 89  
GLU N   H    sing N N 90  
GLU N   H2   sing N N 91  
GLU CA  C    sing N N 92  
GLU CA  CB   sing N N 93  
GLU CA  HA   sing N N 94  
GLU C   O    doub N N 95  
GLU C   OXT  sing N N 96  
GLU CB  CG   sing N N 97  
GLU CB  HB2  sing N N 98  
GLU CB  HB3  sing N N 99  
GLU CG  CD   sing N N 100 
GLU CG  HG2  sing N N 101 
GLU CG  HG3  sing N N 102 
GLU CD  OE1  doub N N 103 
GLU CD  OE2  sing N N 104 
GLU OE2 HE2  sing N N 105 
GLU OXT HXT  sing N N 106 
GLY N   CA   sing N N 107 
GLY N   H    sing N N 108 
GLY N   H2   sing N N 109 
GLY CA  C    sing N N 110 
GLY CA  HA2  sing N N 111 
GLY CA  HA3  sing N N 112 
GLY C   O    doub N N 113 
GLY C   OXT  sing N N 114 
GLY OXT HXT  sing N N 115 
HIS N   CA   sing N N 116 
HIS N   H    sing N N 117 
HIS N   H2   sing N N 118 
HIS CA  C    sing N N 119 
HIS CA  CB   sing N N 120 
HIS CA  HA   sing N N 121 
HIS C   O    doub N N 122 
HIS C   OXT  sing N N 123 
HIS CB  CG   sing N N 124 
HIS CB  HB2  sing N N 125 
HIS CB  HB3  sing N N 126 
HIS CG  ND1  sing Y N 127 
HIS CG  CD2  doub Y N 128 
HIS ND1 CE1  doub Y N 129 
HIS ND1 HD1  sing N N 130 
HIS CD2 NE2  sing Y N 131 
HIS CD2 HD2  sing N N 132 
HIS CE1 NE2  sing Y N 133 
HIS CE1 HE1  sing N N 134 
HIS NE2 HE2  sing N N 135 
HIS OXT HXT  sing N N 136 
HOH O   H1   sing N N 137 
HOH O   H2   sing N N 138 
ILE N   CA   sing N N 139 
ILE N   H    sing N N 140 
ILE N   H2   sing N N 141 
ILE CA  C    sing N N 142 
ILE CA  CB   sing N N 143 
ILE CA  HA   sing N N 144 
ILE C   O    doub N N 145 
ILE C   OXT  sing N N 146 
ILE CB  CG1  sing N N 147 
ILE CB  CG2  sing N N 148 
ILE CB  HB   sing N N 149 
ILE CG1 CD1  sing N N 150 
ILE CG1 HG12 sing N N 151 
ILE CG1 HG13 sing N N 152 
ILE CG2 HG21 sing N N 153 
ILE CG2 HG22 sing N N 154 
ILE CG2 HG23 sing N N 155 
ILE CD1 HD11 sing N N 156 
ILE CD1 HD12 sing N N 157 
ILE CD1 HD13 sing N N 158 
ILE OXT HXT  sing N N 159 
LEU N   CA   sing N N 160 
LEU N   H    sing N N 161 
LEU N   H2   sing N N 162 
LEU CA  C    sing N N 163 
LEU CA  CB   sing N N 164 
LEU CA  HA   sing N N 165 
LEU C   O    doub N N 166 
LEU C   OXT  sing N N 167 
LEU CB  CG   sing N N 168 
LEU CB  HB2  sing N N 169 
LEU CB  HB3  sing N N 170 
LEU CG  CD1  sing N N 171 
LEU CG  CD2  sing N N 172 
LEU CG  HG   sing N N 173 
LEU CD1 HD11 sing N N 174 
LEU CD1 HD12 sing N N 175 
LEU CD1 HD13 sing N N 176 
LEU CD2 HD21 sing N N 177 
LEU CD2 HD22 sing N N 178 
LEU CD2 HD23 sing N N 179 
LEU OXT HXT  sing N N 180 
LYS N   CA   sing N N 181 
LYS N   H    sing N N 182 
LYS N   H2   sing N N 183 
LYS CA  C    sing N N 184 
LYS CA  CB   sing N N 185 
LYS CA  HA   sing N N 186 
LYS C   O    doub N N 187 
LYS C   OXT  sing N N 188 
LYS CB  CG   sing N N 189 
LYS CB  HB2  sing N N 190 
LYS CB  HB3  sing N N 191 
LYS CG  CD   sing N N 192 
LYS CG  HG2  sing N N 193 
LYS CG  HG3  sing N N 194 
LYS CD  CE   sing N N 195 
LYS CD  HD2  sing N N 196 
LYS CD  HD3  sing N N 197 
LYS CE  NZ   sing N N 198 
LYS CE  HE2  sing N N 199 
LYS CE  HE3  sing N N 200 
LYS NZ  HZ1  sing N N 201 
LYS NZ  HZ2  sing N N 202 
LYS NZ  HZ3  sing N N 203 
LYS OXT HXT  sing N N 204 
MET N   CA   sing N N 205 
MET N   H    sing N N 206 
MET N   H2   sing N N 207 
MET CA  C    sing N N 208 
MET CA  CB   sing N N 209 
MET CA  HA   sing N N 210 
MET C   O    doub N N 211 
MET C   OXT  sing N N 212 
MET CB  CG   sing N N 213 
MET CB  HB2  sing N N 214 
MET CB  HB3  sing N N 215 
MET CG  SD   sing N N 216 
MET CG  HG2  sing N N 217 
MET CG  HG3  sing N N 218 
MET SD  CE   sing N N 219 
MET CE  HE1  sing N N 220 
MET CE  HE2  sing N N 221 
MET CE  HE3  sing N N 222 
MET OXT HXT  sing N N 223 
MSE N   CA   sing N N 224 
MSE N   H    sing N N 225 
MSE N   H2   sing N N 226 
MSE CA  C    sing N N 227 
MSE CA  CB   sing N N 228 
MSE CA  HA   sing N N 229 
MSE C   O    doub N N 230 
MSE C   OXT  sing N N 231 
MSE OXT HXT  sing N N 232 
MSE CB  CG   sing N N 233 
MSE CB  HB2  sing N N 234 
MSE CB  HB3  sing N N 235 
MSE CG  SE   sing N N 236 
MSE CG  HG2  sing N N 237 
MSE CG  HG3  sing N N 238 
MSE SE  CE   sing N N 239 
MSE CE  HE1  sing N N 240 
MSE CE  HE2  sing N N 241 
MSE CE  HE3  sing N N 242 
PHE N   CA   sing N N 243 
PHE N   H    sing N N 244 
PHE N   H2   sing N N 245 
PHE CA  C    sing N N 246 
PHE CA  CB   sing N N 247 
PHE CA  HA   sing N N 248 
PHE C   O    doub N N 249 
PHE C   OXT  sing N N 250 
PHE CB  CG   sing N N 251 
PHE CB  HB2  sing N N 252 
PHE CB  HB3  sing N N 253 
PHE CG  CD1  doub Y N 254 
PHE CG  CD2  sing Y N 255 
PHE CD1 CE1  sing Y N 256 
PHE CD1 HD1  sing N N 257 
PHE CD2 CE2  doub Y N 258 
PHE CD2 HD2  sing N N 259 
PHE CE1 CZ   doub Y N 260 
PHE CE1 HE1  sing N N 261 
PHE CE2 CZ   sing Y N 262 
PHE CE2 HE2  sing N N 263 
PHE CZ  HZ   sing N N 264 
PHE OXT HXT  sing N N 265 
PRO N   CA   sing N N 266 
PRO N   CD   sing N N 267 
PRO N   H    sing N N 268 
PRO CA  C    sing N N 269 
PRO CA  CB   sing N N 270 
PRO CA  HA   sing N N 271 
PRO C   O    doub N N 272 
PRO C   OXT  sing N N 273 
PRO CB  CG   sing N N 274 
PRO CB  HB2  sing N N 275 
PRO CB  HB3  sing N N 276 
PRO CG  CD   sing N N 277 
PRO CG  HG2  sing N N 278 
PRO CG  HG3  sing N N 279 
PRO CD  HD2  sing N N 280 
PRO CD  HD3  sing N N 281 
PRO OXT HXT  sing N N 282 
SER N   CA   sing N N 283 
SER N   H    sing N N 284 
SER N   H2   sing N N 285 
SER CA  C    sing N N 286 
SER CA  CB   sing N N 287 
SER CA  HA   sing N N 288 
SER C   O    doub N N 289 
SER C   OXT  sing N N 290 
SER CB  OG   sing N N 291 
SER CB  HB2  sing N N 292 
SER CB  HB3  sing N N 293 
SER OG  HG   sing N N 294 
SER OXT HXT  sing N N 295 
THR N   CA   sing N N 296 
THR N   H    sing N N 297 
THR N   H2   sing N N 298 
THR CA  C    sing N N 299 
THR CA  CB   sing N N 300 
THR CA  HA   sing N N 301 
THR C   O    doub N N 302 
THR C   OXT  sing N N 303 
THR CB  OG1  sing N N 304 
THR CB  CG2  sing N N 305 
THR CB  HB   sing N N 306 
THR OG1 HG1  sing N N 307 
THR CG2 HG21 sing N N 308 
THR CG2 HG22 sing N N 309 
THR CG2 HG23 sing N N 310 
THR OXT HXT  sing N N 311 
TYR N   CA   sing N N 312 
TYR N   H    sing N N 313 
TYR N   H2   sing N N 314 
TYR CA  C    sing N N 315 
TYR CA  CB   sing N N 316 
TYR CA  HA   sing N N 317 
TYR C   O    doub N N 318 
TYR C   OXT  sing N N 319 
TYR CB  CG   sing N N 320 
TYR CB  HB2  sing N N 321 
TYR CB  HB3  sing N N 322 
TYR CG  CD1  doub Y N 323 
TYR CG  CD2  sing Y N 324 
TYR CD1 CE1  sing Y N 325 
TYR CD1 HD1  sing N N 326 
TYR CD2 CE2  doub Y N 327 
TYR CD2 HD2  sing N N 328 
TYR CE1 CZ   doub Y N 329 
TYR CE1 HE1  sing N N 330 
TYR CE2 CZ   sing Y N 331 
TYR CE2 HE2  sing N N 332 
TYR CZ  OH   sing N N 333 
TYR OH  HH   sing N N 334 
TYR OXT HXT  sing N N 335 
VAL N   CA   sing N N 336 
VAL N   H    sing N N 337 
VAL N   H2   sing N N 338 
VAL CA  C    sing N N 339 
VAL CA  CB   sing N N 340 
VAL CA  HA   sing N N 341 
VAL C   O    doub N N 342 
VAL C   OXT  sing N N 343 
VAL CB  CG1  sing N N 344 
VAL CB  CG2  sing N N 345 
VAL CB  HB   sing N N 346 
VAL CG1 HG11 sing N N 347 
VAL CG1 HG12 sing N N 348 
VAL CG1 HG13 sing N N 349 
VAL CG2 HG21 sing N N 350 
VAL CG2 HG22 sing N N 351 
VAL CG2 HG23 sing N N 352 
VAL OXT HXT  sing N N 353 
# 
_atom_sites.entry_id                    1UMU 
_atom_sites.fract_transf_matrix[1][1]   -0.00758737 
_atom_sites.fract_transf_matrix[1][2]   0.00831357 
_atom_sites.fract_transf_matrix[1][3]   0.01523161 
_atom_sites.fract_transf_matrix[2][1]   0.01163019 
_atom_sites.fract_transf_matrix[2][2]   -0.00990137 
_atom_sites.fract_transf_matrix[2][3]   0.01119765 
_atom_sites.fract_transf_matrix[3][1]   0.00424728 
_atom_sites.fract_transf_matrix[3][2]   0.00456422 
_atom_sites.fract_transf_matrix[3][3]   -0.00037549 
_atom_sites.fract_transf_vector[1]      0.005669 
_atom_sites.fract_transf_vector[2]      0.494862 
_atom_sites.fract_transf_vector[3]      0.375568 
# 
loop_
_atom_type.symbol 
C  
N  
O  
SE 
# 
loop_
_atom_site.group_PDB 
_atom_site.id 
_atom_site.type_symbol 
_atom_site.label_atom_id 
_atom_site.label_alt_id 
_atom_site.label_comp_id 
_atom_site.label_asym_id 
_atom_site.label_entity_id 
_atom_site.label_seq_id 
_atom_site.pdbx_PDB_ins_code 
_atom_site.Cartn_x 
_atom_site.Cartn_y 
_atom_site.Cartn_z 
_atom_site.occupancy 
_atom_site.B_iso_or_equiv 
_atom_site.pdbx_formal_charge 
_atom_site.auth_seq_id 
_atom_site.auth_comp_id 
_atom_site.auth_asym_id 
_atom_site.auth_atom_id 
_atom_site.pdbx_PDB_model_num 
ATOM   1    N  N   . ASP A 1 8   ? -36.765 -23.975 21.026  1.00 35.06 ? 32  ASP A N   1 
ATOM   2    C  CA  . ASP A 1 8   ? -36.551 -24.500 19.642  1.00 37.23 ? 32  ASP A CA  1 
ATOM   3    C  C   . ASP A 1 8   ? -35.366 -23.773 19.004  1.00 34.75 ? 32  ASP A C   1 
ATOM   4    O  O   . ASP A 1 8   ? -34.924 -22.750 19.520  1.00 34.70 ? 32  ASP A O   1 
ATOM   5    C  CB  . ASP A 1 8   ? -37.828 -24.329 18.791  1.00 36.12 ? 32  ASP A CB  1 
ATOM   6    N  N   . TYR A 1 9   ? -34.893 -24.278 17.866  1.00 35.39 ? 33  TYR A N   1 
ATOM   7    C  CA  . TYR A 1 9   ? -33.746 -23.694 17.175  1.00 32.84 ? 33  TYR A CA  1 
ATOM   8    C  C   . TYR A 1 9   ? -33.824 -22.213 16.828  1.00 34.73 ? 33  TYR A C   1 
ATOM   9    O  O   . TYR A 1 9   ? -34.908 -21.672 16.614  1.00 32.91 ? 33  TYR A O   1 
ATOM   10   C  CB  . TYR A 1 9   ? -33.469 -24.467 15.902  1.00 31.49 ? 33  TYR A CB  1 
ATOM   11   C  CG  . TYR A 1 9   ? -32.066 -24.277 15.430  1.00 30.65 ? 33  TYR A CG  1 
ATOM   12   C  CD1 . TYR A 1 9   ? -31.004 -24.493 16.290  1.00 29.81 ? 33  TYR A CD1 1 
ATOM   13   C  CD2 . TYR A 1 9   ? -31.801 -23.806 14.152  1.00 31.03 ? 33  TYR A CD2 1 
ATOM   14   C  CE1 . TYR A 1 9   ? -29.700 -24.236 15.899  1.00 38.94 ? 33  TYR A CE1 1 
ATOM   15   C  CE2 . TYR A 1 9   ? -30.497 -23.533 13.745  1.00 38.20 ? 33  TYR A CE2 1 
ATOM   16   C  CZ  . TYR A 1 9   ? -29.446 -23.745 14.624  1.00 38.87 ? 33  TYR A CZ  1 
ATOM   17   O  OH  . TYR A 1 9   ? -28.157 -23.410 14.253  1.00 40.33 ? 33  TYR A OH  1 
ATOM   18   N  N   . VAL A 1 10  ? -32.649 -21.580 16.781  1.00 39.50 ? 34  VAL A N   1 
ATOM   19   C  CA  . VAL A 1 10  ? -32.474 -20.157 16.430  1.00 40.50 ? 34  VAL A CA  1 
ATOM   20   C  C   . VAL A 1 10  ? -31.361 -20.059 15.370  1.00 40.21 ? 34  VAL A C   1 
ATOM   21   O  O   . VAL A 1 10  ? -30.198 -20.350 15.641  1.00 42.23 ? 34  VAL A O   1 
ATOM   22   C  CB  . VAL A 1 10  ? -32.027 -19.295 17.649  1.00 40.97 ? 34  VAL A CB  1 
ATOM   23   C  CG1 . VAL A 1 10  ? -31.976 -17.824 17.265  1.00 36.26 ? 34  VAL A CG1 1 
ATOM   24   C  CG2 . VAL A 1 10  ? -32.980 -19.493 18.824  1.00 41.44 ? 34  VAL A CG2 1 
ATOM   25   N  N   . GLU A 1 11  ? -31.717 -19.615 14.174  1.00 43.77 ? 35  GLU A N   1 
ATOM   26   C  CA  . GLU A 1 11  ? -30.763 -19.479 13.067  1.00 45.02 ? 35  GLU A CA  1 
ATOM   27   C  C   . GLU A 1 11  ? -29.736 -18.322 13.177  1.00 45.16 ? 35  GLU A C   1 
ATOM   28   O  O   . GLU A 1 11  ? -30.077 -17.150 12.936  1.00 45.41 ? 35  GLU A O   1 
ATOM   29   C  CB  . GLU A 1 11  ? -31.546 -19.358 11.732  1.00 44.29 ? 35  GLU A CB  1 
ATOM   30   N  N   . GLN A 1 12  ? -28.488 -18.654 13.512  1.00 43.98 ? 36  GLN A N   1 
ATOM   31   C  CA  . GLN A 1 12  ? -27.406 -17.651 13.587  1.00 41.97 ? 36  GLN A CA  1 
ATOM   32   C  C   . GLN A 1 12  ? -27.005 -17.303 12.154  1.00 40.78 ? 36  GLN A C   1 
ATOM   33   O  O   . GLN A 1 12  ? -26.454 -18.153 11.450  1.00 41.07 ? 36  GLN A O   1 
ATOM   34   C  CB  . GLN A 1 12  ? -26.164 -18.211 14.283  1.00 38.93 ? 36  GLN A CB  1 
ATOM   35   C  CG  . GLN A 1 12  ? -26.304 -18.445 15.771  1.00 40.58 ? 36  GLN A CG  1 
ATOM   36   N  N   . ARG A 1 13  ? -27.312 -16.092 11.699  1.00 41.15 ? 37  ARG A N   1 
ATOM   37   C  CA  . ARG A 1 13  ? -26.951 -15.687 10.336  1.00 38.67 ? 37  ARG A CA  1 
ATOM   38   C  C   . ARG A 1 13  ? -25.440 -15.709 10.108  1.00 36.67 ? 37  ARG A C   1 
ATOM   39   O  O   . ARG A 1 13  ? -24.632 -15.642 11.051  1.00 35.19 ? 37  ARG A O   1 
ATOM   40   C  CB  . ARG A 1 13  ? -27.512 -14.318 10.009  1.00 40.73 ? 37  ARG A CB  1 
ATOM   41   N  N   . ILE A 1 14  ? -25.069 -15.807 8.840   1.00 35.07 ? 38  ILE A N   1 
ATOM   42   C  CA  . ILE A 1 14  ? -23.661 -15.858 8.446   1.00 33.70 ? 38  ILE A CA  1 
ATOM   43   C  C   . ILE A 1 14  ? -22.923 -14.532 8.703   1.00 30.27 ? 38  ILE A C   1 
ATOM   44   O  O   . ILE A 1 14  ? -23.451 -13.456 8.447   1.00 30.37 ? 38  ILE A O   1 
ATOM   45   C  CB  . ILE A 1 14  ? -23.531 -16.318 6.944   1.00 31.13 ? 38  ILE A CB  1 
ATOM   46   C  CG1 . ILE A 1 14  ? -22.071 -16.524 6.580   1.00 28.36 ? 38  ILE A CG1 1 
ATOM   47   C  CG2 . ILE A 1 14  ? -24.243 -15.333 5.982   1.00 32.19 ? 38  ILE A CG2 1 
ATOM   48   C  CD1 . ILE A 1 14  ? -21.869 -17.023 5.169   1.00 30.76 ? 38  ILE A CD1 1 
ATOM   49   N  N   . ASP A 1 15  ? -21.736 -14.617 9.286   1.00 28.55 ? 39  ASP A N   1 
ATOM   50   C  CA  . ASP A 1 15  ? -20.937 -13.434 9.553   1.00 28.28 ? 39  ASP A CA  1 
ATOM   51   C  C   . ASP A 1 15  ? -19.521 -13.668 9.053   1.00 26.51 ? 39  ASP A C   1 
ATOM   52   O  O   . ASP A 1 15  ? -18.679 -14.290 9.724   1.00 20.05 ? 39  ASP A O   1 
ATOM   53   C  CB  . ASP A 1 15  ? -20.917 -13.093 11.037  1.00 32.35 ? 39  ASP A CB  1 
ATOM   54   C  CG  . ASP A 1 15  ? -20.134 -11.808 11.333  1.00 37.23 ? 39  ASP A CG  1 
ATOM   55   O  OD1 . ASP A 1 15  ? -20.246 -10.841 10.546  1.00 36.02 ? 39  ASP A OD1 1 
ATOM   56   O  OD2 . ASP A 1 15  ? -19.419 -11.772 12.361  1.00 38.71 ? 39  ASP A OD2 1 
ATOM   57   N  N   . LEU A 1 16  ? -19.262 -13.164 7.855   1.00 23.72 ? 40  LEU A N   1 
ATOM   58   C  CA  . LEU A 1 16  ? -17.963 -13.337 7.252   1.00 23.04 ? 40  LEU A CA  1 
ATOM   59   C  C   . LEU A 1 16  ? -16.794 -12.687 8.020   1.00 24.50 ? 40  LEU A C   1 
ATOM   60   O  O   . LEU A 1 16  ? -15.702 -13.247 8.081   1.00 26.11 ? 40  LEU A O   1 
ATOM   61   C  CB  . LEU A 1 16  ? -18.030 -12.879 5.803   1.00 25.15 ? 40  LEU A CB  1 
ATOM   62   C  CG  . LEU A 1 16  ? -18.907 -13.737 4.887   1.00 17.47 ? 40  LEU A CG  1 
ATOM   63   C  CD1 . LEU A 1 16  ? -18.986 -13.104 3.495   1.00 14.70 ? 40  LEU A CD1 1 
ATOM   64   C  CD2 . LEU A 1 16  ? -18.293 -15.119 4.822   1.00 15.26 ? 40  LEU A CD2 1 
ATOM   65   N  N   . ASN A 1 17  ? -17.027 -11.543 8.650   1.00 24.12 ? 41  ASN A N   1 
ATOM   66   C  CA  . ASN A 1 17  ? -15.969 -10.892 9.388   1.00 23.69 ? 41  ASN A CA  1 
ATOM   67   C  C   . ASN A 1 17  ? -15.524 -11.796 10.514  1.00 27.56 ? 41  ASN A C   1 
ATOM   68   O  O   . ASN A 1 17  ? -14.328 -11.989 10.710  1.00 35.70 ? 41  ASN A O   1 
ATOM   69   C  CB  . ASN A 1 17  ? -16.406 -9.538  9.935   1.00 22.77 ? 41  ASN A CB  1 
ATOM   70   C  CG  . ASN A 1 17  ? -16.900 -8.583  8.839   1.00 28.41 ? 41  ASN A CG  1 
ATOM   71   O  OD1 . ASN A 1 17  ? -16.188 -8.268  7.884   1.00 29.28 ? 41  ASN A OD1 1 
ATOM   72   N  ND2 . ASN A 1 17  ? -18.129 -8.121  8.979   1.00 31.67 ? 41  ASN A ND2 1 
ATOM   73   N  N   . GLN A 1 18  ? -16.459 -12.412 11.231  1.00 31.09 ? 42  GLN A N   1 
ATOM   74   C  CA  . GLN A 1 18  ? -16.067 -13.320 12.329  1.00 28.17 ? 42  GLN A CA  1 
ATOM   75   C  C   . GLN A 1 18  ? -15.405 -14.600 11.798  1.00 27.20 ? 42  GLN A C   1 
ATOM   76   O  O   . GLN A 1 18  ? -14.546 -15.204 12.438  1.00 24.97 ? 42  GLN A O   1 
ATOM   77   C  CB  . GLN A 1 18  ? -17.277 -13.683 13.187  1.00 23.45 ? 42  GLN A CB  1 
ATOM   78   N  N   . LEU A 1 19  ? -15.818 -15.003 10.607  1.00 28.78 ? 43  LEU A N   1 
ATOM   79   C  CA  . LEU A 1 19  ? -15.298 -16.209 9.984   1.00 29.40 ? 43  LEU A CA  1 
ATOM   80   C  C   . LEU A 1 19  ? -13.907 -16.063 9.346   1.00 29.90 ? 43  LEU A C   1 
ATOM   81   O  O   . LEU A 1 19  ? -13.064 -16.957 9.458   1.00 29.11 ? 43  LEU A O   1 
ATOM   82   C  CB  . LEU A 1 19  ? -16.299 -16.671 8.912   1.00 27.82 ? 43  LEU A CB  1 
ATOM   83   C  CG  . LEU A 1 19  ? -16.189 -18.083 8.341   1.00 26.88 ? 43  LEU A CG  1 
ATOM   84   C  CD1 . LEU A 1 19  ? -16.584 -19.077 9.413   1.00 27.31 ? 43  LEU A CD1 1 
ATOM   85   C  CD2 . LEU A 1 19  ? -17.067 -18.231 7.124   1.00 26.14 ? 43  LEU A CD2 1 
ATOM   86   N  N   . LEU A 1 20  ? -13.664 -14.924 8.704   1.00 31.14 ? 44  LEU A N   1 
ATOM   87   C  CA  . LEU A 1 20  ? -12.418 -14.678 7.974   1.00 28.03 ? 44  LEU A CA  1 
ATOM   88   C  C   . LEU A 1 20  ? -11.397 -13.649 8.502   1.00 29.14 ? 44  LEU A C   1 
ATOM   89   O  O   . LEU A 1 20  ? -10.272 -13.592 8.002   1.00 26.85 ? 44  LEU A O   1 
ATOM   90   C  CB  . LEU A 1 20  ? -12.798 -14.241 6.566   1.00 25.27 ? 44  LEU A CB  1 
ATOM   91   C  CG  . LEU A 1 20  ? -13.626 -15.165 5.715   1.00 17.50 ? 44  LEU A CG  1 
ATOM   92   C  CD1 . LEU A 1 20  ? -13.932 -14.477 4.392   1.00 15.97 ? 44  LEU A CD1 1 
ATOM   93   C  CD2 . LEU A 1 20  ? -12.807 -16.421 5.520   1.00 15.18 ? 44  LEU A CD2 1 
ATOM   94   N  N   . ILE A 1 21  ? -11.806 -12.811 9.448   1.00 28.84 ? 45  ILE A N   1 
ATOM   95   C  CA  . ILE A 1 21  ? -10.965 -11.762 9.992   1.00 24.31 ? 45  ILE A CA  1 
ATOM   96   C  C   . ILE A 1 21  ? -10.672 -11.907 11.479  1.00 26.94 ? 45  ILE A C   1 
ATOM   97   O  O   . ILE A 1 21  ? -11.573 -11.858 12.314  1.00 31.88 ? 45  ILE A O   1 
ATOM   98   C  CB  . ILE A 1 21  ? -11.641 -10.426 9.773   1.00 25.86 ? 45  ILE A CB  1 
ATOM   99   C  CG1 . ILE A 1 21  ? -11.811 -10.202 8.268   1.00 30.36 ? 45  ILE A CG1 1 
ATOM   100  C  CG2 . ILE A 1 21  ? -10.858 -9.319  10.438  1.00 22.67 ? 45  ILE A CG2 1 
ATOM   101  C  CD1 . ILE A 1 21  ? -12.606 -8.953  7.901   1.00 32.26 ? 45  ILE A CD1 1 
ATOM   102  N  N   . GLN A 1 22  ? -9.391  -12.049 11.799  1.00 26.56 ? 46  GLN A N   1 
ATOM   103  C  CA  . GLN A 1 22  ? -8.940  -12.187 13.164  1.00 25.05 ? 46  GLN A CA  1 
ATOM   104  C  C   . GLN A 1 22  ? -8.760  -10.823 13.798  1.00 26.91 ? 46  GLN A C   1 
ATOM   105  O  O   . GLN A 1 22  ? -9.144  -10.607 14.947  1.00 29.54 ? 46  GLN A O   1 
ATOM   106  C  CB  . GLN A 1 22  ? -7.615  -12.937 13.199  1.00 23.92 ? 46  GLN A CB  1 
ATOM   107  C  CG  . GLN A 1 22  ? -7.717  -14.403 12.830  1.00 29.63 ? 46  GLN A CG  1 
ATOM   108  C  CD  . GLN A 1 22  ? -8.047  -14.633 11.369  1.00 32.46 ? 46  GLN A CD  1 
ATOM   109  O  OE1 . GLN A 1 22  ? -7.646  -13.854 10.515  1.00 33.38 ? 46  GLN A OE1 1 
ATOM   110  N  NE2 . GLN A 1 22  ? -8.772  -15.706 11.070  1.00 36.50 ? 46  GLN A NE2 1 
ATOM   111  N  N   . HIS A 1 23  ? -8.187  -9.899  13.031  1.00 25.33 ? 47  HIS A N   1 
ATOM   112  C  CA  . HIS A 1 23  ? -7.915  -8.542  13.495  1.00 22.24 ? 47  HIS A CA  1 
ATOM   113  C  C   . HIS A 1 23  ? -8.626  -7.490  12.635  1.00 23.76 ? 47  HIS A C   1 
ATOM   114  O  O   . HIS A 1 23  ? -8.001  -6.785  11.832  1.00 26.06 ? 47  HIS A O   1 
ATOM   115  C  CB  . HIS A 1 23  ? -6.407  -8.290  13.483  1.00 18.89 ? 47  HIS A CB  1 
ATOM   116  C  CG  . HIS A 1 23  ? -5.615  -9.346  14.185  1.00 18.22 ? 47  HIS A CG  1 
ATOM   117  N  ND1 . HIS A 1 23  ? -4.772  -10.209 13.519  1.00 22.54 ? 47  HIS A ND1 1 
ATOM   118  C  CD2 . HIS A 1 23  ? -5.569  -9.708  15.489  1.00 16.91 ? 47  HIS A CD2 1 
ATOM   119  C  CE1 . HIS A 1 23  ? -4.244  -11.064 14.379  1.00 19.01 ? 47  HIS A CE1 1 
ATOM   120  N  NE2 . HIS A 1 23  ? -4.712  -10.780 15.583  1.00 21.05 ? 47  HIS A NE2 1 
ATOM   121  N  N   . PRO A 1 24  ? -9.914  -7.252  12.915  1.00 22.09 ? 48  PRO A N   1 
ATOM   122  C  CA  . PRO A 1 24  ? -10.731 -6.288  12.176  1.00 24.79 ? 48  PRO A CA  1 
ATOM   123  C  C   . PRO A 1 24  ? -10.152 -4.891  11.940  1.00 26.29 ? 48  PRO A C   1 
ATOM   124  O  O   . PRO A 1 24  ? -10.385 -4.267  10.896  1.00 28.65 ? 48  PRO A O   1 
ATOM   125  C  CB  . PRO A 1 24  ? -12.009 -6.233  13.016  1.00 20.68 ? 48  PRO A CB  1 
ATOM   126  C  CG  . PRO A 1 24  ? -11.552 -6.589  14.370  1.00 16.04 ? 48  PRO A CG  1 
ATOM   127  C  CD  . PRO A 1 24  ? -10.612 -7.710  14.119  1.00 20.04 ? 48  PRO A CD  1 
ATOM   128  N  N   . SER A 1 25  ? -9.386  -4.423  12.902  1.00 27.45 ? 49  SER A N   1 
ATOM   129  C  CA  . SER A 1 25  ? -8.807  -3.097  12.879  1.00 29.67 ? 49  SER A CA  1 
ATOM   130  C  C   . SER A 1 25  ? -7.484  -2.994  12.159  1.00 31.07 ? 49  SER A C   1 
ATOM   131  O  O   . SER A 1 25  ? -6.944  -1.892  12.018  1.00 34.83 ? 49  SER A O   1 
ATOM   132  C  CB  . SER A 1 25  ? -8.623  -2.665  14.322  1.00 32.75 ? 49  SER A CB  1 
ATOM   133  O  OG  . SER A 1 25  ? -8.591  -3.848  15.126  1.00 38.52 ? 49  SER A OG  1 
ATOM   134  N  N   . ALA A 1 26  ? -6.938  -4.133  11.750  1.00 28.52 ? 50  ALA A N   1 
ATOM   135  C  CA  . ALA A 1 26  ? -5.651  -4.152  11.058  1.00 24.81 ? 50  ALA A CA  1 
ATOM   136  C  C   . ALA A 1 26  ? -5.757  -5.026  9.824   1.00 26.32 ? 50  ALA A C   1 
ATOM   137  O  O   . ALA A 1 26  ? -4.761  -5.608  9.381   1.00 27.24 ? 50  ALA A O   1 
ATOM   138  C  CB  . ALA A 1 26  ? -4.561  -4.675  11.988  1.00 15.21 ? 50  ALA A CB  1 
ATOM   139  N  N   . THR A 1 27  ? -6.968  -5.109  9.268   1.00 25.74 ? 51  THR A N   1 
ATOM   140  C  CA  . THR A 1 27  ? -7.246  -5.937  8.099   1.00 23.24 ? 51  THR A CA  1 
ATOM   141  C  C   . THR A 1 27  ? -7.866  -5.116  7.006   1.00 23.42 ? 51  THR A C   1 
ATOM   142  O  O   . THR A 1 27  ? -8.816  -4.385  7.246   1.00 26.54 ? 51  THR A O   1 
ATOM   143  C  CB  . THR A 1 27  ? -8.243  -7.055  8.448   1.00 22.06 ? 51  THR A CB  1 
ATOM   144  O  OG1 . THR A 1 27  ? -7.672  -7.914  9.440   1.00 23.81 ? 51  THR A OG1 1 
ATOM   145  C  CG2 . THR A 1 27  ? -8.581  -7.878  7.230   1.00 19.72 ? 51  THR A CG2 1 
ATOM   146  N  N   . TYR A 1 28  ? -7.376  -5.269  5.784   1.00 19.99 ? 52  TYR A N   1 
ATOM   147  C  CA  . TYR A 1 28  ? -7.935  -4.507  4.674   1.00 18.25 ? 52  TYR A CA  1 
ATOM   148  C  C   . TYR A 1 28  ? -7.909  -5.385  3.457   1.00 16.86 ? 52  TYR A C   1 
ATOM   149  O  O   . TYR A 1 28  ? -7.296  -6.457  3.489   1.00 14.81 ? 52  TYR A O   1 
ATOM   150  C  CB  . TYR A 1 28  ? -7.143  -3.200  4.430   1.00 21.26 ? 52  TYR A CB  1 
ATOM   151  C  CG  . TYR A 1 28  ? -5.641  -3.372  4.204   1.00 15.64 ? 52  TYR A CG  1 
ATOM   152  C  CD1 . TYR A 1 28  ? -4.780  -3.497  5.285   1.00 15.22 ? 52  TYR A CD1 1 
ATOM   153  C  CD2 . TYR A 1 28  ? -5.096  -3.443  2.908   1.00 14.61 ? 52  TYR A CD2 1 
ATOM   154  C  CE1 . TYR A 1 28  ? -3.416  -3.693  5.101   1.00 18.81 ? 52  TYR A CE1 1 
ATOM   155  C  CE2 . TYR A 1 28  ? -3.725  -3.646  2.704   1.00 12.27 ? 52  TYR A CE2 1 
ATOM   156  C  CZ  . TYR A 1 28  ? -2.892  -3.776  3.819   1.00 17.91 ? 52  TYR A CZ  1 
ATOM   157  O  OH  . TYR A 1 28  ? -1.550  -4.070  3.700   1.00 18.74 ? 52  TYR A OH  1 
ATOM   158  N  N   . PHE A 1 29  ? -8.587  -4.965  2.397   1.00 16.04 ? 53  PHE A N   1 
ATOM   159  C  CA  . PHE A 1 29  ? -8.585  -5.763  1.195   1.00 18.31 ? 53  PHE A CA  1 
ATOM   160  C  C   . PHE A 1 29  ? -7.905  -5.052  0.045   1.00 18.07 ? 53  PHE A C   1 
ATOM   161  O  O   . PHE A 1 29  ? -8.094  -3.867  -0.165  1.00 19.82 ? 53  PHE A O   1 
ATOM   162  C  CB  . PHE A 1 29  ? -10.010 -6.300  0.848   1.00 22.58 ? 53  PHE A CB  1 
ATOM   163  C  CG  . PHE A 1 29  ? -10.781 -5.486  -0.194  1.00 22.55 ? 53  PHE A CG  1 
ATOM   164  C  CD1 . PHE A 1 29  ? -10.590 -5.709  -1.569  1.00 17.97 ? 53  PHE A CD1 1 
ATOM   165  C  CD2 . PHE A 1 29  ? -11.725 -4.535  0.204   1.00 21.92 ? 53  PHE A CD2 1 
ATOM   166  C  CE1 . PHE A 1 29  ? -11.317 -4.994  -2.513  1.00 17.74 ? 53  PHE A CE1 1 
ATOM   167  C  CE2 . PHE A 1 29  ? -12.463 -3.808  -0.731  1.00 16.39 ? 53  PHE A CE2 1 
ATOM   168  C  CZ  . PHE A 1 29  ? -12.265 -4.032  -2.085  1.00 20.91 ? 53  PHE A CZ  1 
ATOM   169  N  N   . VAL A 1 30  ? -7.097  -5.810  -0.681  1.00 20.14 ? 54  VAL A N   1 
ATOM   170  C  CA  . VAL A 1 30  ? -6.346  -5.347  -1.840  1.00 20.17 ? 54  VAL A CA  1 
ATOM   171  C  C   . VAL A 1 30  ? -6.777  -6.187  -3.037  1.00 18.18 ? 54  VAL A C   1 
ATOM   172  O  O   . VAL A 1 30  ? -6.914  -7.383  -2.925  1.00 22.81 ? 54  VAL A O   1 
ATOM   173  C  CB  . VAL A 1 30  ? -4.832  -5.541  -1.604  1.00 15.90 ? 54  VAL A CB  1 
ATOM   174  C  CG1 . VAL A 1 30  ? -4.069  -5.436  -2.909  1.00 19.64 ? 54  VAL A CG1 1 
ATOM   175  C  CG2 . VAL A 1 30  ? -4.344  -4.520  -0.629  1.00 21.75 ? 54  VAL A CG2 1 
ATOM   176  N  N   . LYS A 1 31  ? -6.999  -5.566  -4.175  1.00 17.75 ? 55  LYS A N   1 
ATOM   177  C  CA  . LYS A 1 31  ? -7.386  -6.295  -5.356  1.00 19.36 ? 55  LYS A CA  1 
ATOM   178  C  C   . LYS A 1 31  ? -6.076  -6.707  -6.032  1.00 21.59 ? 55  LYS A C   1 
ATOM   179  O  O   . LYS A 1 31  ? -5.165  -5.905  -6.138  1.00 23.53 ? 55  LYS A O   1 
ATOM   180  C  CB  . LYS A 1 31  ? -8.211  -5.375  -6.258  1.00 21.29 ? 55  LYS A CB  1 
ATOM   181  C  CG  . LYS A 1 31  ? -8.824  -6.042  -7.479  1.00 23.24 ? 55  LYS A CG  1 
ATOM   182  C  CD  . LYS A 1 31  ? -9.787  -5.145  -8.210  1.00 17.42 ? 55  LYS A CD  1 
ATOM   183  C  CE  . LYS A 1 31  ? -10.944 -4.737  -7.348  1.00 18.57 ? 55  LYS A CE  1 
ATOM   184  N  NZ  . LYS A 1 31  ? -11.866 -3.878  -8.147  1.00 23.78 ? 55  LYS A NZ  1 
ATOM   185  N  N   . ALA A 1 32  ? -5.946  -7.974  -6.408  1.00 22.03 ? 56  ALA A N   1 
ATOM   186  C  CA  . ALA A 1 32  ? -4.734  -8.458  -7.053  1.00 19.17 ? 56  ALA A CA  1 
ATOM   187  C  C   . ALA A 1 32  ? -4.672  -8.018  -8.497  1.00 17.81 ? 56  ALA A C   1 
ATOM   188  O  O   . ALA A 1 32  ? -5.686  -7.697  -9.099  1.00 16.74 ? 56  ALA A O   1 
ATOM   189  C  CB  . ALA A 1 32  ? -4.644  -9.942  -6.949  1.00 20.87 ? 56  ALA A CB  1 
ATOM   190  N  N   . SER A 1 33  ? -3.477  -8.049  -9.063  1.00 17.92 ? 57  SER A N   1 
ATOM   191  C  CA  . SER A 1 33  ? -3.277  -7.601  -10.420 1.00 17.17 ? 57  SER A CA  1 
ATOM   192  C  C   . SER A 1 33  ? -2.352  -8.466  -11.172 1.00 18.38 ? 57  SER A C   1 
ATOM   193  O  O   . SER A 1 33  ? -1.334  -8.894  -10.652 1.00 20.04 ? 57  SER A O   1 
ATOM   194  C  CB  . SER A 1 33  ? -2.681  -6.220  -10.412 1.00 19.81 ? 57  SER A CB  1 
ATOM   195  O  OG  . SER A 1 33  ? -3.702  -5.290  -10.146 1.00 27.53 ? 57  SER A OG  1 
ATOM   196  N  N   . GLY A 1 34  ? -2.657  -8.655  -12.439 1.00 17.41 ? 58  GLY A N   1 
ATOM   197  C  CA  . GLY A 1 34  ? -1.810  -9.491  -13.253 1.00 19.43 ? 58  GLY A CA  1 
ATOM   198  C  C   . GLY A 1 34  ? -1.851  -10.925 -12.794 1.00 17.08 ? 58  GLY A C   1 
ATOM   199  O  O   . GLY A 1 34  ? -2.584  -11.284 -11.876 1.00 16.30 ? 58  GLY A O   1 
ATOM   200  N  N   . ASP A 1 35  ? -0.983  -11.731 -13.365 1.00 18.42 ? 59  ASP A N   1 
ATOM   201  C  CA  . ASP A 1 35  ? -0.999  -13.114 -13.012 1.00 24.02 ? 59  ASP A CA  1 
ATOM   202  C  C   . ASP A 1 35  ? 0.313   -13.712 -12.605 1.00 23.51 ? 59  ASP A C   1 
ATOM   203  O  O   . ASP A 1 35  ? 0.545   -14.894 -12.837 1.00 23.79 ? 59  ASP A O   1 
ATOM   204  C  CB  . ASP A 1 35  ? -1.609  -13.894 -14.160 1.00 30.36 ? 59  ASP A CB  1 
ATOM   205  C  CG  . ASP A 1 35  ? -1.099  -13.434 -15.499 1.00 34.74 ? 59  ASP A CG  1 
ATOM   206  O  OD1 . ASP A 1 35  ? 0.120   -13.611 -15.737 1.00 35.93 ? 59  ASP A OD1 1 
ATOM   207  O  OD2 . ASP A 1 35  ? -1.917  -12.886 -16.287 1.00 34.19 ? 59  ASP A OD2 1 
ATOM   208  N  N   . SER A 1 36  ? 1.159   -12.908 -11.974 1.00 24.57 ? 60  SER A N   1 
ATOM   209  C  CA  . SER A 1 36  ? 2.459   -13.360 -11.487 1.00 22.59 ? 60  SER A CA  1 
ATOM   210  C  C   . SER A 1 36  ? 2.243   -14.348 -10.348 1.00 22.10 ? 60  SER A C   1 
ATOM   211  O  O   . SER A 1 36  ? 3.179   -14.992 -9.883  1.00 20.25 ? 60  SER A O   1 
ATOM   212  C  CB  . SER A 1 36  ? 3.268   -12.162 -10.966 1.00 21.19 ? 60  SER A CB  1 
ATOM   213  O  OG  . SER A 1 36  ? 2.653   -11.520 -9.857  1.00 18.30 ? 60  SER A OG  1 
HETATM 214  N  N   . MSE A 1 37  ? 0.996   -14.474 -9.917  1.00 23.50 ? 61  MSE A N   1 
HETATM 215  C  CA  . MSE A 1 37  ? 0.692   -15.340 -8.796  1.00 26.69 ? 61  MSE A CA  1 
HETATM 216  C  C   . MSE A 1 37  ? -0.397  -16.390 -9.029  1.00 26.19 ? 61  MSE A C   1 
HETATM 217  O  O   . MSE A 1 37  ? -0.903  -16.951 -8.043  1.00 27.25 ? 61  MSE A O   1 
HETATM 218  C  CB  . MSE A 1 37  ? 0.336   -14.481 -7.562  1.00 25.10 ? 61  MSE A CB  1 
HETATM 219  C  CG  . MSE A 1 37  ? 1.444   -13.554 -7.075  1.00 20.31 ? 61  MSE A CG  1 
HETATM 220  SE SE  . MSE A 1 37  ? 2.783   -14.411 -6.256  1.00 26.30 ? 61  MSE A SE  1 
HETATM 221  C  CE  . MSE A 1 37  ? 2.086   -14.699 -4.637  1.00 12.86 ? 61  MSE A CE  1 
ATOM   222  N  N   . ILE A 1 38  ? -0.734  -16.689 -10.291 1.00 24.13 ? 62  ILE A N   1 
ATOM   223  C  CA  . ILE A 1 38  ? -1.784  -17.680 -10.569 1.00 23.50 ? 62  ILE A CA  1 
ATOM   224  C  C   . ILE A 1 38  ? -1.581  -19.064 -9.950  1.00 23.65 ? 62  ILE A C   1 
ATOM   225  O  O   . ILE A 1 38  ? -2.479  -19.589 -9.300  1.00 20.84 ? 62  ILE A O   1 
ATOM   226  C  CB  . ILE A 1 38  ? -2.102  -17.845 -12.057 1.00 20.02 ? 62  ILE A CB  1 
ATOM   227  C  CG1 . ILE A 1 38  ? -0.873  -18.191 -12.846 1.00 17.25 ? 62  ILE A CG1 1 
ATOM   228  C  CG2 . ILE A 1 38  ? -2.776  -16.606 -12.596 1.00 22.30 ? 62  ILE A CG2 1 
ATOM   229  C  CD1 . ILE A 1 38  ? -1.155  -18.174 -14.311 1.00 22.44 ? 62  ILE A CD1 1 
ATOM   230  N  N   . ASP A 1 39  ? -0.381  -19.611 -10.058 1.00 24.45 ? 63  ASP A N   1 
ATOM   231  C  CA  . ASP A 1 39  ? -0.132  -20.928 -9.496  1.00 24.85 ? 63  ASP A CA  1 
ATOM   232  C  C   . ASP A 1 39  ? -0.361  -20.930 -7.989  1.00 24.53 ? 63  ASP A C   1 
ATOM   233  O  O   . ASP A 1 39  ? -0.501  -21.991 -7.375  1.00 31.42 ? 63  ASP A O   1 
ATOM   234  C  CB  . ASP A 1 39  ? 1.283   -21.403 -9.855  1.00 24.22 ? 63  ASP A CB  1 
ATOM   235  C  CG  . ASP A 1 39  ? 1.510   -21.484 -11.385 1.00 31.45 ? 63  ASP A CG  1 
ATOM   236  O  OD1 . ASP A 1 39  ? 0.507   -21.555 -12.141 1.00 35.93 ? 63  ASP A OD1 1 
ATOM   237  O  OD2 . ASP A 1 39  ? 2.682   -21.486 -11.845 1.00 33.11 ? 63  ASP A OD2 1 
ATOM   238  N  N   . GLY A 1 40  ? -0.444  -19.747 -7.398  1.00 22.56 ? 64  GLY A N   1 
ATOM   239  C  CA  . GLY A 1 40  ? -0.647  -19.658 -5.964  1.00 20.08 ? 64  GLY A CA  1 
ATOM   240  C  C   . GLY A 1 40  ? -2.095  -19.416 -5.632  1.00 22.82 ? 64  GLY A C   1 
ATOM   241  O  O   . GLY A 1 40  ? -2.436  -19.102 -4.490  1.00 24.59 ? 64  GLY A O   1 
ATOM   242  N  N   . GLY A 1 41  ? -2.942  -19.461 -6.657  1.00 23.47 ? 65  GLY A N   1 
ATOM   243  C  CA  . GLY A 1 41  ? -4.371  -19.274 -6.462  1.00 23.17 ? 65  GLY A CA  1 
ATOM   244  C  C   . GLY A 1 41  ? -4.901  -17.865 -6.607  1.00 24.74 ? 65  GLY A C   1 
ATOM   245  O  O   . GLY A 1 41  ? -6.118  -17.629 -6.465  1.00 21.72 ? 65  GLY A O   1 
ATOM   246  N  N   . ILE A 1 42  ? -4.001  -16.920 -6.861  1.00 23.85 ? 66  ILE A N   1 
ATOM   247  C  CA  . ILE A 1 42  ? -4.411  -15.536 -7.016  1.00 20.47 ? 66  ILE A CA  1 
ATOM   248  C  C   . ILE A 1 42  ? -4.454  -15.213 -8.497  1.00 23.47 ? 66  ILE A C   1 
ATOM   249  O  O   . ILE A 1 42  ? -3.558  -15.595 -9.265  1.00 26.70 ? 66  ILE A O   1 
ATOM   250  C  CB  . ILE A 1 42  ? -3.487  -14.581 -6.240  1.00 20.77 ? 66  ILE A CB  1 
ATOM   251  C  CG1 . ILE A 1 42  ? -3.437  -15.022 -4.776  1.00 24.73 ? 66  ILE A CG1 1 
ATOM   252  C  CG2 . ILE A 1 42  ? -4.019  -13.183 -6.299  1.00 20.30 ? 66  ILE A CG2 1 
ATOM   253  C  CD1 . ILE A 1 42  ? -2.622  -14.153 -3.862  1.00 25.46 ? 66  ILE A CD1 1 
ATOM   254  N  N   . SER A 1 43  ? -5.486  -14.490 -8.898  1.00 20.70 ? 67  SER A N   1 
ATOM   255  C  CA  . SER A 1 43  ? -5.670  -14.134 -10.292 1.00 21.13 ? 67  SER A CA  1 
ATOM   256  C  C   . SER A 1 43  ? -6.107  -12.696 -10.406 1.00 17.86 ? 67  SER A C   1 
ATOM   257  O  O   . SER A 1 43  ? -6.703  -12.133 -9.498  1.00 11.82 ? 67  SER A O   1 
ATOM   258  C  CB  . SER A 1 43  ? -6.720  -15.038 -10.945 1.00 24.83 ? 67  SER A CB  1 
ATOM   259  O  OG  . SER A 1 43  ? -6.370  -16.411 -10.793 1.00 32.01 ? 67  SER A OG  1 
ATOM   260  N  N   . ASP A 1 44  ? -5.834  -12.114 -11.554 1.00 12.96 ? 68  ASP A N   1 
ATOM   261  C  CA  . ASP A 1 44  ? -6.177  -10.749 -11.758 1.00 18.11 ? 68  ASP A CA  1 
ATOM   262  C  C   . ASP A 1 44  ? -7.618  -10.488 -11.366 1.00 19.48 ? 68  ASP A C   1 
ATOM   263  O  O   . ASP A 1 44  ? -8.523  -11.092 -11.919 1.00 26.22 ? 68  ASP A O   1 
ATOM   264  C  CB  . ASP A 1 44  ? -5.946  -10.356 -13.222 1.00 19.90 ? 68  ASP A CB  1 
ATOM   265  C  CG  . ASP A 1 44  ? -6.158  -8.865  -13.467 1.00 21.72 ? 68  ASP A CG  1 
ATOM   266  O  OD1 . ASP A 1 44  ? -5.380  -8.073  -12.894 1.00 24.61 ? 68  ASP A OD1 1 
ATOM   267  O  OD2 . ASP A 1 44  ? -7.101  -8.480  -14.214 1.00 25.38 ? 68  ASP A OD2 1 
ATOM   268  N  N   . GLY A 1 45  ? -7.821  -9.654  -10.354 1.00 18.32 ? 69  GLY A N   1 
ATOM   269  C  CA  . GLY A 1 45  ? -9.155  -9.280  -9.973  1.00 11.19 ? 69  GLY A CA  1 
ATOM   270  C  C   . GLY A 1 45  ? -9.560  -9.691  -8.604  1.00 12.38 ? 69  GLY A C   1 
ATOM   271  O  O   . GLY A 1 45  ? -10.327 -8.984  -7.981  1.00 16.71 ? 69  GLY A O   1 
ATOM   272  N  N   . ASP A 1 46  ? -9.039  -10.802 -8.104  1.00 14.18 ? 70  ASP A N   1 
ATOM   273  C  CA  . ASP A 1 46  ? -9.447  -11.303 -6.787  1.00 13.38 ? 70  ASP A CA  1 
ATOM   274  C  C   . ASP A 1 46  ? -9.239  -10.284 -5.717  1.00 14.09 ? 70  ASP A C   1 
ATOM   275  O  O   . ASP A 1 46  ? -8.544  -9.303  -5.935  1.00 19.19 ? 70  ASP A O   1 
ATOM   276  C  CB  . ASP A 1 46  ? -8.662  -12.548 -6.394  1.00 14.96 ? 70  ASP A CB  1 
ATOM   277  C  CG  . ASP A 1 46  ? -8.737  -13.639 -7.427  1.00 17.04 ? 70  ASP A CG  1 
ATOM   278  O  OD1 . ASP A 1 46  ? -9.740  -13.736 -8.157  1.00 23.59 ? 70  ASP A OD1 1 
ATOM   279  O  OD2 . ASP A 1 46  ? -7.781  -14.409 -7.510  1.00 19.92 ? 70  ASP A OD2 1 
ATOM   280  N  N   . LEU A 1 47  ? -9.887  -10.489 -4.584  1.00 10.98 ? 71  LEU A N   1 
ATOM   281  C  CA  . LEU A 1 47  ? -9.725  -9.612  -3.453  1.00 13.67 ? 71  LEU A CA  1 
ATOM   282  C  C   . LEU A 1 47  ? -8.829  -10.381 -2.537  1.00 18.42 ? 71  LEU A C   1 
ATOM   283  O  O   . LEU A 1 47  ? -9.052  -11.569 -2.303  1.00 22.01 ? 71  LEU A O   1 
ATOM   284  C  CB  . LEU A 1 47  ? -11.013 -9.417  -2.697  1.00 17.77 ? 71  LEU A CB  1 
ATOM   285  C  CG  . LEU A 1 47  ? -12.121 -8.663  -3.380  1.00 26.74 ? 71  LEU A CG  1 
ATOM   286  C  CD1 . LEU A 1 47  ? -12.970 -8.053  -2.270  1.00 25.13 ? 71  LEU A CD1 1 
ATOM   287  C  CD2 . LEU A 1 47  ? -11.522 -7.586  -4.323  1.00 31.73 ? 71  LEU A CD2 1 
ATOM   288  N  N   . LEU A 1 48  ? -7.833  -9.716  -1.980  1.00 18.29 ? 72  LEU A N   1 
ATOM   289  C  CA  . LEU A 1 48  ? -6.941  -10.378 -1.068  1.00 18.94 ? 72  LEU A CA  1 
ATOM   290  C  C   . LEU A 1 48  ? -7.340  -9.747  0.224   1.00 17.80 ? 72  LEU A C   1 
ATOM   291  O  O   . LEU A 1 48  ? -7.703  -8.579  0.231   1.00 19.80 ? 72  LEU A O   1 
ATOM   292  C  CB  . LEU A 1 48  ? -5.487  -10.069 -1.402  1.00 15.28 ? 72  LEU A CB  1 
ATOM   293  C  CG  . LEU A 1 48  ? -5.147  -10.466 -2.824  1.00 15.15 ? 72  LEU A CG  1 
ATOM   294  C  CD1 . LEU A 1 48  ? -3.815  -9.901  -3.221  1.00 17.85 ? 72  LEU A CD1 1 
ATOM   295  C  CD2 . LEU A 1 48  ? -5.207  -11.948 -2.951  1.00 12.48 ? 72  LEU A CD2 1 
ATOM   296  N  N   . ILE A 1 49  ? -7.471  -10.565 1.260   1.00 17.57 ? 73  ILE A N   1 
ATOM   297  C  CA  . ILE A 1 49  ? -7.809  -10.073 2.578   1.00 15.43 ? 73  ILE A CA  1 
ATOM   298  C  C   . ILE A 1 49  ? -6.433  -10.054 3.244   1.00 16.29 ? 73  ILE A C   1 
ATOM   299  O  O   . ILE A 1 49  ? -5.731  -11.074 3.287   1.00 9.38  ? 73  ILE A O   1 
ATOM   300  C  CB  . ILE A 1 49  ? -8.851  -10.994 3.271   1.00 13.20 ? 73  ILE A CB  1 
ATOM   301  C  CG1 . ILE A 1 49  ? -10.152 -10.924 2.486   1.00 14.10 ? 73  ILE A CG1 1 
ATOM   302  C  CG2 . ILE A 1 49  ? -9.131  -10.559 4.693   1.00 10.77 ? 73  ILE A CG2 1 
ATOM   303  C  CD1 . ILE A 1 49  ? -11.227 -11.808 3.015   1.00 15.55 ? 73  ILE A CD1 1 
ATOM   304  N  N   . VAL A 1 50  ? -6.020  -8.849  3.649   1.00 17.48 ? 74  VAL A N   1 
ATOM   305  C  CA  . VAL A 1 50  ? -4.714  -8.611  4.256   1.00 15.99 ? 74  VAL A CA  1 
ATOM   306  C  C   . VAL A 1 50  ? -4.738  -8.260  5.745   1.00 15.55 ? 74  VAL A C   1 
ATOM   307  O  O   . VAL A 1 50  ? -5.466  -7.360  6.167   1.00 17.84 ? 74  VAL A O   1 
ATOM   308  C  CB  . VAL A 1 50  ? -3.964  -7.494  3.479   1.00 10.88 ? 74  VAL A CB  1 
ATOM   309  C  CG1 . VAL A 1 50  ? -2.507  -7.517  3.830   1.00 2.00  ? 74  VAL A CG1 1 
ATOM   310  C  CG2 . VAL A 1 50  ? -4.152  -7.670  1.981   1.00 4.34  ? 74  VAL A CG2 1 
ATOM   311  N  N   . ASP A 1 51  ? -3.896  -8.950  6.516   1.00 16.08 ? 75  ASP A N   1 
ATOM   312  C  CA  . ASP A 1 51  ? -3.789  -8.749  7.964   1.00 19.44 ? 75  ASP A CA  1 
ATOM   313  C  C   . ASP A 1 51  ? -2.457  -8.075  8.223   1.00 18.13 ? 75  ASP A C   1 
ATOM   314  O  O   . ASP A 1 51  ? -1.416  -8.696  8.074   1.00 15.88 ? 75  ASP A O   1 
ATOM   315  C  CB  . ASP A 1 51  ? -3.808  -10.111 8.699   1.00 25.22 ? 75  ASP A CB  1 
ATOM   316  C  CG  . ASP A 1 51  ? -4.161  -10.001 10.204  1.00 27.08 ? 75  ASP A CG  1 
ATOM   317  O  OD1 . ASP A 1 51  ? -4.052  -8.916  10.822  1.00 29.41 ? 75  ASP A OD1 1 
ATOM   318  O  OD2 . ASP A 1 51  ? -4.570  -11.037 10.767  1.00 30.95 ? 75  ASP A OD2 1 
ATOM   319  N  N   . SER A 1 52  ? -2.503  -6.815  8.621   1.00 17.37 ? 76  SER A N   1 
ATOM   320  C  CA  . SER A 1 52  ? -1.292  -6.063  8.891   1.00 21.72 ? 76  SER A CA  1 
ATOM   321  C  C   . SER A 1 52  ? -0.882  -6.146  10.343  1.00 22.74 ? 76  SER A C   1 
ATOM   322  O  O   . SER A 1 52  ? -0.012  -5.405  10.762  1.00 25.42 ? 76  SER A O   1 
ATOM   323  C  CB  . SER A 1 52  ? -1.471  -4.591  8.523   1.00 21.53 ? 76  SER A CB  1 
ATOM   324  O  OG  . SER A 1 52  ? -2.293  -3.944  9.470   1.00 23.25 ? 76  SER A OG  1 
ATOM   325  N  N   . ALA A 1 53  ? -1.539  -6.988  11.131  1.00 21.93 ? 77  ALA A N   1 
ATOM   326  C  CA  . ALA A 1 53  ? -1.173  -7.098  12.539  1.00 20.28 ? 77  ALA A CA  1 
ATOM   327  C  C   . ALA A 1 53  ? -0.344  -8.345  12.817  1.00 22.93 ? 77  ALA A C   1 
ATOM   328  O  O   . ALA A 1 53  ? -0.004  -8.634  13.960  1.00 29.54 ? 77  ALA A O   1 
ATOM   329  C  CB  . ALA A 1 53  ? -2.400  -7.091  13.400  1.00 21.24 ? 77  ALA A CB  1 
ATOM   330  N  N   . ILE A 1 54  ? -0.030  -9.100  11.779  1.00 19.68 ? 78  ILE A N   1 
ATOM   331  C  CA  . ILE A 1 54  ? 0.745   -10.297 11.967  1.00 17.81 ? 78  ILE A CA  1 
ATOM   332  C  C   . ILE A 1 54  ? 2.076   -10.139 11.239  1.00 21.26 ? 78  ILE A C   1 
ATOM   333  O  O   . ILE A 1 54  ? 2.161   -9.506  10.183  1.00 21.67 ? 78  ILE A O   1 
ATOM   334  C  CB  . ILE A 1 54  ? -0.050  -11.585 11.505  1.00 19.92 ? 78  ILE A CB  1 
ATOM   335  C  CG1 . ILE A 1 54  ? -0.372  -11.538 10.020  1.00 17.53 ? 78  ILE A CG1 1 
ATOM   336  C  CG2 . ILE A 1 54  ? -1.380  -11.724 12.308  1.00 20.21 ? 78  ILE A CG2 1 
ATOM   337  C  CD1 . ILE A 1 54  ? -1.081  -12.781 9.559   1.00 23.26 ? 78  ILE A CD1 1 
ATOM   338  N  N   . THR A 1 55  ? 3.136   -10.684 11.817  1.00 21.34 ? 79  THR A N   1 
ATOM   339  C  CA  . THR A 1 55  ? 4.433   -10.566 11.201  1.00 23.67 ? 79  THR A CA  1 
ATOM   340  C  C   . THR A 1 55  ? 4.623   -11.650 10.159  1.00 26.16 ? 79  THR A C   1 
ATOM   341  O  O   . THR A 1 55  ? 4.414   -12.834 10.437  1.00 26.93 ? 79  THR A O   1 
ATOM   342  C  CB  . THR A 1 55  ? 5.569   -10.637 12.249  1.00 24.88 ? 79  THR A CB  1 
ATOM   343  O  OG1 . THR A 1 55  ? 5.308   -9.682  13.289  1.00 30.49 ? 79  THR A OG1 1 
ATOM   344  C  CG2 . THR A 1 55  ? 6.926   -10.311 11.608  1.00 16.15 ? 79  THR A CG2 1 
ATOM   345  N  N   . ALA A 1 56  ? 5.010   -11.218 8.960   1.00 23.96 ? 80  ALA A N   1 
ATOM   346  C  CA  . ALA A 1 56  ? 5.259   -12.109 7.835   1.00 20.58 ? 80  ALA A CA  1 
ATOM   347  C  C   . ALA A 1 56  ? 6.263   -13.189 8.172   1.00 17.37 ? 80  ALA A C   1 
ATOM   348  O  O   . ALA A 1 56  ? 7.116   -13.009 9.047   1.00 17.27 ? 80  ALA A O   1 
ATOM   349  C  CB  . ALA A 1 56  ? 5.760   -11.311 6.634   1.00 19.74 ? 80  ALA A CB  1 
ATOM   350  N  N   . SER A 1 57  ? 6.189   -14.293 7.442   1.00 13.59 ? 81  SER A N   1 
ATOM   351  C  CA  . SER A 1 57  ? 7.116   -15.384 7.640   1.00 15.76 ? 81  SER A CA  1 
ATOM   352  C  C   . SER A 1 57  ? 7.545   -15.971 6.325   1.00 14.60 ? 81  SER A C   1 
ATOM   353  O  O   . SER A 1 57  ? 6.923   -15.735 5.302   1.00 16.01 ? 81  SER A O   1 
ATOM   354  C  CB  . SER A 1 57  ? 6.512   -16.457 8.516   1.00 19.76 ? 81  SER A CB  1 
ATOM   355  O  OG  . SER A 1 57  ? 6.411   -15.970 9.845   1.00 34.51 ? 81  SER A OG  1 
ATOM   356  N  N   . HIS A 1 58  ? 8.645   -16.712 6.346   1.00 17.99 ? 82  HIS A N   1 
ATOM   357  C  CA  . HIS A 1 58  ? 9.160   -17.328 5.135   1.00 20.33 ? 82  HIS A CA  1 
ATOM   358  C  C   . HIS A 1 58  ? 7.968   -18.113 4.621   1.00 23.80 ? 82  HIS A C   1 
ATOM   359  O  O   . HIS A 1 58  ? 7.295   -18.796 5.409   1.00 26.00 ? 82  HIS A O   1 
ATOM   360  C  CB  . HIS A 1 58  ? 10.310  -18.285 5.494   1.00 20.69 ? 82  HIS A CB  1 
ATOM   361  C  CG  . HIS A 1 58  ? 10.961  -18.938 4.307   1.00 21.59 ? 82  HIS A CG  1 
ATOM   362  N  ND1 . HIS A 1 58  ? 10.377  -19.961 3.599   1.00 23.34 ? 82  HIS A ND1 1 
ATOM   363  C  CD2 . HIS A 1 58  ? 12.168  -18.729 3.729   1.00 19.05 ? 82  HIS A CD2 1 
ATOM   364  C  CE1 . HIS A 1 58  ? 11.192  -20.354 2.632   1.00 21.58 ? 82  HIS A CE1 1 
ATOM   365  N  NE2 . HIS A 1 58  ? 12.281  -19.615 2.691   1.00 18.03 ? 82  HIS A NE2 1 
ATOM   366  N  N   . GLY A 1 59  ? 7.608   -17.907 3.367   1.00 21.54 ? 83  GLY A N   1 
ATOM   367  C  CA  . GLY A 1 59  ? 6.499   -18.666 2.821   1.00 18.91 ? 83  GLY A CA  1 
ATOM   368  C  C   . GLY A 1 59  ? 5.206   -17.918 2.681   1.00 18.93 ? 83  GLY A C   1 
ATOM   369  O  O   . GLY A 1 59  ? 4.452   -18.207 1.764   1.00 22.87 ? 83  GLY A O   1 
ATOM   370  N  N   . ASP A 1 60  ? 4.954   -16.947 3.551   1.00 17.22 ? 84  ASP A N   1 
ATOM   371  C  CA  . ASP A 1 60  ? 3.729   -16.169 3.499   1.00 14.32 ? 84  ASP A CA  1 
ATOM   372  C  C   . ASP A 1 60  ? 3.630   -15.411 2.215   1.00 12.53 ? 84  ASP A C   1 
ATOM   373  O  O   . ASP A 1 60  ? 4.615   -15.240 1.537   1.00 20.18 ? 84  ASP A O   1 
ATOM   374  C  CB  . ASP A 1 60  ? 3.664   -15.192 4.660   1.00 14.68 ? 84  ASP A CB  1 
ATOM   375  C  CG  . ASP A 1 60  ? 3.414   -15.879 5.988   1.00 21.47 ? 84  ASP A CG  1 
ATOM   376  O  OD1 . ASP A 1 60  ? 3.227   -17.106 5.999   1.00 26.18 ? 84  ASP A OD1 1 
ATOM   377  O  OD2 . ASP A 1 60  ? 3.387   -15.200 7.034   1.00 26.26 ? 84  ASP A OD2 1 
ATOM   378  N  N   . ILE A 1 61  ? 2.420   -15.032 1.837   1.00 13.57 ? 85  ILE A N   1 
ATOM   379  C  CA  . ILE A 1 61  ? 2.190   -14.242 0.641   1.00 10.08 ? 85  ILE A CA  1 
ATOM   380  C  C   . ILE A 1 61  ? 1.893   -12.887 1.265   1.00 14.32 ? 85  ILE A C   1 
ATOM   381  O  O   . ILE A 1 61  ? 1.129   -12.788 2.233   1.00 10.63 ? 85  ILE A O   1 
ATOM   382  C  CB  . ILE A 1 61  ? 1.021   -14.775 -0.186  1.00 13.95 ? 85  ILE A CB  1 
ATOM   383  C  CG1 . ILE A 1 61  ? 1.470   -16.034 -0.951  1.00 12.56 ? 85  ILE A CG1 1 
ATOM   384  C  CG2 . ILE A 1 61  ? 0.499   -13.694 -1.149  1.00 16.76 ? 85  ILE A CG2 1 
ATOM   385  C  CD1 . ILE A 1 61  ? 0.379   -16.673 -1.808  1.00 11.49 ? 85  ILE A CD1 1 
ATOM   386  N  N   . VAL A 1 62  ? 2.594   -11.860 0.781   1.00 18.72 ? 86  VAL A N   1 
ATOM   387  C  CA  . VAL A 1 62  ? 2.486   -10.513 1.337   1.00 14.69 ? 86  VAL A CA  1 
ATOM   388  C  C   . VAL A 1 62  ? 2.321   -9.387  0.328   1.00 14.08 ? 86  VAL A C   1 
ATOM   389  O  O   . VAL A 1 62  ? 2.615   -9.541  -0.853  1.00 13.58 ? 86  VAL A O   1 
ATOM   390  C  CB  . VAL A 1 62  ? 3.763   -10.182 2.187   1.00 15.32 ? 86  VAL A CB  1 
ATOM   391  C  CG1 . VAL A 1 62  ? 3.904   -11.113 3.396   1.00 9.75  ? 86  VAL A CG1 1 
ATOM   392  C  CG2 . VAL A 1 62  ? 5.008   -10.318 1.326   1.00 9.04  ? 86  VAL A CG2 1 
ATOM   393  N  N   . ILE A 1 63  ? 1.727   -8.298  0.800   1.00 16.24 ? 87  ILE A N   1 
ATOM   394  C  CA  . ILE A 1 63  ? 1.566   -7.075  0.017   1.00 15.70 ? 87  ILE A CA  1 
ATOM   395  C  C   . ILE A 1 63  ? 2.840   -6.357  0.452   1.00 20.20 ? 87  ILE A C   1 
ATOM   396  O  O   . ILE A 1 63  ? 3.034   -6.123  1.656   1.00 18.99 ? 87  ILE A O   1 
ATOM   397  C  CB  . ILE A 1 63  ? 0.443   -6.208  0.533   1.00 13.40 ? 87  ILE A CB  1 
ATOM   398  C  CG1 . ILE A 1 63  ? -0.809  -7.033  0.725   1.00 23.20 ? 87  ILE A CG1 1 
ATOM   399  C  CG2 . ILE A 1 63  ? 0.163   -5.119  -0.436  1.00 14.51 ? 87  ILE A CG2 1 
ATOM   400  C  CD1 . ILE A 1 63  ? -1.302  -7.668  -0.547  1.00 26.99 ? 87  ILE A CD1 1 
ATOM   401  N  N   . ALA A 1 64  ? 3.721   -6.022  -0.483  1.00 19.71 ? 88  ALA A N   1 
ATOM   402  C  CA  . ALA A 1 64  ? 4.963   -5.369  -0.121  1.00 18.91 ? 88  ALA A CA  1 
ATOM   403  C  C   . ALA A 1 64  ? 5.319   -4.337  -1.142  1.00 20.87 ? 88  ALA A C   1 
ATOM   404  O  O   . ALA A 1 64  ? 4.750   -4.310  -2.228  1.00 21.81 ? 88  ALA A O   1 
ATOM   405  C  CB  . ALA A 1 64  ? 6.075   -6.412  -0.003  1.00 17.65 ? 88  ALA A CB  1 
ATOM   406  N  N   . ALA A 1 65  ? 6.277   -3.484  -0.789  1.00 26.38 ? 89  ALA A N   1 
ATOM   407  C  CA  . ALA A 1 65  ? 6.768   -2.426  -1.687  1.00 24.84 ? 89  ALA A CA  1 
ATOM   408  C  C   . ALA A 1 65  ? 8.260   -2.614  -1.842  1.00 20.83 ? 89  ALA A C   1 
ATOM   409  O  O   . ALA A 1 65  ? 8.977   -2.611  -0.843  1.00 21.95 ? 89  ALA A O   1 
ATOM   410  C  CB  . ALA A 1 65  ? 6.489   -1.022  -1.096  1.00 23.50 ? 89  ALA A CB  1 
ATOM   411  N  N   . VAL A 1 66  ? 8.721   -2.875  -3.059  1.00 19.42 ? 90  VAL A N   1 
ATOM   412  C  CA  . VAL A 1 66  ? 10.147  -3.002  -3.281  1.00 19.25 ? 90  VAL A CA  1 
ATOM   413  C  C   . VAL A 1 66  ? 10.524  -1.763  -4.037  1.00 22.99 ? 90  VAL A C   1 
ATOM   414  O  O   . VAL A 1 66  ? 9.936   -1.483  -5.088  1.00 22.89 ? 90  VAL A O   1 
ATOM   415  C  CB  . VAL A 1 66  ? 10.523  -4.139  -4.165  1.00 18.39 ? 90  VAL A CB  1 
ATOM   416  C  CG1 . VAL A 1 66  ? 12.037  -4.316  -4.101  1.00 16.12 ? 90  VAL A CG1 1 
ATOM   417  C  CG2 . VAL A 1 66  ? 9.773   -5.375  -3.775  1.00 19.00 ? 90  VAL A CG2 1 
ATOM   418  N  N   . ASP A 1 67  ? 11.449  -0.994  -3.473  1.00 24.13 ? 91  ASP A N   1 
ATOM   419  C  CA  . ASP A 1 67  ? 11.901  0.230   -4.105  1.00 22.97 ? 91  ASP A CA  1 
ATOM   420  C  C   . ASP A 1 67  ? 10.700  1.121   -4.473  1.00 22.73 ? 91  ASP A C   1 
ATOM   421  O  O   . ASP A 1 67  ? 10.551  1.543   -5.626  1.00 20.42 ? 91  ASP A O   1 
ATOM   422  C  CB  . ASP A 1 67  ? 12.776  -0.106  -5.338  1.00 22.35 ? 91  ASP A CB  1 
ATOM   423  C  CG  . ASP A 1 67  ? 14.067  -0.928  -4.967  1.00 27.73 ? 91  ASP A CG  1 
ATOM   424  O  OD1 . ASP A 1 67  ? 14.415  -1.078  -3.774  1.00 27.69 ? 91  ASP A OD1 1 
ATOM   425  O  OD2 . ASP A 1 67  ? 14.754  -1.431  -5.875  1.00 25.64 ? 91  ASP A OD2 1 
ATOM   426  N  N   . GLY A 1 68  ? 9.818   1.327   -3.491  1.00 22.21 ? 92  GLY A N   1 
ATOM   427  C  CA  . GLY A 1 68  ? 8.640   2.175   -3.659  1.00 19.66 ? 92  GLY A CA  1 
ATOM   428  C  C   . GLY A 1 68  ? 7.488   1.711   -4.534  1.00 21.42 ? 92  GLY A C   1 
ATOM   429  O  O   . GLY A 1 68  ? 6.487   2.421   -4.633  1.00 20.01 ? 92  GLY A O   1 
ATOM   430  N  N   . GLU A 1 69  ? 7.602   0.528   -5.141  1.00 21.42 ? 93  GLU A N   1 
ATOM   431  C  CA  . GLU A 1 69  ? 6.558   -0.023  -6.004  1.00 17.11 ? 93  GLU A CA  1 
ATOM   432  C  C   . GLU A 1 69  ? 5.878   -1.203  -5.333  1.00 19.32 ? 93  GLU A C   1 
ATOM   433  O  O   . GLU A 1 69  ? 6.559   -2.132  -4.885  1.00 24.10 ? 93  GLU A O   1 
ATOM   434  C  CB  . GLU A 1 69  ? 7.197   -0.485  -7.287  1.00 18.57 ? 93  GLU A CB  1 
ATOM   435  C  CG  . GLU A 1 69  ? 7.913   0.654   -7.984  1.00 31.43 ? 93  GLU A CG  1 
ATOM   436  C  CD  . GLU A 1 69  ? 8.538   0.241   -9.300  1.00 34.22 ? 93  GLU A CD  1 
ATOM   437  O  OE1 . GLU A 1 69  ? 7.817   -0.426  -10.070 1.00 33.74 ? 93  GLU A OE1 1 
ATOM   438  O  OE2 . GLU A 1 69  ? 9.730   0.577   -9.562  1.00 37.11 ? 93  GLU A OE2 1 
ATOM   439  N  N   . PHE A 1 70  ? 4.550   -1.175  -5.243  1.00 19.10 ? 94  PHE A N   1 
ATOM   440  C  CA  . PHE A 1 70  ? 3.801   -2.269  -4.601  1.00 21.15 ? 94  PHE A CA  1 
ATOM   441  C  C   . PHE A 1 70  ? 3.679   -3.572  -5.383  1.00 16.87 ? 94  PHE A C   1 
ATOM   442  O  O   . PHE A 1 70  ? 3.606   -3.567  -6.602  1.00 16.20 ? 94  PHE A O   1 
ATOM   443  C  CB  . PHE A 1 70  ? 2.398   -1.822  -4.222  1.00 20.89 ? 94  PHE A CB  1 
ATOM   444  C  CG  . PHE A 1 70  ? 2.347   -0.873  -3.075  1.00 23.95 ? 94  PHE A CG  1 
ATOM   445  C  CD1 . PHE A 1 70  ? 2.424   -1.326  -1.786  1.00 29.61 ? 94  PHE A CD1 1 
ATOM   446  C  CD2 . PHE A 1 70  ? 2.107   0.466   -3.286  1.00 29.26 ? 94  PHE A CD2 1 
ATOM   447  C  CE1 . PHE A 1 70  ? 2.255   -0.452  -0.724  1.00 31.87 ? 94  PHE A CE1 1 
ATOM   448  C  CE2 . PHE A 1 70  ? 1.937   1.328   -2.226  1.00 28.46 ? 94  PHE A CE2 1 
ATOM   449  C  CZ  . PHE A 1 70  ? 2.007   0.870   -0.950  1.00 26.91 ? 94  PHE A CZ  1 
ATOM   450  N  N   . THR A 1 71  ? 3.624   -4.681  -4.654  1.00 19.27 ? 95  THR A N   1 
ATOM   451  C  CA  . THR A 1 71  ? 3.464   -6.016  -5.226  1.00 19.70 ? 95  THR A CA  1 
ATOM   452  C  C   . THR A 1 71  ? 2.874   -6.996  -4.230  1.00 15.31 ? 95  THR A C   1 
ATOM   453  O  O   . THR A 1 71  ? 2.833   -6.746  -3.037  1.00 16.97 ? 95  THR A O   1 
ATOM   454  C  CB  . THR A 1 71  ? 4.789   -6.625  -5.631  1.00 21.72 ? 95  THR A CB  1 
ATOM   455  O  OG1 . THR A 1 71  ? 5.804   -6.201  -4.718  1.00 26.45 ? 95  THR A OG1 1 
ATOM   456  C  CG2 . THR A 1 71  ? 5.125   -6.270  -7.044  1.00 22.11 ? 95  THR A CG2 1 
ATOM   457  N  N   . VAL A 1 72  ? 2.410   -8.122  -4.742  1.00 16.47 ? 96  VAL A N   1 
ATOM   458  C  CA  . VAL A 1 72  ? 1.879   -9.188  -3.911  1.00 14.98 ? 96  VAL A CA  1 
ATOM   459  C  C   . VAL A 1 72  ? 2.796   -10.317 -4.328  1.00 13.94 ? 96  VAL A C   1 
ATOM   460  O  O   . VAL A 1 72  ? 2.903   -10.645 -5.515  1.00 13.06 ? 96  VAL A O   1 
ATOM   461  C  CB  . VAL A 1 72  ? 0.406   -9.511  -4.233  1.00 11.84 ? 96  VAL A CB  1 
ATOM   462  C  CG1 . VAL A 1 72  ? -0.009  -10.769 -3.540  1.00 13.25 ? 96  VAL A CG1 1 
ATOM   463  C  CG2 . VAL A 1 72  ? -0.478  -8.368  -3.761  1.00 9.32  ? 96  VAL A CG2 1 
ATOM   464  N  N   . LYS A 1 73  ? 3.570   -10.821 -3.383  1.00 11.07 ? 97  LYS A N   1 
ATOM   465  C  CA  . LYS A 1 73  ? 4.491   -11.880 -3.710  1.00 9.35  ? 97  LYS A CA  1 
ATOM   466  C  C   . LYS A 1 73  ? 4.667   -12.721 -2.495  1.00 9.46  ? 97  LYS A C   1 
ATOM   467  O  O   . LYS A 1 73  ? 4.208   -12.386 -1.408  1.00 7.21  ? 97  LYS A O   1 
ATOM   468  C  CB  . LYS A 1 73  ? 5.858   -11.315 -4.142  1.00 13.06 ? 97  LYS A CB  1 
ATOM   469  C  CG  . LYS A 1 73  ? 5.878   -10.583 -5.485  1.00 14.08 ? 97  LYS A CG  1 
ATOM   470  C  CD  . LYS A 1 73  ? 5.710   -11.545 -6.638  1.00 16.56 ? 97  LYS A CD  1 
ATOM   471  C  CE  . LYS A 1 73  ? 5.703   -10.847 -7.989  1.00 11.99 ? 97  LYS A CE  1 
ATOM   472  N  NZ  . LYS A 1 73  ? 4.426   -10.119 -8.204  1.00 20.13 ? 97  LYS A NZ  1 
ATOM   473  N  N   . LYS A 1 74  ? 5.344   -13.833 -2.721  1.00 14.76 ? 98  LYS A N   1 
ATOM   474  C  CA  . LYS A 1 74  ? 5.675   -14.805 -1.701  1.00 16.89 ? 98  LYS A CA  1 
ATOM   475  C  C   . LYS A 1 74  ? 7.028   -14.405 -1.111  1.00 13.94 ? 98  LYS A C   1 
ATOM   476  O  O   . LYS A 1 74  ? 8.030   -14.218 -1.816  1.00 14.49 ? 98  LYS A O   1 
ATOM   477  C  CB  . LYS A 1 74  ? 5.728   -16.206 -2.338  1.00 16.00 ? 98  LYS A CB  1 
ATOM   478  C  CG  . LYS A 1 74  ? 5.802   -17.365 -1.372  1.00 15.58 ? 98  LYS A CG  1 
ATOM   479  C  CD  . LYS A 1 74  ? 4.877   -18.479 -1.871  1.00 24.63 ? 98  LYS A CD  1 
ATOM   480  C  CE  . LYS A 1 74  ? 5.188   -19.815 -1.241  1.00 27.68 ? 98  LYS A CE  1 
ATOM   481  N  NZ  . LYS A 1 74  ? 5.988   -20.664 -2.181  1.00 37.26 ? 98  LYS A NZ  1 
ATOM   482  N  N   . LEU A 1 75  ? 7.040   -14.288 0.194   1.00 14.13 ? 99  LEU A N   1 
ATOM   483  C  CA  . LEU A 1 75  ? 8.228   -13.903 0.928   1.00 19.22 ? 99  LEU A CA  1 
ATOM   484  C  C   . LEU A 1 75  ? 9.193   -15.063 1.166   1.00 21.97 ? 99  LEU A C   1 
ATOM   485  O  O   . LEU A 1 75  ? 8.826   -16.103 1.708   1.00 23.46 ? 99  LEU A O   1 
ATOM   486  C  CB  . LEU A 1 75  ? 7.803   -13.296 2.272   1.00 13.68 ? 99  LEU A CB  1 
ATOM   487  C  CG  . LEU A 1 75  ? 8.871   -12.749 3.196   1.00 9.89  ? 99  LEU A CG  1 
ATOM   488  C  CD1 . LEU A 1 75  ? 9.705   -11.667 2.476   1.00 15.42 ? 99  LEU A CD1 1 
ATOM   489  C  CD2 . LEU A 1 75  ? 8.180   -12.204 4.396   1.00 2.00  ? 99  LEU A CD2 1 
ATOM   490  N  N   . GLN A 1 76  ? 10.444  -14.869 0.778   1.00 24.51 ? 100 GLN A N   1 
ATOM   491  C  CA  . GLN A 1 76  ? 11.467  -15.872 1.012   1.00 23.02 ? 100 GLN A CA  1 
ATOM   492  C  C   . GLN A 1 76  ? 12.550  -15.199 1.898   1.00 24.54 ? 100 GLN A C   1 
ATOM   493  O  O   . GLN A 1 76  ? 13.004  -14.102 1.605   1.00 27.89 ? 100 GLN A O   1 
ATOM   494  C  CB  . GLN A 1 76  ? 12.027  -16.357 -0.323  1.00 20.47 ? 100 GLN A CB  1 
ATOM   495  C  CG  . GLN A 1 76  ? 12.214  -17.858 -0.393  1.00 29.80 ? 100 GLN A CG  1 
ATOM   496  C  CD  . GLN A 1 76  ? 10.964  -18.627 -0.861  1.00 30.51 ? 100 GLN A CD  1 
ATOM   497  O  OE1 . GLN A 1 76  ? 11.091  -19.653 -1.533  1.00 35.10 ? 100 GLN A OE1 1 
ATOM   498  N  NE2 . GLN A 1 76  ? 9.768   -18.142 -0.509  1.00 26.94 ? 100 GLN A NE2 1 
ATOM   499  N  N   . LEU A 1 77  ? 12.856  -15.792 3.041   1.00 22.01 ? 101 LEU A N   1 
ATOM   500  C  CA  . LEU A 1 77  ? 13.839  -15.242 3.957   1.00 18.74 ? 101 LEU A CA  1 
ATOM   501  C  C   . LEU A 1 77  ? 15.088  -16.074 3.973   1.00 20.71 ? 101 LEU A C   1 
ATOM   502  O  O   . LEU A 1 77  ? 16.077  -15.666 4.568   1.00 26.36 ? 101 LEU A O   1 
ATOM   503  C  CB  . LEU A 1 77  ? 13.294  -15.180 5.385   1.00 11.27 ? 101 LEU A CB  1 
ATOM   504  C  CG  . LEU A 1 77  ? 11.968  -14.456 5.641   1.00 14.47 ? 101 LEU A CG  1 
ATOM   505  C  CD1 . LEU A 1 77  ? 11.624  -14.580 7.087   1.00 17.24 ? 101 LEU A CD1 1 
ATOM   506  C  CD2 . LEU A 1 77  ? 11.998  -13.008 5.267   1.00 11.94 ? 101 LEU A CD2 1 
ATOM   507  N  N   . ARG A 1 78  ? 15.034  -17.243 3.343   1.00 22.13 ? 102 ARG A N   1 
ATOM   508  C  CA  . ARG A 1 78  ? 16.157  -18.190 3.272   1.00 23.99 ? 102 ARG A CA  1 
ATOM   509  C  C   . ARG A 1 78  ? 16.056  -18.910 1.941   1.00 24.51 ? 102 ARG A C   1 
ATOM   510  O  O   . ARG A 1 78  ? 14.955  -19.207 1.496   1.00 26.58 ? 102 ARG A O   1 
ATOM   511  C  CB  . ARG A 1 78  ? 16.058  -19.239 4.373   1.00 25.24 ? 102 ARG A CB  1 
ATOM   512  C  CG  . ARG A 1 78  ? 16.474  -18.797 5.758   1.00 32.99 ? 102 ARG A CG  1 
ATOM   513  C  CD  . ARG A 1 78  ? 15.826  -19.703 6.820   1.00 39.60 ? 102 ARG A CD  1 
ATOM   514  N  NE  . ARG A 1 78  ? 14.412  -19.357 6.983   1.00 46.61 ? 102 ARG A NE  1 
ATOM   515  C  CZ  . ARG A 1 78  ? 13.465  -20.184 7.425   1.00 54.38 ? 102 ARG A CZ  1 
ATOM   516  N  NH1 . ARG A 1 78  ? 13.755  -21.451 7.772   1.00 55.76 ? 102 ARG A NH1 1 
ATOM   517  N  NH2 . ARG A 1 78  ? 12.206  -19.748 7.513   1.00 56.76 ? 102 ARG A NH2 1 
ATOM   518  N  N   . PRO A 1 79  ? 17.191  -19.203 1.285   1.00 26.26 ? 103 PRO A N   1 
ATOM   519  C  CA  . PRO A 1 79  ? 18.537  -18.879 1.758   1.00 29.57 ? 103 PRO A CA  1 
ATOM   520  C  C   . PRO A 1 79  ? 18.807  -17.373 1.752   1.00 30.81 ? 103 PRO A C   1 
ATOM   521  O  O   . PRO A 1 79  ? 19.725  -16.894 2.430   1.00 32.31 ? 103 PRO A O   1 
ATOM   522  C  CB  . PRO A 1 79  ? 19.429  -19.641 0.773   1.00 27.45 ? 103 PRO A CB  1 
ATOM   523  C  CG  . PRO A 1 79  ? 18.656  -19.570 -0.509  1.00 29.90 ? 103 PRO A CG  1 
ATOM   524  C  CD  . PRO A 1 79  ? 17.231  -19.847 -0.044  1.00 27.56 ? 103 PRO A CD  1 
ATOM   525  N  N   . THR A 1 80  ? 17.989  -16.629 1.006   1.00 32.32 ? 104 THR A N   1 
ATOM   526  C  CA  . THR A 1 80  ? 18.129  -15.180 0.904   1.00 31.59 ? 104 THR A CA  1 
ATOM   527  C  C   . THR A 1 80  ? 16.768  -14.522 0.860   1.00 30.63 ? 104 THR A C   1 
ATOM   528  O  O   . THR A 1 80  ? 15.776  -15.161 0.506   1.00 27.07 ? 104 THR A O   1 
ATOM   529  C  CB  . THR A 1 80  ? 18.942  -14.743 -0.373  1.00 30.76 ? 104 THR A CB  1 
ATOM   530  O  OG1 . THR A 1 80  ? 18.264  -15.141 -1.579  1.00 29.59 ? 104 THR A OG1 1 
ATOM   531  C  CG2 . THR A 1 80  ? 20.378  -15.324 -0.321  1.00 30.00 ? 104 THR A CG2 1 
ATOM   532  N  N   . VAL A 1 81  ? 16.715  -13.249 1.246   1.00 31.06 ? 105 VAL A N   1 
ATOM   533  C  CA  . VAL A 1 81  ? 15.454  -12.524 1.216   1.00 27.83 ? 105 VAL A CA  1 
ATOM   534  C  C   . VAL A 1 81  ? 15.089  -12.220 -0.229  1.00 25.76 ? 105 VAL A C   1 
ATOM   535  O  O   . VAL A 1 81  ? 15.899  -11.662 -0.971  1.00 25.82 ? 105 VAL A O   1 
ATOM   536  C  CB  . VAL A 1 81  ? 15.481  -11.221 2.053   1.00 24.20 ? 105 VAL A CB  1 
ATOM   537  C  CG1 . VAL A 1 81  ? 14.156  -10.516 1.940   1.00 23.82 ? 105 VAL A CG1 1 
ATOM   538  C  CG2 . VAL A 1 81  ? 15.741  -11.536 3.499   1.00 27.97 ? 105 VAL A CG2 1 
ATOM   539  N  N   . GLN A 1 82  ? 13.896  -12.638 -0.629  1.00 19.02 ? 106 GLN A N   1 
ATOM   540  C  CA  . GLN A 1 82  ? 13.404  -12.408 -1.973  1.00 20.07 ? 106 GLN A CA  1 
ATOM   541  C  C   . GLN A 1 82  ? 11.904  -12.269 -2.022  1.00 21.84 ? 106 GLN A C   1 
ATOM   542  O  O   . GLN A 1 82  ? 11.209  -12.562 -1.044  1.00 26.43 ? 106 GLN A O   1 
ATOM   543  C  CB  . GLN A 1 82  ? 13.707  -13.592 -2.863  1.00 19.06 ? 106 GLN A CB  1 
ATOM   544  C  CG  . GLN A 1 82  ? 15.126  -13.880 -3.052  1.00 24.35 ? 106 GLN A CG  1 
ATOM   545  C  CD  . GLN A 1 82  ? 15.318  -14.718 -4.265  1.00 28.84 ? 106 GLN A CD  1 
ATOM   546  O  OE1 . GLN A 1 82  ? 14.991  -14.307 -5.392  1.00 32.53 ? 106 GLN A OE1 1 
ATOM   547  N  NE2 . GLN A 1 82  ? 15.821  -15.917 -4.060  1.00 33.67 ? 106 GLN A NE2 1 
ATOM   548  N  N   . LEU A 1 83  ? 11.410  -11.866 -3.184  1.00 20.57 ? 107 LEU A N   1 
ATOM   549  C  CA  . LEU A 1 83  ? 9.979   -11.778 -3.441  1.00 22.47 ? 107 LEU A CA  1 
ATOM   550  C  C   . LEU A 1 83  ? 9.821   -12.637 -4.700  1.00 24.36 ? 107 LEU A C   1 
ATOM   551  O  O   . LEU A 1 83  ? 10.317  -12.299 -5.779  1.00 21.37 ? 107 LEU A O   1 
ATOM   552  C  CB  . LEU A 1 83  ? 9.503   -10.344 -3.675  1.00 20.84 ? 107 LEU A CB  1 
ATOM   553  C  CG  . LEU A 1 83  ? 9.315   -9.420  -2.469  1.00 18.79 ? 107 LEU A CG  1 
ATOM   554  C  CD1 . LEU A 1 83  ? 8.347   -8.314  -2.900  1.00 18.15 ? 107 LEU A CD1 1 
ATOM   555  C  CD2 . LEU A 1 83  ? 8.749   -10.160 -1.240  1.00 15.64 ? 107 LEU A CD2 1 
ATOM   556  N  N   . ILE A 1 84  ? 9.240   -13.817 -4.527  1.00 27.72 ? 108 ILE A N   1 
ATOM   557  C  CA  . ILE A 1 84  ? 9.075   -14.740 -5.651  1.00 29.40 ? 108 ILE A CA  1 
ATOM   558  C  C   . ILE A 1 84  ? 7.635   -14.903 -6.127  1.00 26.95 ? 108 ILE A C   1 
ATOM   559  O  O   . ILE A 1 84  ? 6.687   -14.929 -5.329  1.00 28.29 ? 108 ILE A O   1 
ATOM   560  C  CB  . ILE A 1 84  ? 9.635   -16.151 -5.332  1.00 28.18 ? 108 ILE A CB  1 
ATOM   561  C  CG1 . ILE A 1 84  ? 8.917   -16.738 -4.121  1.00 23.49 ? 108 ILE A CG1 1 
ATOM   562  C  CG2 . ILE A 1 84  ? 11.147  -16.087 -5.078  1.00 29.53 ? 108 ILE A CG2 1 
ATOM   563  C  CD1 . ILE A 1 84  ? 9.315   -18.146 -3.851  1.00 24.51 ? 108 ILE A CD1 1 
ATOM   564  N  N   . PRO A 1 85  ? 7.455   -14.954 -7.446  1.00 25.46 ? 109 PRO A N   1 
ATOM   565  C  CA  . PRO A 1 85  ? 6.125   -15.123 -8.029  1.00 26.11 ? 109 PRO A CA  1 
ATOM   566  C  C   . PRO A 1 85  ? 5.634   -16.580 -7.838  1.00 26.14 ? 109 PRO A C   1 
ATOM   567  O  O   . PRO A 1 85  ? 6.201   -17.363 -7.051  1.00 23.32 ? 109 PRO A O   1 
ATOM   568  C  CB  . PRO A 1 85  ? 6.382   -14.818 -9.506  1.00 24.53 ? 109 PRO A CB  1 
ATOM   569  C  CG  . PRO A 1 85  ? 7.768   -15.356 -9.701  1.00 21.39 ? 109 PRO A CG  1 
ATOM   570  C  CD  . PRO A 1 85  ? 8.465   -14.771 -8.500  1.00 22.52 ? 109 PRO A CD  1 
HETATM 571  N  N   . MSE A 1 86  ? 4.546   -16.918 -8.523  1.00 23.94 ? 110 MSE A N   1 
HETATM 572  C  CA  . MSE A 1 86  ? 3.982   -18.258 -8.482  1.00 20.87 ? 110 MSE A CA  1 
HETATM 573  C  C   . MSE A 1 86  ? 3.330   -18.408 -9.839  1.00 20.12 ? 110 MSE A C   1 
HETATM 574  O  O   . MSE A 1 86  ? 2.115   -18.541 -9.975  1.00 18.53 ? 110 MSE A O   1 
HETATM 575  C  CB  . MSE A 1 86  ? 2.979   -18.407 -7.348  1.00 20.57 ? 110 MSE A CB  1 
HETATM 576  C  CG  . MSE A 1 86  ? 3.599   -18.349 -5.986  1.00 24.14 ? 110 MSE A CG  1 
HETATM 577  SE SE  . MSE A 1 86  ? 2.416   -18.636 -4.634  1.00 32.00 ? 110 MSE A SE  1 
HETATM 578  C  CE  . MSE A 1 86  ? 2.595   -20.450 -4.571  1.00 32.10 ? 110 MSE A CE  1 
ATOM   579  N  N   . ASN A 1 87  ? 4.192   -18.301 -10.840 1.00 21.30 ? 111 ASN A N   1 
ATOM   580  C  CA  . ASN A 1 87  ? 3.879   -18.376 -12.252 1.00 22.63 ? 111 ASN A CA  1 
ATOM   581  C  C   . ASN A 1 87  ? 5.256   -18.532 -12.912 1.00 25.32 ? 111 ASN A C   1 
ATOM   582  O  O   . ASN A 1 87  ? 6.093   -17.634 -12.884 1.00 23.09 ? 111 ASN A O   1 
ATOM   583  C  CB  . ASN A 1 87  ? 3.200   -17.082 -12.707 1.00 22.43 ? 111 ASN A CB  1 
ATOM   584  C  CG  . ASN A 1 87  ? 2.979   -17.045 -14.188 1.00 23.81 ? 111 ASN A CG  1 
ATOM   585  O  OD1 . ASN A 1 87  ? 3.808   -17.510 -14.955 1.00 29.61 ? 111 ASN A OD1 1 
ATOM   586  N  ND2 . ASN A 1 87  ? 1.861   -16.472 -14.613 1.00 23.45 ? 111 ASN A ND2 1 
ATOM   587  N  N   . SER A 1 88  ? 5.491   -19.706 -13.470 1.00 27.68 ? 112 SER A N   1 
ATOM   588  C  CA  . SER A 1 88  ? 6.746   -20.055 -14.113 1.00 28.27 ? 112 SER A CA  1 
ATOM   589  C  C   . SER A 1 88  ? 7.328   -19.014 -15.037 1.00 26.94 ? 112 SER A C   1 
ATOM   590  O  O   . SER A 1 88  ? 8.524   -19.028 -15.300 1.00 30.55 ? 112 SER A O   1 
ATOM   591  C  CB  . SER A 1 88  ? 6.545   -21.331 -14.920 1.00 30.55 ? 112 SER A CB  1 
ATOM   592  O  OG  . SER A 1 88  ? 5.551   -21.124 -15.934 1.00 35.24 ? 112 SER A OG  1 
ATOM   593  N  N   . ALA A 1 89  ? 6.473   -18.188 -15.620 1.00 26.33 ? 113 ALA A N   1 
ATOM   594  C  CA  . ALA A 1 89  ? 6.922   -17.172 -16.565 1.00 27.62 ? 113 ALA A CA  1 
ATOM   595  C  C   . ALA A 1 89  ? 7.709   -16.027 -15.904 1.00 26.45 ? 113 ALA A C   1 
ATOM   596  O  O   . ALA A 1 89  ? 8.638   -15.475 -16.466 1.00 27.33 ? 113 ALA A O   1 
ATOM   597  C  CB  . ALA A 1 89  ? 5.721   -16.639 -17.336 1.00 24.49 ? 113 ALA A CB  1 
ATOM   598  N  N   . TYR A 1 90  ? 7.346   -15.726 -14.676 1.00 27.28 ? 114 TYR A N   1 
ATOM   599  C  CA  . TYR A 1 90  ? 7.959   -14.661 -13.922 1.00 25.10 ? 114 TYR A CA  1 
ATOM   600  C  C   . TYR A 1 90  ? 9.219   -15.126 -13.209 1.00 29.73 ? 114 TYR A C   1 
ATOM   601  O  O   . TYR A 1 90  ? 9.408   -16.327 -12.951 1.00 29.78 ? 114 TYR A O   1 
ATOM   602  C  CB  . TYR A 1 90  ? 6.945   -14.104 -12.919 1.00 21.07 ? 114 TYR A CB  1 
ATOM   603  C  CG  . TYR A 1 90  ? 5.766   -13.395 -13.575 1.00 25.19 ? 114 TYR A CG  1 
ATOM   604  C  CD1 . TYR A 1 90  ? 4.756   -14.104 -14.201 1.00 25.40 ? 114 TYR A CD1 1 
ATOM   605  C  CD2 . TYR A 1 90  ? 5.682   -12.008 -13.582 1.00 27.85 ? 114 TYR A CD2 1 
ATOM   606  C  CE1 . TYR A 1 90  ? 3.697   -13.455 -14.820 1.00 25.99 ? 114 TYR A CE1 1 
ATOM   607  C  CE2 . TYR A 1 90  ? 4.628   -11.357 -14.196 1.00 29.40 ? 114 TYR A CE2 1 
ATOM   608  C  CZ  . TYR A 1 90  ? 3.634   -12.084 -14.815 1.00 27.18 ? 114 TYR A CZ  1 
ATOM   609  O  OH  . TYR A 1 90  ? 2.563   -11.426 -15.407 1.00 27.78 ? 114 TYR A OH  1 
ATOM   610  N  N   . SER A 1 91  ? 10.115  -14.165 -12.970 1.00 32.67 ? 115 SER A N   1 
ATOM   611  C  CA  . SER A 1 91  ? 11.387  -14.392 -12.277 1.00 30.78 ? 115 SER A CA  1 
ATOM   612  C  C   . SER A 1 91  ? 11.382  -13.655 -10.930 1.00 26.82 ? 115 SER A C   1 
ATOM   613  O  O   . SER A 1 91  ? 10.768  -12.611 -10.787 1.00 26.04 ? 115 SER A O   1 
ATOM   614  C  CB  . SER A 1 91  ? 12.554  -13.933 -13.150 1.00 33.36 ? 115 SER A CB  1 
ATOM   615  O  OG  . SER A 1 91  ? 12.643  -14.728 -14.324 1.00 29.80 ? 115 SER A OG  1 
ATOM   616  N  N   . PRO A 1 92  ? 12.049  -14.221 -9.928  1.00 23.54 ? 116 PRO A N   1 
ATOM   617  C  CA  . PRO A 1 92  ? 12.163  -13.702 -8.568  1.00 28.28 ? 116 PRO A CA  1 
ATOM   618  C  C   . PRO A 1 92  ? 12.782  -12.319 -8.481  1.00 32.91 ? 116 PRO A C   1 
ATOM   619  O  O   . PRO A 1 92  ? 13.304  -11.807 -9.478  1.00 38.94 ? 116 PRO A O   1 
ATOM   620  C  CB  . PRO A 1 92  ? 13.056  -14.731 -7.894  1.00 28.25 ? 116 PRO A CB  1 
ATOM   621  C  CG  . PRO A 1 92  ? 12.783  -15.952 -8.638  1.00 31.68 ? 116 PRO A CG  1 
ATOM   622  C  CD  . PRO A 1 92  ? 12.790  -15.473 -10.053 1.00 27.79 ? 116 PRO A CD  1 
ATOM   623  N  N   . ILE A 1 93  ? 12.746  -11.736 -7.278  1.00 31.67 ? 117 ILE A N   1 
ATOM   624  C  CA  . ILE A 1 93  ? 13.298  -10.409 -6.995  1.00 28.43 ? 117 ILE A CA  1 
ATOM   625  C  C   . ILE A 1 93  ? 14.032  -10.582 -5.698  1.00 28.93 ? 117 ILE A C   1 
ATOM   626  O  O   . ILE A 1 93  ? 13.433  -10.970 -4.708  1.00 30.53 ? 117 ILE A O   1 
ATOM   627  C  CB  . ILE A 1 93  ? 12.182  -9.370  -6.751  1.00 26.38 ? 117 ILE A CB  1 
ATOM   628  C  CG1 . ILE A 1 93  ? 11.716  -8.766  -8.059  1.00 27.74 ? 117 ILE A CG1 1 
ATOM   629  C  CG2 . ILE A 1 93  ? 12.634  -8.296  -5.804  1.00 23.58 ? 117 ILE A CG2 1 
ATOM   630  C  CD1 . ILE A 1 93  ? 10.635  -7.696  -7.859  1.00 36.39 ? 117 ILE A CD1 1 
ATOM   631  N  N   . THR A 1 94  ? 15.333  -10.353 -5.712  1.00 31.89 ? 118 THR A N   1 
ATOM   632  C  CA  . THR A 1 94  ? 16.154  -10.478 -4.504  1.00 32.31 ? 118 THR A CA  1 
ATOM   633  C  C   . THR A 1 94  ? 16.213  -9.118  -3.825  1.00 30.46 ? 118 THR A C   1 
ATOM   634  O  O   . THR A 1 94  ? 16.253  -8.082  -4.499  1.00 33.52 ? 118 THR A O   1 
ATOM   635  C  CB  . THR A 1 94  ? 17.589  -10.925 -4.849  1.00 32.05 ? 118 THR A CB  1 
ATOM   636  O  OG1 . THR A 1 94  ? 17.539  -12.125 -5.642  1.00 31.96 ? 118 THR A OG1 1 
ATOM   637  C  CG2 . THR A 1 94  ? 18.395  -11.180 -3.578  1.00 31.55 ? 118 THR A CG2 1 
ATOM   638  N  N   . ILE A 1 95  ? 16.194  -9.110  -2.503  1.00 27.02 ? 119 ILE A N   1 
ATOM   639  C  CA  . ILE A 1 95  ? 16.237  -7.851  -1.788  1.00 27.85 ? 119 ILE A CA  1 
ATOM   640  C  C   . ILE A 1 95  ? 17.604  -7.615  -1.221  1.00 26.73 ? 119 ILE A C   1 
ATOM   641  O  O   . ILE A 1 95  ? 17.898  -8.009  -0.097  1.00 25.36 ? 119 ILE A O   1 
ATOM   642  C  CB  . ILE A 1 95  ? 15.203  -7.775  -0.666  1.00 30.48 ? 119 ILE A CB  1 
ATOM   643  C  CG1 . ILE A 1 95  ? 13.799  -7.966  -1.248  1.00 30.19 ? 119 ILE A CG1 1 
ATOM   644  C  CG2 . ILE A 1 95  ? 15.334  -6.443  0.084   1.00 27.35 ? 119 ILE A CG2 1 
ATOM   645  C  CD1 . ILE A 1 95  ? 13.491  -7.072  -2.404  1.00 27.07 ? 119 ILE A CD1 1 
ATOM   646  N  N   . SER A 1 96  ? 18.453  -7.010  -2.041  1.00 29.13 ? 120 SER A N   1 
ATOM   647  C  CA  . SER A 1 96  ? 19.805  -6.686  -1.647  1.00 29.59 ? 120 SER A CA  1 
ATOM   648  C  C   . SER A 1 96  ? 19.862  -5.393  -0.825  1.00 30.11 ? 120 SER A C   1 
ATOM   649  O  O   . SER A 1 96  ? 18.881  -4.662  -0.697  1.00 28.26 ? 120 SER A O   1 
ATOM   650  C  CB  . SER A 1 96  ? 20.689  -6.570  -2.888  1.00 29.78 ? 120 SER A CB  1 
ATOM   651  O  OG  . SER A 1 96  ? 20.994  -7.838  -3.441  1.00 32.82 ? 120 SER A OG  1 
ATOM   652  N  N   . SER A 1 97  ? 21.032  -5.125  -0.276  1.00 33.74 ? 121 SER A N   1 
ATOM   653  C  CA  . SER A 1 97  ? 21.287  -3.934  0.524   1.00 37.07 ? 121 SER A CA  1 
ATOM   654  C  C   . SER A 1 97  ? 20.939  -2.612  -0.197  1.00 36.67 ? 121 SER A C   1 
ATOM   655  O  O   . SER A 1 97  ? 20.539  -1.636  0.428   1.00 39.68 ? 121 SER A O   1 
ATOM   656  C  CB  . SER A 1 97  ? 22.771  -3.934  0.909   1.00 41.18 ? 121 SER A CB  1 
ATOM   657  O  OG  . SER A 1 97  ? 23.553  -4.543  -0.133  1.00 45.81 ? 121 SER A OG  1 
ATOM   658  N  N   . GLU A 1 98  ? 21.069  -2.582  -1.512  1.00 33.81 ? 122 GLU A N   1 
ATOM   659  C  CA  . GLU A 1 98  ? 20.765  -1.358  -2.241  1.00 33.87 ? 122 GLU A CA  1 
ATOM   660  C  C   . GLU A 1 98  ? 19.290  -1.321  -2.533  1.00 35.17 ? 122 GLU A C   1 
ATOM   661  O  O   . GLU A 1 98  ? 18.819  -0.452  -3.273  1.00 39.52 ? 122 GLU A O   1 
ATOM   662  C  CB  . GLU A 1 98  ? 21.479  -1.329  -3.581  1.00 35.38 ? 122 GLU A CB  1 
ATOM   663  C  CG  . GLU A 1 98  ? 22.727  -2.153  -3.669  1.00 34.27 ? 122 GLU A CG  1 
ATOM   664  C  CD  . GLU A 1 98  ? 22.415  -3.605  -3.766  1.00 29.22 ? 122 GLU A CD  1 
ATOM   665  O  OE1 . GLU A 1 98  ? 21.866  -4.021  -4.804  1.00 28.88 ? 122 GLU A OE1 1 
ATOM   666  O  OE2 . GLU A 1 98  ? 22.712  -4.318  -2.790  1.00 29.49 ? 122 GLU A OE2 1 
ATOM   667  N  N   . ASP A 1 99  ? 18.573  -2.317  -2.025  1.00 34.73 ? 123 ASP A N   1 
ATOM   668  C  CA  . ASP A 1 99  ? 17.149  -2.436  -2.268  1.00 31.43 ? 123 ASP A CA  1 
ATOM   669  C  C   . ASP A 1 99  ? 16.426  -2.276  -0.946  1.00 28.96 ? 123 ASP A C   1 
ATOM   670  O  O   . ASP A 1 99  ? 16.988  -2.546  0.123   1.00 27.48 ? 123 ASP A O   1 
ATOM   671  C  CB  . ASP A 1 99  ? 16.824  -3.804  -2.899  1.00 30.50 ? 123 ASP A CB  1 
ATOM   672  C  CG  . ASP A 1 99  ? 17.560  -4.051  -4.239  1.00 34.47 ? 123 ASP A CG  1 
ATOM   673  O  OD1 . ASP A 1 99  ? 17.302  -3.319  -5.227  1.00 34.80 ? 123 ASP A OD1 1 
ATOM   674  O  OD2 . ASP A 1 99  ? 18.379  -4.997  -4.313  1.00 30.25 ? 123 ASP A OD2 1 
ATOM   675  N  N   . THR A 1 100 ? 15.219  -1.728  -1.029  1.00 27.50 ? 124 THR A N   1 
ATOM   676  C  CA  . THR A 1 100 ? 14.356  -1.521  0.129   1.00 27.79 ? 124 THR A CA  1 
ATOM   677  C  C   . THR A 1 100 ? 13.130  -2.401  -0.023  1.00 24.92 ? 124 THR A C   1 
ATOM   678  O  O   . THR A 1 100 ? 12.473  -2.404  -1.075  1.00 20.01 ? 124 THR A O   1 
ATOM   679  C  CB  . THR A 1 100 ? 13.841  -0.060  0.244   1.00 26.67 ? 124 THR A CB  1 
ATOM   680  O  OG1 . THR A 1 100 ? 13.639  0.490   -1.058  1.00 30.60 ? 124 THR A OG1 1 
ATOM   681  C  CG2 . THR A 1 100 ? 14.805  0.808   1.002   1.00 32.35 ? 124 THR A CG2 1 
ATOM   682  N  N   . LEU A 1 101 ? 12.848  -3.167  1.020   1.00 22.84 ? 125 LEU A N   1 
ATOM   683  C  CA  . LEU A 1 101 ? 11.676  -4.019  1.024   1.00 25.08 ? 125 LEU A CA  1 
ATOM   684  C  C   . LEU A 1 101 ? 10.803  -3.486  2.131   1.00 26.69 ? 125 LEU A C   1 
ATOM   685  O  O   . LEU A 1 101 ? 11.310  -3.162  3.202   1.00 27.97 ? 125 LEU A O   1 
ATOM   686  C  CB  . LEU A 1 101 ? 12.036  -5.465  1.346   1.00 26.31 ? 125 LEU A CB  1 
ATOM   687  C  CG  . LEU A 1 101 ? 10.818  -6.391  1.374   1.00 23.91 ? 125 LEU A CG  1 
ATOM   688  C  CD1 . LEU A 1 101 ? 10.243  -6.520  -0.039  1.00 17.91 ? 125 LEU A CD1 1 
ATOM   689  C  CD2 . LEU A 1 101 ? 11.219  -7.758  1.936   1.00 29.99 ? 125 LEU A CD2 1 
ATOM   690  N  N   . ASP A 1 102 ? 9.506   -3.384  1.861   1.00 28.85 ? 126 ASP A N   1 
ATOM   691  C  CA  . ASP A 1 102 ? 8.540   -2.913  2.825   1.00 28.39 ? 126 ASP A CA  1 
ATOM   692  C  C   . ASP A 1 102 ? 7.343   -3.861  2.803   1.00 27.37 ? 126 ASP A C   1 
ATOM   693  O  O   . ASP A 1 102 ? 6.624   -3.936  1.797   1.00 26.59 ? 126 ASP A O   1 
ATOM   694  C  CB  . ASP A 1 102 ? 8.095   -1.528  2.423   1.00 33.81 ? 126 ASP A CB  1 
ATOM   695  C  CG  . ASP A 1 102 ? 7.991   -0.593  3.610   1.00 42.13 ? 126 ASP A CG  1 
ATOM   696  O  OD1 . ASP A 1 102 ? 7.151   -0.857  4.516   1.00 43.37 ? 126 ASP A OD1 1 
ATOM   697  O  OD2 . ASP A 1 102 ? 8.751   0.409   3.631   1.00 45.70 ? 126 ASP A OD2 1 
ATOM   698  N  N   . VAL A 1 103 ? 7.156   -4.620  3.882   1.00 22.75 ? 127 VAL A N   1 
ATOM   699  C  CA  . VAL A 1 103 ? 6.048   -5.576  3.993   1.00 19.28 ? 127 VAL A CA  1 
ATOM   700  C  C   . VAL A 1 103 ? 4.866   -4.938  4.734   1.00 17.28 ? 127 VAL A C   1 
ATOM   701  O  O   . VAL A 1 103 ? 4.972   -4.573  5.904   1.00 17.73 ? 127 VAL A O   1 
ATOM   702  C  CB  . VAL A 1 103 ? 6.527   -6.870  4.697   1.00 19.36 ? 127 VAL A CB  1 
ATOM   703  C  CG1 . VAL A 1 103 ? 5.361   -7.813  4.914   1.00 22.11 ? 127 VAL A CG1 1 
ATOM   704  C  CG2 . VAL A 1 103 ? 7.623   -7.564  3.860   1.00 15.92 ? 127 VAL A CG2 1 
ATOM   705  N  N   . PHE A 1 104 ? 3.732   -4.831  4.060   1.00 16.97 ? 128 PHE A N   1 
ATOM   706  C  CA  . PHE A 1 104 ? 2.541   -4.190  4.630   1.00 20.56 ? 128 PHE A CA  1 
ATOM   707  C  C   . PHE A 1 104 ? 1.441   -5.093  5.193   1.00 24.86 ? 128 PHE A C   1 
ATOM   708  O  O   . PHE A 1 104 ? 0.365   -4.605  5.599   1.00 25.29 ? 128 PHE A O   1 
ATOM   709  C  CB  . PHE A 1 104 ? 1.936   -3.249  3.579   1.00 26.05 ? 128 PHE A CB  1 
ATOM   710  C  CG  . PHE A 1 104 ? 2.913   -2.224  3.069   1.00 33.87 ? 128 PHE A CG  1 
ATOM   711  C  CD1 . PHE A 1 104 ? 3.202   -1.084  3.812   1.00 36.51 ? 128 PHE A CD1 1 
ATOM   712  C  CD2 . PHE A 1 104 ? 3.591   -2.430  1.886   1.00 33.36 ? 128 PHE A CD2 1 
ATOM   713  C  CE1 . PHE A 1 104 ? 4.152   -0.191  3.378   1.00 34.48 ? 128 PHE A CE1 1 
ATOM   714  C  CE2 . PHE A 1 104 ? 4.529   -1.534  1.460   1.00 33.88 ? 128 PHE A CE2 1 
ATOM   715  C  CZ  . PHE A 1 104 ? 4.809   -0.420  2.203   1.00 32.80 ? 128 PHE A CZ  1 
ATOM   716  N  N   . GLY A 1 105 ? 1.677   -6.399  5.180   1.00 23.84 ? 129 GLY A N   1 
ATOM   717  C  CA  . GLY A 1 105 ? 0.680   -7.311  5.681   1.00 21.91 ? 129 GLY A CA  1 
ATOM   718  C  C   . GLY A 1 105 ? 0.780   -8.632  4.970   1.00 24.68 ? 129 GLY A C   1 
ATOM   719  O  O   . GLY A 1 105 ? 1.438   -8.740  3.914   1.00 22.52 ? 129 GLY A O   1 
ATOM   720  N  N   . VAL A 1 106 ? 0.172   -9.643  5.600   1.00 26.35 ? 130 VAL A N   1 
ATOM   721  C  CA  . VAL A 1 106 ? 0.126   -11.025 5.109   1.00 22.42 ? 130 VAL A CA  1 
ATOM   722  C  C   . VAL A 1 106 ? -1.241  -11.331 4.490   1.00 20.74 ? 130 VAL A C   1 
ATOM   723  O  O   . VAL A 1 106 ? -2.290  -11.064 5.099   1.00 15.40 ? 130 VAL A O   1 
ATOM   724  C  CB  . VAL A 1 106 ? 0.365   -12.009 6.263   1.00 22.50 ? 130 VAL A CB  1 
ATOM   725  C  CG1 . VAL A 1 106 ? 0.185   -13.425 5.777   1.00 23.88 ? 130 VAL A CG1 1 
ATOM   726  C  CG2 . VAL A 1 106 ? 1.759   -11.810 6.859   1.00 19.72 ? 130 VAL A CG2 1 
ATOM   727  N  N   . VAL A 1 107 ? -1.239  -11.799 3.247   1.00 18.83 ? 131 VAL A N   1 
ATOM   728  C  CA  . VAL A 1 107 ? -2.508  -12.148 2.608   1.00 21.15 ? 131 VAL A CA  1 
ATOM   729  C  C   . VAL A 1 107 ? -2.997  -13.398 3.358   1.00 23.11 ? 131 VAL A C   1 
ATOM   730  O  O   . VAL A 1 107 ? -2.245  -14.391 3.431   1.00 19.32 ? 131 VAL A O   1 
ATOM   731  C  CB  . VAL A 1 107 ? -2.340  -12.488 1.111   1.00 17.64 ? 131 VAL A CB  1 
ATOM   732  C  CG1 . VAL A 1 107 ? -3.687  -12.802 0.504   1.00 17.93 ? 131 VAL A CG1 1 
ATOM   733  C  CG2 . VAL A 1 107 ? -1.670  -11.327 0.371   1.00 14.71 ? 131 VAL A CG2 1 
ATOM   734  N  N   . ILE A 1 108 ? -4.162  -13.294 4.020   1.00 19.65 ? 132 ILE A N   1 
ATOM   735  C  CA  . ILE A 1 108 ? -4.740  -14.419 4.764   1.00 16.68 ? 132 ILE A CA  1 
ATOM   736  C  C   . ILE A 1 108 ? -5.814  -15.195 3.977   1.00 19.81 ? 132 ILE A C   1 
ATOM   737  O  O   . ILE A 1 108 ? -6.013  -16.394 4.204   1.00 25.05 ? 132 ILE A O   1 
ATOM   738  C  CB  . ILE A 1 108 ? -5.284  -13.996 6.146   1.00 13.41 ? 132 ILE A CB  1 
ATOM   739  C  CG1 . ILE A 1 108 ? -6.327  -12.907 6.011   1.00 4.51  ? 132 ILE A CG1 1 
ATOM   740  C  CG2 . ILE A 1 108 ? -4.134  -13.557 7.049   1.00 18.22 ? 132 ILE A CG2 1 
ATOM   741  C  CD1 . ILE A 1 108 ? -6.840  -12.467 7.320   1.00 10.16 ? 132 ILE A CD1 1 
ATOM   742  N  N   . HIS A 1 109 ? -6.506  -14.538 3.053   1.00 17.03 ? 133 HIS A N   1 
ATOM   743  C  CA  . HIS A 1 109 ? -7.520  -15.223 2.258   1.00 15.54 ? 133 HIS A CA  1 
ATOM   744  C  C   . HIS A 1 109 ? -7.573  -14.584 0.923   1.00 13.12 ? 133 HIS A C   1 
ATOM   745  O  O   . HIS A 1 109 ? -7.325  -13.388 0.812   1.00 13.92 ? 133 HIS A O   1 
ATOM   746  C  CB  . HIS A 1 109 ? -8.926  -15.070 2.854   1.00 16.08 ? 133 HIS A CB  1 
ATOM   747  C  CG  . HIS A 1 109 ? -9.103  -15.719 4.175   1.00 14.95 ? 133 HIS A CG  1 
ATOM   748  N  ND1 . HIS A 1 109 ? -9.566  -15.036 5.279   1.00 15.99 ? 133 HIS A ND1 1 
ATOM   749  C  CD2 . HIS A 1 109 ? -8.810  -16.968 4.599   1.00 10.81 ? 133 HIS A CD2 1 
ATOM   750  C  CE1 . HIS A 1 109 ? -9.536  -15.831 6.333   1.00 14.53 ? 133 HIS A CE1 1 
ATOM   751  N  NE2 . HIS A 1 109 ? -9.078  -17.006 5.947   1.00 16.78 ? 133 HIS A NE2 1 
ATOM   752  N  N   . VAL A 1 110 ? -7.975  -15.368 -0.070  1.00 11.20 ? 134 VAL A N   1 
ATOM   753  C  CA  . VAL A 1 110 ? -8.162  -14.884 -1.420  1.00 8.78  ? 134 VAL A CA  1 
ATOM   754  C  C   . VAL A 1 110 ? -9.618  -15.114 -1.720  1.00 12.76 ? 134 VAL A C   1 
ATOM   755  O  O   . VAL A 1 110 ? -10.111 -16.234 -1.584  1.00 15.03 ? 134 VAL A O   1 
ATOM   756  C  CB  . VAL A 1 110 ? -7.389  -15.666 -2.450  1.00 8.59  ? 134 VAL A CB  1 
ATOM   757  C  CG1 . VAL A 1 110 ? -7.481  -14.943 -3.775  1.00 3.97  ? 134 VAL A CG1 1 
ATOM   758  C  CG2 . VAL A 1 110 ? -5.942  -15.891 -2.000  1.00 10.59 ? 134 VAL A CG2 1 
ATOM   759  N  N   . VAL A 1 111 ? -10.315 -14.056 -2.100  1.00 16.25 ? 135 VAL A N   1 
ATOM   760  C  CA  . VAL A 1 111 ? -11.719 -14.152 -2.447  1.00 17.20 ? 135 VAL A CA  1 
ATOM   761  C  C   . VAL A 1 111 ? -11.858 -14.134 -3.965  1.00 17.03 ? 135 VAL A C   1 
ATOM   762  O  O   . VAL A 1 111 ? -11.635 -13.109 -4.593  1.00 20.24 ? 135 VAL A O   1 
ATOM   763  C  CB  . VAL A 1 111 ? -12.516 -12.989 -1.832  1.00 15.30 ? 135 VAL A CB  1 
ATOM   764  C  CG1 . VAL A 1 111 ? -13.945 -12.991 -2.354  1.00 19.97 ? 135 VAL A CG1 1 
ATOM   765  C  CG2 . VAL A 1 111 ? -12.482 -13.072 -0.313  1.00 19.44 ? 135 VAL A CG2 1 
ATOM   766  N  N   . LYS A 1 112 ? -12.192 -15.273 -4.556  1.00 19.85 ? 136 LYS A N   1 
ATOM   767  C  CA  . LYS A 1 112 ? -12.350 -15.352 -5.997  1.00 22.70 ? 136 LYS A CA  1 
ATOM   768  C  C   . LYS A 1 112 ? -13.803 -15.156 -6.413  1.00 26.46 ? 136 LYS A C   1 
ATOM   769  O  O   . LYS A 1 112 ? -14.653 -14.829 -5.542  1.00 30.26 ? 136 LYS A O   1 
ATOM   770  C  CB  . LYS A 1 112 ? -11.845 -16.703 -6.493  1.00 18.97 ? 136 LYS A CB  1 
ATOM   771  C  CG  . LYS A 1 112 ? -10.539 -17.119 -5.854  1.00 21.95 ? 136 LYS A CG  1 
ATOM   772  C  CD  . LYS A 1 112 ? -9.739  -18.065 -6.725  1.00 23.15 ? 136 LYS A CD  1 
ATOM   773  C  CE  . LYS A 1 112 ? -8.802  -17.290 -7.628  1.00 25.10 ? 136 LYS A CE  1 
ATOM   774  N  NZ  . LYS A 1 112 ? -8.006  -18.182 -8.542  1.00 30.19 ? 136 LYS A NZ  1 
ATOM   775  N  N   . ASP B 1 8   ? 38.850  24.479  16.939  1.00 46.38 ? 32  ASP B N   1 
ATOM   776  C  CA  . ASP B 1 8   ? 38.355  24.795  15.561  1.00 47.06 ? 32  ASP B CA  1 
ATOM   777  C  C   . ASP B 1 8   ? 36.918  24.311  15.354  1.00 45.93 ? 32  ASP B C   1 
ATOM   778  O  O   . ASP B 1 8   ? 36.262  23.867  16.301  1.00 48.77 ? 32  ASP B O   1 
ATOM   779  C  CB  . ASP B 1 8   ? 39.290  24.239  14.475  1.00 42.65 ? 32  ASP B CB  1 
ATOM   780  N  N   . TYR B 1 9   ? 36.441  24.418  14.124  1.00 42.78 ? 33  TYR B N   1 
ATOM   781  C  CA  . TYR B 1 9   ? 35.080  24.058  13.763  1.00 39.32 ? 33  TYR B CA  1 
ATOM   782  C  C   . TYR B 1 9   ? 34.976  22.659  13.199  1.00 40.94 ? 33  TYR B C   1 
ATOM   783  O  O   . TYR B 1 9   ? 35.872  22.213  12.454  1.00 40.30 ? 33  TYR B O   1 
ATOM   784  C  CB  . TYR B 1 9   ? 34.598  25.070  12.732  1.00 32.51 ? 33  TYR B CB  1 
ATOM   785  C  CG  . TYR B 1 9   ? 33.263  24.781  12.157  1.00 26.50 ? 33  TYR B CG  1 
ATOM   786  C  CD1 . TYR B 1 9   ? 32.125  24.801  12.948  1.00 26.23 ? 33  TYR B CD1 1 
ATOM   787  C  CD2 . TYR B 1 9   ? 33.132  24.489  10.816  1.00 28.87 ? 33  TYR B CD2 1 
ATOM   788  C  CE1 . TYR B 1 9   ? 30.867  24.535  12.412  1.00 27.73 ? 33  TYR B CE1 1 
ATOM   789  C  CE2 . TYR B 1 9   ? 31.887  24.216  10.265  1.00 33.32 ? 33  TYR B CE2 1 
ATOM   790  C  CZ  . TYR B 1 9   ? 30.756  24.238  11.067  1.00 27.85 ? 33  TYR B CZ  1 
ATOM   791  O  OH  . TYR B 1 9   ? 29.537  23.940  10.514  1.00 24.76 ? 33  TYR B OH  1 
ATOM   792  N  N   . VAL B 1 10  ? 33.881  21.970  13.546  1.00 39.97 ? 34  VAL B N   1 
ATOM   793  C  CA  . VAL B 1 10  ? 33.638  20.609  13.059  1.00 36.00 ? 34  VAL B CA  1 
ATOM   794  C  C   . VAL B 1 10  ? 32.314  20.508  12.305  1.00 37.88 ? 34  VAL B C   1 
ATOM   795  O  O   . VAL B 1 10  ? 31.230  20.686  12.871  1.00 38.54 ? 34  VAL B O   1 
ATOM   796  C  CB  . VAL B 1 10  ? 33.656  19.552  14.174  1.00 34.12 ? 34  VAL B CB  1 
ATOM   797  C  CG1 . VAL B 1 10  ? 33.861  18.161  13.564  1.00 30.16 ? 34  VAL B CG1 1 
ATOM   798  C  CG2 . VAL B 1 10  ? 34.766  19.856  15.167  1.00 36.48 ? 34  VAL B CG2 1 
ATOM   799  N  N   . GLU B 1 11  ? 32.437  20.213  11.014  1.00 37.31 ? 35  GLU B N   1 
ATOM   800  C  CA  . GLU B 1 11  ? 31.317  20.070  10.085  1.00 37.09 ? 35  GLU B CA  1 
ATOM   801  C  C   . GLU B 1 11  ? 30.308  19.002  10.470  1.00 35.32 ? 35  GLU B C   1 
ATOM   802  O  O   . GLU B 1 11  ? 30.614  17.815  10.398  1.00 34.33 ? 35  GLU B O   1 
ATOM   803  C  CB  . GLU B 1 11  ? 31.869  19.775  8.696   1.00 37.62 ? 35  GLU B CB  1 
ATOM   804  C  CG  . GLU B 1 11  ? 33.150  18.935  8.733   1.00 39.39 ? 35  GLU B CG  1 
ATOM   805  N  N   . GLN B 1 12  ? 29.099  19.443  10.831  1.00 36.22 ? 36  GLN B N   1 
ATOM   806  C  CA  . GLN B 1 12  ? 27.997  18.554  11.252  1.00 37.97 ? 36  GLN B CA  1 
ATOM   807  C  C   . GLN B 1 12  ? 27.189  17.946  10.096  1.00 36.97 ? 36  GLN B C   1 
ATOM   808  O  O   . GLN B 1 12  ? 26.145  18.476  9.720   1.00 35.80 ? 36  GLN B O   1 
ATOM   809  C  CB  . GLN B 1 12  ? 27.067  19.295  12.209  1.00 39.06 ? 36  GLN B CB  1 
ATOM   810  N  N   . ARG B 1 13  ? 27.672  16.817  9.580   1.00 36.44 ? 37  ARG B N   1 
ATOM   811  C  CA  . ARG B 1 13  ? 27.074  16.087  8.449   1.00 39.54 ? 37  ARG B CA  1 
ATOM   812  C  C   . ARG B 1 13  ? 25.535  16.101  8.299   1.00 39.61 ? 37  ARG B C   1 
ATOM   813  O  O   . ARG B 1 13  ? 24.783  15.865  9.267   1.00 37.70 ? 37  ARG B O   1 
ATOM   814  C  CB  . ARG B 1 13  ? 27.570  14.629  8.466   1.00 40.02 ? 37  ARG B CB  1 
ATOM   815  C  CG  . ARG B 1 13  ? 27.790  13.996  7.099   1.00 33.39 ? 37  ARG B CG  1 
ATOM   816  C  CD  . ARG B 1 13  ? 28.308  12.583  7.263   1.00 35.13 ? 37  ARG B CD  1 
ATOM   817  N  NE  . ARG B 1 13  ? 29.436  12.306  6.373   1.00 40.38 ? 37  ARG B NE  1 
ATOM   818  C  CZ  . ARG B 1 13  ? 29.877  11.077  6.066   1.00 44.64 ? 37  ARG B CZ  1 
ATOM   819  N  NH1 . ARG B 1 13  ? 29.291  9.983   6.584   1.00 44.13 ? 37  ARG B NH1 1 
ATOM   820  N  NH2 . ARG B 1 13  ? 30.880  10.934  5.193   1.00 40.19 ? 37  ARG B NH2 1 
ATOM   821  N  N   . ILE B 1 14  ? 25.091  16.334  7.057   1.00 37.60 ? 38  ILE B N   1 
ATOM   822  C  CA  . ILE B 1 14  ? 23.666  16.388  6.700   1.00 37.77 ? 38  ILE B CA  1 
ATOM   823  C  C   . ILE B 1 14  ? 22.957  15.085  7.096   1.00 34.19 ? 38  ILE B C   1 
ATOM   824  O  O   . ILE B 1 14  ? 23.536  14.014  6.991   1.00 34.87 ? 38  ILE B O   1 
ATOM   825  C  CB  . ILE B 1 14  ? 23.491  16.625  5.153   1.00 37.33 ? 38  ILE B CB  1 
ATOM   826  C  CG1 . ILE B 1 14  ? 22.003  16.693  4.773   1.00 37.43 ? 38  ILE B CG1 1 
ATOM   827  C  CG2 . ILE B 1 14  ? 24.192  15.524  4.361   1.00 34.22 ? 38  ILE B CG2 1 
ATOM   828  C  CD1 . ILE B 1 14  ? 21.738  17.131  3.330   1.00 35.91 ? 38  ILE B CD1 1 
ATOM   829  N  N   . ASP B 1 15  ? 21.735  15.183  7.603   1.00 30.74 ? 39  ASP B N   1 
ATOM   830  C  CA  . ASP B 1 15  ? 20.980  14.000  7.980   1.00 28.68 ? 39  ASP B CA  1 
ATOM   831  C  C   . ASP B 1 15  ? 19.553  14.167  7.522   1.00 27.01 ? 39  ASP B C   1 
ATOM   832  O  O   . ASP B 1 15  ? 18.715  14.759  8.213   1.00 25.64 ? 39  ASP B O   1 
ATOM   833  C  CB  . ASP B 1 15  ? 21.002  13.747  9.481   1.00 29.08 ? 39  ASP B CB  1 
ATOM   834  C  CG  . ASP B 1 15  ? 20.138  12.559  9.873   1.00 34.06 ? 39  ASP B CG  1 
ATOM   835  O  OD1 . ASP B 1 15  ? 20.219  11.499  9.216   1.00 29.19 ? 39  ASP B OD1 1 
ATOM   836  O  OD2 . ASP B 1 15  ? 19.347  12.696  10.821  1.00 39.63 ? 39  ASP B OD2 1 
ATOM   837  N  N   . LEU B 1 16  ? 19.278  13.617  6.348   1.00 24.29 ? 40  LEU B N   1 
ATOM   838  C  CA  . LEU B 1 16  ? 17.954  13.707  5.756   1.00 24.22 ? 40  LEU B CA  1 
ATOM   839  C  C   . LEU B 1 16  ? 16.801  13.188  6.617   1.00 25.61 ? 40  LEU B C   1 
ATOM   840  O  O   . LEU B 1 16  ? 15.773  13.850  6.712   1.00 26.33 ? 40  LEU B O   1 
ATOM   841  C  CB  . LEU B 1 16  ? 17.962  13.050  4.391   1.00 23.21 ? 40  LEU B CB  1 
ATOM   842  C  CG  . LEU B 1 16  ? 18.680  13.894  3.343   1.00 21.12 ? 40  LEU B CG  1 
ATOM   843  C  CD1 . LEU B 1 16  ? 18.704  13.157  2.008   1.00 26.97 ? 40  LEU B CD1 1 
ATOM   844  C  CD2 . LEU B 1 16  ? 17.935  15.204  3.196   1.00 22.73 ? 40  LEU B CD2 1 
ATOM   845  N  N   . ASN B 1 17  ? 17.000  12.068  7.316   1.00 25.78 ? 41  ASN B N   1 
ATOM   846  C  CA  . ASN B 1 17  ? 15.951  11.504  8.169   1.00 25.35 ? 41  ASN B CA  1 
ATOM   847  C  C   . ASN B 1 17  ? 15.502  12.466  9.267   1.00 24.22 ? 41  ASN B C   1 
ATOM   848  O  O   . ASN B 1 17  ? 14.326  12.569  9.540   1.00 29.93 ? 41  ASN B O   1 
ATOM   849  C  CB  . ASN B 1 17  ? 16.387  10.190  8.795   1.00 23.11 ? 41  ASN B CB  1 
ATOM   850  C  CG  . ASN B 1 17  ? 16.854  9.184   7.774   1.00 27.17 ? 41  ASN B CG  1 
ATOM   851  O  OD1 . ASN B 1 17  ? 16.101  8.732   6.902   1.00 22.64 ? 41  ASN B OD1 1 
ATOM   852  N  ND2 . ASN B 1 17  ? 18.121  8.823   7.871   1.00 29.83 ? 41  ASN B ND2 1 
ATOM   853  N  N   . GLN B 1 18  ? 16.425  13.180  9.892   1.00 26.70 ? 42  GLN B N   1 
ATOM   854  C  CA  . GLN B 1 18  ? 16.032  14.126  10.934  1.00 27.04 ? 42  GLN B CA  1 
ATOM   855  C  C   . GLN B 1 18  ? 15.363  15.343  10.308  1.00 27.36 ? 42  GLN B C   1 
ATOM   856  O  O   . GLN B 1 18  ? 14.448  15.939  10.874  1.00 30.98 ? 42  GLN B O   1 
ATOM   857  C  CB  . GLN B 1 18  ? 17.248  14.589  11.737  1.00 27.12 ? 42  GLN B CB  1 
ATOM   858  N  N   . LEU B 1 19  ? 15.819  15.691  9.121   1.00 27.39 ? 43  LEU B N   1 
ATOM   859  C  CA  . LEU B 1 19  ? 15.310  16.845  8.415   1.00 29.01 ? 43  LEU B CA  1 
ATOM   860  C  C   . LEU B 1 19  ? 13.922  16.647  7.839   1.00 28.34 ? 43  LEU B C   1 
ATOM   861  O  O   . LEU B 1 19  ? 13.071  17.525  7.951   1.00 28.74 ? 43  LEU B O   1 
ATOM   862  C  CB  . LEU B 1 19  ? 16.281  17.198  7.270   1.00 34.65 ? 43  LEU B CB  1 
ATOM   863  C  CG  . LEU B 1 19  ? 16.284  18.618  6.693   1.00 34.18 ? 43  LEU B CG  1 
ATOM   864  C  CD1 . LEU B 1 19  ? 16.809  19.554  7.758   1.00 32.34 ? 43  LEU B CD1 1 
ATOM   865  C  CD2 . LEU B 1 19  ? 17.158  18.684  5.457   1.00 31.54 ? 43  LEU B CD2 1 
ATOM   866  N  N   . LEU B 1 20  ? 13.688  15.471  7.270   1.00 26.20 ? 44  LEU B N   1 
ATOM   867  C  CA  . LEU B 1 20  ? 12.433  15.164  6.597   1.00 26.09 ? 44  LEU B CA  1 
ATOM   868  C  C   . LEU B 1 20  ? 11.428  14.219  7.268   1.00 28.76 ? 44  LEU B C   1 
ATOM   869  O  O   . LEU B 1 20  ? 10.245  14.197  6.898   1.00 29.55 ? 44  LEU B O   1 
ATOM   870  C  CB  . LEU B 1 20  ? 12.775  14.591  5.219   1.00 24.45 ? 44  LEU B CB  1 
ATOM   871  C  CG  . LEU B 1 20  ? 13.620  15.428  4.273   1.00 18.35 ? 44  LEU B CG  1 
ATOM   872  C  CD1 . LEU B 1 20  ? 13.889  14.631  3.030   1.00 19.77 ? 44  LEU B CD1 1 
ATOM   873  C  CD2 . LEU B 1 20  ? 12.872  16.702  3.938   1.00 22.37 ? 44  LEU B CD2 1 
ATOM   874  N  N   . ILE B 1 21  ? 11.888  13.448  8.244   1.00 29.04 ? 45  ILE B N   1 
ATOM   875  C  CA  . ILE B 1 21  ? 11.041  12.462  8.891   1.00 29.20 ? 45  ILE B CA  1 
ATOM   876  C  C   . ILE B 1 21  ? 10.794  12.709  10.370  1.00 29.82 ? 45  ILE B C   1 
ATOM   877  O  O   . ILE B 1 21  ? 11.719  12.722  11.171  1.00 32.73 ? 45  ILE B O   1 
ATOM   878  C  CB  . ILE B 1 21  ? 11.640  11.035  8.714   1.00 25.81 ? 45  ILE B CB  1 
ATOM   879  C  CG1 . ILE B 1 21  ? 11.684  10.655  7.232   1.00 26.87 ? 45  ILE B CG1 1 
ATOM   880  C  CG2 . ILE B 1 21  ? 10.845  10.033  9.489   1.00 21.70 ? 45  ILE B CG2 1 
ATOM   881  C  CD1 . ILE B 1 21  ? 12.475  9.391   6.935   1.00 26.75 ? 45  ILE B CD1 1 
ATOM   882  N  N   . GLN B 1 22  ? 9.524   12.849  10.728  1.00 31.17 ? 46  GLN B N   1 
ATOM   883  C  CA  . GLN B 1 22  ? 9.144   13.065  12.102  1.00 26.68 ? 46  GLN B CA  1 
ATOM   884  C  C   . GLN B 1 22  ? 8.951   11.732  12.793  1.00 28.49 ? 46  GLN B C   1 
ATOM   885  O  O   . GLN B 1 22  ? 9.392   11.566  13.920  1.00 30.41 ? 46  GLN B O   1 
ATOM   886  C  CB  . GLN B 1 22  ? 7.851   13.840  12.178  1.00 27.59 ? 46  GLN B CB  1 
ATOM   887  C  CG  . GLN B 1 22  ? 7.953   15.276  11.748  1.00 34.34 ? 46  GLN B CG  1 
ATOM   888  C  CD  . GLN B 1 22  ? 8.178   15.460  10.240  1.00 42.55 ? 46  GLN B CD  1 
ATOM   889  O  OE1 . GLN B 1 22  ? 7.875   14.567  9.408   1.00 43.09 ? 46  GLN B OE1 1 
ATOM   890  N  NE2 . GLN B 1 22  ? 8.717   16.631  9.882   1.00 42.13 ? 46  GLN B NE2 1 
ATOM   891  N  N   . HIS B 1 23  ? 8.326   10.775  12.106  1.00 27.48 ? 47  HIS B N   1 
ATOM   892  C  CA  . HIS B 1 23  ? 8.037   9.454   12.686  1.00 22.98 ? 47  HIS B CA  1 
ATOM   893  C  C   . HIS B 1 23  ? 8.730   8.334   11.925  1.00 23.27 ? 47  HIS B C   1 
ATOM   894  O  O   . HIS B 1 23  ? 8.072   7.545   11.250  1.00 21.73 ? 47  HIS B O   1 
ATOM   895  C  CB  . HIS B 1 23  ? 6.518   9.229   12.683  1.00 24.88 ? 47  HIS B CB  1 
ATOM   896  C  CG  . HIS B 1 23  ? 5.732   10.349  13.303  1.00 22.06 ? 47  HIS B CG  1 
ATOM   897  N  ND1 . HIS B 1 23  ? 5.011   11.257  12.558  1.00 24.81 ? 47  HIS B ND1 1 
ATOM   898  C  CD2 . HIS B 1 23  ? 5.567   10.716  14.597  1.00 19.19 ? 47  HIS B CD2 1 
ATOM   899  C  CE1 . HIS B 1 23  ? 4.433   12.136  13.360  1.00 20.42 ? 47  HIS B CE1 1 
ATOM   900  N  NE2 . HIS B 1 23  ? 4.755   11.829  14.604  1.00 23.15 ? 47  HIS B NE2 1 
ATOM   901  N  N   . PRO B 1 24  ? 10.040  8.159   12.137  1.00 23.52 ? 48  PRO B N   1 
ATOM   902  C  CA  . PRO B 1 24  ? 10.842  7.141   11.474  1.00 24.07 ? 48  PRO B CA  1 
ATOM   903  C  C   . PRO B 1 24  ? 10.241  5.743   11.328  1.00 28.75 ? 48  PRO B C   1 
ATOM   904  O  O   . PRO B 1 24  ? 10.387  5.117   10.265  1.00 31.62 ? 48  PRO B O   1 
ATOM   905  C  CB  . PRO B 1 24  ? 12.134  7.139   12.281  1.00 18.45 ? 48  PRO B CB  1 
ATOM   906  C  CG  . PRO B 1 24  ? 11.712  7.567   13.606  1.00 10.89 ? 48  PRO B CG  1 
ATOM   907  C  CD  . PRO B 1 24  ? 10.785  8.690   13.300  1.00 20.12 ? 48  PRO B CD  1 
ATOM   908  N  N   . SER B 1 25  ? 9.531   5.292   12.367  1.00 28.82 ? 49  SER B N   1 
ATOM   909  C  CA  . SER B 1 25  ? 8.919   3.954   12.412  1.00 30.84 ? 49  SER B CA  1 
ATOM   910  C  C   . SER B 1 25  ? 7.598   3.787   11.693  1.00 29.91 ? 49  SER B C   1 
ATOM   911  O  O   . SER B 1 25  ? 7.094   2.669   11.566  1.00 32.14 ? 49  SER B O   1 
ATOM   912  C  CB  . SER B 1 25  ? 8.715   3.528   13.867  1.00 31.54 ? 49  SER B CB  1 
ATOM   913  O  OG  . SER B 1 25  ? 8.814   4.660   14.723  1.00 38.07 ? 49  SER B OG  1 
ATOM   914  N  N   . ALA B 1 26  ? 7.014   4.897   11.270  1.00 28.21 ? 50  ALA B N   1 
ATOM   915  C  CA  . ALA B 1 26  ? 5.733   4.865   10.610  1.00 23.95 ? 50  ALA B CA  1 
ATOM   916  C  C   . ALA B 1 26  ? 5.840   5.586   9.312   1.00 24.44 ? 50  ALA B C   1 
ATOM   917  O  O   . ALA B 1 26  ? 4.840   6.081   8.813   1.00 27.54 ? 50  ALA B O   1 
ATOM   918  C  CB  . ALA B 1 26  ? 4.702   5.566   11.483  1.00 22.58 ? 50  ALA B CB  1 
ATOM   919  N  N   . THR B 1 27  ? 7.046   5.685   8.776   1.00 23.95 ? 51  THR B N   1 
ATOM   920  C  CA  . THR B 1 27  ? 7.257   6.416   7.532   1.00 23.83 ? 51  THR B CA  1 
ATOM   921  C  C   . THR B 1 27  ? 7.861   5.513   6.498   1.00 22.14 ? 51  THR B C   1 
ATOM   922  O  O   . THR B 1 27  ? 8.800   4.788   6.793   1.00 26.06 ? 51  THR B O   1 
ATOM   923  C  CB  . THR B 1 27  ? 8.221   7.634   7.739   1.00 21.18 ? 51  THR B CB  1 
ATOM   924  O  OG1 . THR B 1 27  ? 7.664   8.553   8.695   1.00 17.70 ? 51  THR B OG1 1 
ATOM   925  C  CG2 . THR B 1 27  ? 8.445   8.362   6.435   1.00 17.60 ? 51  THR B CG2 1 
ATOM   926  N  N   . TYR B 1 28  ? 7.366   5.597   5.273   1.00 17.67 ? 52  TYR B N   1 
ATOM   927  C  CA  . TYR B 1 28  ? 7.903   4.774   4.213   1.00 18.02 ? 52  TYR B CA  1 
ATOM   928  C  C   . TYR B 1 28  ? 7.839   5.602   2.938   1.00 17.33 ? 52  TYR B C   1 
ATOM   929  O  O   . TYR B 1 28  ? 7.249   6.684   2.947   1.00 15.22 ? 52  TYR B O   1 
ATOM   930  C  CB  . TYR B 1 28  ? 7.114   3.434   4.115   1.00 15.50 ? 52  TYR B CB  1 
ATOM   931  C  CG  . TYR B 1 28  ? 5.625   3.575   3.877   1.00 15.02 ? 52  TYR B CG  1 
ATOM   932  C  CD1 . TYR B 1 28  ? 5.112   3.728   2.591   1.00 15.62 ? 52  TYR B CD1 1 
ATOM   933  C  CD2 . TYR B 1 28  ? 4.744   3.643   4.939   1.00 17.75 ? 52  TYR B CD2 1 
ATOM   934  C  CE1 . TYR B 1 28  ? 3.774   3.959   2.374   1.00 16.55 ? 52  TYR B CE1 1 
ATOM   935  C  CE2 . TYR B 1 28  ? 3.398   3.882   4.726   1.00 18.50 ? 52  TYR B CE2 1 
ATOM   936  C  CZ  . TYR B 1 28  ? 2.917   4.033   3.443   1.00 18.10 ? 52  TYR B CZ  1 
ATOM   937  O  OH  . TYR B 1 28  ? 1.565   4.233   3.223   1.00 21.15 ? 52  TYR B OH  1 
ATOM   938  N  N   . PHE B 1 29  ? 8.470   5.119   1.868   1.00 17.25 ? 53  PHE B N   1 
ATOM   939  C  CA  . PHE B 1 29  ? 8.438   5.829   0.592   1.00 18.57 ? 53  PHE B CA  1 
ATOM   940  C  C   . PHE B 1 29  ? 7.762   4.990   -0.497  1.00 16.13 ? 53  PHE B C   1 
ATOM   941  O  O   . PHE B 1 29  ? 8.002   3.796   -0.630  1.00 15.46 ? 53  PHE B O   1 
ATOM   942  C  CB  . PHE B 1 29  ? 9.843   6.370   0.172   1.00 15.54 ? 53  PHE B CB  1 
ATOM   943  C  CG  . PHE B 1 29  ? 10.598  5.494   -0.822  1.00 17.44 ? 53  PHE B CG  1 
ATOM   944  C  CD1 . PHE B 1 29  ? 10.422  5.659   -2.202  1.00 13.14 ? 53  PHE B CD1 1 
ATOM   945  C  CD2 . PHE B 1 29  ? 11.486  4.521   -0.382  1.00 19.46 ? 53  PHE B CD2 1 
ATOM   946  C  CE1 . PHE B 1 29  ? 11.111  4.871   -3.106  1.00 10.33 ? 53  PHE B CE1 1 
ATOM   947  C  CE2 . PHE B 1 29  ? 12.179  3.726   -1.291  1.00 17.30 ? 53  PHE B CE2 1 
ATOM   948  C  CZ  . PHE B 1 29  ? 11.993  3.902   -2.648  1.00 13.46 ? 53  PHE B CZ  1 
ATOM   949  N  N   . VAL B 1 30  ? 6.945   5.665   -1.291  1.00 17.01 ? 54  VAL B N   1 
ATOM   950  C  CA  . VAL B 1 30  ? 6.184   5.071   -2.367  1.00 18.84 ? 54  VAL B CA  1 
ATOM   951  C  C   . VAL B 1 30  ? 6.615   5.839   -3.607  1.00 22.14 ? 54  VAL B C   1 
ATOM   952  O  O   . VAL B 1 30  ? 6.928   7.024   -3.522  1.00 23.24 ? 54  VAL B O   1 
ATOM   953  C  CB  . VAL B 1 30  ? 4.657   5.293   -2.113  1.00 14.32 ? 54  VAL B CB  1 
ATOM   954  C  CG1 . VAL B 1 30  ? 3.863   5.209   -3.376  1.00 17.48 ? 54  VAL B CG1 1 
ATOM   955  C  CG2 . VAL B 1 30  ? 4.152   4.307   -1.101  1.00 19.33 ? 54  VAL B CG2 1 
ATOM   956  N  N   . LYS B 1 31  ? 6.662   5.172   -4.750  1.00 21.12 ? 55  LYS B N   1 
ATOM   957  C  CA  . LYS B 1 31  ? 7.037   5.845   -5.978  1.00 21.72 ? 55  LYS B CA  1 
ATOM   958  C  C   . LYS B 1 31  ? 5.736   6.177   -6.710  1.00 22.23 ? 55  LYS B C   1 
ATOM   959  O  O   . LYS B 1 31  ? 4.895   5.306   -6.885  1.00 20.35 ? 55  LYS B O   1 
ATOM   960  C  CB  . LYS B 1 31  ? 7.927   4.928   -6.794  1.00 22.34 ? 55  LYS B CB  1 
ATOM   961  C  CG  . LYS B 1 31  ? 8.546   5.544   -8.015  1.00 23.46 ? 55  LYS B CG  1 
ATOM   962  C  CD  . LYS B 1 31  ? 9.422   4.487   -8.702  1.00 30.61 ? 55  LYS B CD  1 
ATOM   963  C  CE  . LYS B 1 31  ? 10.551  3.994   -7.757  1.00 33.83 ? 55  LYS B CE  1 
ATOM   964  N  NZ  . LYS B 1 31  ? 11.381  2.876   -8.360  1.00 34.96 ? 55  LYS B NZ  1 
ATOM   965  N  N   . ALA B 1 32  ? 5.540   7.448   -7.055  1.00 21.02 ? 56  ALA B N   1 
ATOM   966  C  CA  . ALA B 1 32  ? 4.325   7.893   -7.732  1.00 15.36 ? 56  ALA B CA  1 
ATOM   967  C  C   . ALA B 1 32  ? 4.259   7.345   -9.129  1.00 16.47 ? 56  ALA B C   1 
ATOM   968  O  O   . ALA B 1 32  ? 5.303   7.100   -9.752  1.00 12.79 ? 56  ALA B O   1 
ATOM   969  C  CB  . ALA B 1 32  ? 4.252   9.380   -7.766  1.00 13.67 ? 56  ALA B CB  1 
ATOM   970  N  N   . SER B 1 33  ? 3.040   7.300   -9.661  1.00 15.38 ? 57  SER B N   1 
ATOM   971  C  CA  . SER B 1 33  ? 2.783   6.741   -10.975 1.00 18.27 ? 57  SER B CA  1 
ATOM   972  C  C   . SER B 1 33  ? 1.840   7.569   -11.819 1.00 20.00 ? 57  SER B C   1 
ATOM   973  O  O   . SER B 1 33  ? 0.840   8.084   -11.334 1.00 22.89 ? 57  SER B O   1 
ATOM   974  C  CB  . SER B 1 33  ? 2.176   5.354   -10.811 1.00 21.57 ? 57  SER B CB  1 
ATOM   975  O  OG  . SER B 1 33  ? 3.044   4.355   -11.313 1.00 31.50 ? 57  SER B OG  1 
ATOM   976  N  N   . GLY B 1 34  ? 2.130   7.650   -13.111 1.00 20.46 ? 58  GLY B N   1 
ATOM   977  C  CA  . GLY B 1 34  ? 1.276   8.407   -14.000 1.00 14.52 ? 58  GLY B CA  1 
ATOM   978  C  C   . GLY B 1 34  ? 1.307   9.839   -13.575 1.00 15.59 ? 58  GLY B C   1 
ATOM   979  O  O   . GLY B 1 34  ? 2.039   10.196  -12.652 1.00 14.99 ? 58  GLY B O   1 
ATOM   980  N  N   . ASP B 1 35  ? 0.472   10.649  -14.202 1.00 17.57 ? 59  ASP B N   1 
ATOM   981  C  CA  . ASP B 1 35  ? 0.456   12.060  -13.883 1.00 24.65 ? 59  ASP B CA  1 
ATOM   982  C  C   . ASP B 1 35  ? -0.880  12.640  -13.478 1.00 22.65 ? 59  ASP B C   1 
ATOM   983  O  O   . ASP B 1 35  ? -1.177  13.797  -13.768 1.00 25.78 ? 59  ASP B O   1 
ATOM   984  C  CB  . ASP B 1 35  ? 1.062   12.858  -15.034 1.00 25.72 ? 59  ASP B CB  1 
ATOM   985  C  CG  . ASP B 1 35  ? 0.723   12.282  -16.350 1.00 28.78 ? 59  ASP B CG  1 
ATOM   986  O  OD1 . ASP B 1 35  ? -0.488  12.153  -16.612 1.00 37.84 ? 59  ASP B OD1 1 
ATOM   987  O  OD2 . ASP B 1 35  ? 1.656   11.918  -17.089 1.00 27.88 ? 59  ASP B OD2 1 
ATOM   988  N  N   . SER B 1 36  ? -1.657  11.853  -12.748 1.00 20.63 ? 60  SER B N   1 
ATOM   989  C  CA  . SER B 1 36  ? -2.949  12.288  -12.261 1.00 19.13 ? 60  SER B CA  1 
ATOM   990  C  C   . SER B 1 36  ? -2.723  13.346  -11.210 1.00 19.90 ? 60  SER B C   1 
ATOM   991  O  O   . SER B 1 36  ? -3.664  13.967  -10.741 1.00 21.23 ? 60  SER B O   1 
ATOM   992  C  CB  . SER B 1 36  ? -3.681  11.113  -11.612 1.00 17.15 ? 60  SER B CB  1 
ATOM   993  O  OG  . SER B 1 36  ? -2.915  10.509  -10.581 1.00 13.13 ? 60  SER B OG  1 
HETATM 994  N  N   . MSE B 1 37  ? -1.462  13.564  -10.862 1.00 25.19 ? 61  MSE B N   1 
HETATM 995  C  CA  . MSE B 1 37  ? -1.105  14.525  -9.825  1.00 26.84 ? 61  MSE B CA  1 
HETATM 996  C  C   . MSE B 1 37  ? 0.019   15.533  -10.151 1.00 24.38 ? 61  MSE B C   1 
HETATM 997  O  O   . MSE B 1 37  ? 0.648   16.043  -9.229  1.00 24.27 ? 61  MSE B O   1 
HETATM 998  C  CB  . MSE B 1 37  ? -0.778  13.757  -8.521  1.00 28.31 ? 61  MSE B CB  1 
HETATM 999  C  CG  . MSE B 1 37  ? -1.953  12.944  -7.931  1.00 21.06 ? 61  MSE B CG  1 
HETATM 1000 SE SE  . MSE B 1 37  ? -3.276  13.954  -7.182  1.00 25.44 ? 61  MSE B SE  1 
HETATM 1001 C  CE  . MSE B 1 37  ? -2.446  14.386  -5.649  1.00 9.30  ? 61  MSE B CE  1 
ATOM   1002 N  N   . ILE B 1 38  ? 0.239   15.855  -11.430 1.00 24.43 ? 62  ILE B N   1 
ATOM   1003 C  CA  . ILE B 1 38  ? 1.276   16.822  -11.815 1.00 23.88 ? 62  ILE B CA  1 
ATOM   1004 C  C   . ILE B 1 38  ? 1.073   18.261  -11.327 1.00 23.83 ? 62  ILE B C   1 
ATOM   1005 O  O   . ILE B 1 38  ? 2.000   18.883  -10.809 1.00 24.39 ? 62  ILE B O   1 
ATOM   1006 C  CB  . ILE B 1 38  ? 1.522   16.864  -13.308 1.00 22.61 ? 62  ILE B CB  1 
ATOM   1007 C  CG1 . ILE B 1 38  ? 0.229   17.113  -14.069 1.00 28.25 ? 62  ILE B CG1 1 
ATOM   1008 C  CG2 . ILE B 1 38  ? 2.162   15.594  -13.743 1.00 27.38 ? 62  ILE B CG2 1 
ATOM   1009 C  CD1 . ILE B 1 38  ? 0.422   17.096  -15.585 1.00 33.40 ? 62  ILE B CD1 1 
ATOM   1010 N  N   . ASP B 1 39  ? -0.136  18.790  -11.433 1.00 19.40 ? 63  ASP B N   1 
ATOM   1011 C  CA  . ASP B 1 39  ? -0.368  20.143  -10.967 1.00 19.67 ? 63  ASP B CA  1 
ATOM   1012 C  C   . ASP B 1 39  ? -0.149  20.243  -9.465  1.00 18.81 ? 63  ASP B C   1 
ATOM   1013 O  O   . ASP B 1 39  ? -0.199  21.319  -8.896  1.00 19.60 ? 63  ASP B O   1 
ATOM   1014 C  CB  . ASP B 1 39  ? -1.783  20.599  -11.316 1.00 24.51 ? 63  ASP B CB  1 
ATOM   1015 C  CG  . ASP B 1 39  ? -2.061  20.575  -12.813 1.00 31.19 ? 63  ASP B CG  1 
ATOM   1016 O  OD1 . ASP B 1 39  ? -1.074  20.568  -13.584 1.00 37.58 ? 63  ASP B OD1 1 
ATOM   1017 O  OD2 . ASP B 1 39  ? -3.257  20.573  -13.223 1.00 31.05 ? 63  ASP B OD2 1 
ATOM   1018 N  N   . GLY B 1 40  ? 0.058   19.116  -8.806  1.00 18.49 ? 64  GLY B N   1 
ATOM   1019 C  CA  . GLY B 1 40  ? 0.267   19.145  -7.371  1.00 14.55 ? 64  GLY B CA  1 
ATOM   1020 C  C   . GLY B 1 40  ? 1.711   18.891  -7.036  1.00 18.51 ? 64  GLY B C   1 
ATOM   1021 O  O   . GLY B 1 40  ? 2.059   18.627  -5.880  1.00 22.27 ? 64  GLY B O   1 
ATOM   1022 N  N   . GLY B 1 41  ? 2.557   18.916  -8.059  1.00 18.66 ? 65  GLY B N   1 
ATOM   1023 C  CA  . GLY B 1 41  ? 3.970   18.707  -7.847  1.00 17.41 ? 65  GLY B CA  1 
ATOM   1024 C  C   . GLY B 1 41  ? 4.455   17.291  -7.953  1.00 20.05 ? 65  GLY B C   1 
ATOM   1025 O  O   . GLY B 1 41  ? 5.659   17.055  -7.916  1.00 23.66 ? 65  GLY B O   1 
ATOM   1026 N  N   . ILE B 1 42  ? 3.547   16.339  -8.114  1.00 20.82 ? 66  ILE B N   1 
ATOM   1027 C  CA  . ILE B 1 42  ? 3.941   14.935  -8.214  1.00 20.52 ? 66  ILE B CA  1 
ATOM   1028 C  C   . ILE B 1 42  ? 3.944   14.485  -9.667  1.00 20.34 ? 66  ILE B C   1 
ATOM   1029 O  O   . ILE B 1 42  ? 3.024   14.775  -10.422 1.00 20.42 ? 66  ILE B O   1 
ATOM   1030 C  CB  . ILE B 1 42  ? 3.042   14.037  -7.344  1.00 21.03 ? 66  ILE B CB  1 
ATOM   1031 C  CG1 . ILE B 1 42  ? 3.012   14.577  -5.903  1.00 18.06 ? 66  ILE B CG1 1 
ATOM   1032 C  CG2 . ILE B 1 42  ? 3.584   12.626  -7.334  1.00 20.12 ? 66  ILE B CG2 1 
ATOM   1033 C  CD1 . ILE B 1 42  ? 2.226   13.748  -4.954  1.00 14.57 ? 66  ILE B CD1 1 
ATOM   1034 N  N   . SER B 1 43  ? 4.992   13.782  -10.054 1.00 19.48 ? 67  SER B N   1 
ATOM   1035 C  CA  . SER B 1 43  ? 5.136   13.321  -11.418 1.00 20.47 ? 67  SER B CA  1 
ATOM   1036 C  C   . SER B 1 43  ? 5.584   11.875  -11.413 1.00 19.04 ? 67  SER B C   1 
ATOM   1037 O  O   . SER B 1 43  ? 6.173   11.394  -10.447 1.00 17.24 ? 67  SER B O   1 
ATOM   1038 C  CB  . SER B 1 43  ? 6.157   14.194  -12.153 1.00 26.47 ? 67  SER B CB  1 
ATOM   1039 O  OG  . SER B 1 43  ? 5.837   15.581  -12.030 1.00 29.51 ? 67  SER B OG  1 
ATOM   1040 N  N   . ASP B 1 44  ? 5.271   11.171  -12.483 1.00 17.68 ? 68  ASP B N   1 
ATOM   1041 C  CA  . ASP B 1 44  ? 5.633   9.774   -12.587 1.00 20.77 ? 68  ASP B CA  1 
ATOM   1042 C  C   . ASP B 1 44  ? 7.113   9.540   -12.251 1.00 20.64 ? 68  ASP B C   1 
ATOM   1043 O  O   . ASP B 1 44  ? 8.010   10.109  -12.883 1.00 21.38 ? 68  ASP B O   1 
ATOM   1044 C  CB  . ASP B 1 44  ? 5.284   9.287   -14.006 1.00 23.07 ? 68  ASP B CB  1 
ATOM   1045 C  CG  . ASP B 1 44  ? 5.630   7.836   -14.240 1.00 16.41 ? 68  ASP B CG  1 
ATOM   1046 O  OD1 . ASP B 1 44  ? 5.113   6.969   -13.518 1.00 18.63 ? 68  ASP B OD1 1 
ATOM   1047 O  OD2 . ASP B 1 44  ? 6.415   7.570   -15.168 1.00 25.37 ? 68  ASP B OD2 1 
ATOM   1048 N  N   . GLY B 1 45  ? 7.359   8.783   -11.193 1.00 19.53 ? 69  GLY B N   1 
ATOM   1049 C  CA  . GLY B 1 45  ? 8.733   8.494   -10.840 1.00 16.80 ? 69  GLY B CA  1 
ATOM   1050 C  C   . GLY B 1 45  ? 9.189   9.005   -9.496  1.00 15.59 ? 69  GLY B C   1 
ATOM   1051 O  O   . GLY B 1 45  ? 10.010  8.348   -8.852  1.00 19.94 ? 69  GLY B O   1 
ATOM   1052 N  N   . ASP B 1 46  ? 8.659   10.137  -9.051  1.00 11.73 ? 70  ASP B N   1 
ATOM   1053 C  CA  . ASP B 1 46  ? 9.052   10.721  -7.769  1.00 15.91 ? 70  ASP B CA  1 
ATOM   1054 C  C   . ASP B 1 46  ? 8.866   9.806   -6.593  1.00 14.41 ? 70  ASP B C   1 
ATOM   1055 O  O   . ASP B 1 46  ? 8.043   8.914   -6.631  1.00 22.75 ? 70  ASP B O   1 
ATOM   1056 C  CB  . ASP B 1 46  ? 8.234   11.962  -7.441  1.00 18.30 ? 70  ASP B CB  1 
ATOM   1057 C  CG  . ASP B 1 46  ? 8.180   12.930  -8.558  1.00 19.18 ? 70  ASP B CG  1 
ATOM   1058 O  OD1 . ASP B 1 46  ? 8.990   12.815  -9.514  1.00 19.44 ? 70  ASP B OD1 1 
ATOM   1059 O  OD2 . ASP B 1 46  ? 7.313   13.812  -8.457  1.00 20.44 ? 70  ASP B OD2 1 
ATOM   1060 N  N   . LEU B 1 47  ? 9.620   10.044  -5.539  1.00 12.89 ? 71  LEU B N   1 
ATOM   1061 C  CA  . LEU B 1 47  ? 9.465   9.257   -4.345  1.00 16.36 ? 71  LEU B CA  1 
ATOM   1062 C  C   . LEU B 1 47  ? 8.572   10.115  -3.507  1.00 18.04 ? 71  LEU B C   1 
ATOM   1063 O  O   . LEU B 1 47  ? 8.699   11.328  -3.504  1.00 22.64 ? 71  LEU B O   1 
ATOM   1064 C  CB  . LEU B 1 47  ? 10.759  9.089   -3.590  1.00 18.12 ? 71  LEU B CB  1 
ATOM   1065 C  CG  . LEU B 1 47  ? 11.905  8.447   -4.329  1.00 24.36 ? 71  LEU B CG  1 
ATOM   1066 C  CD1 . LEU B 1 47  ? 12.899  7.977   -3.271  1.00 23.03 ? 71  LEU B CD1 1 
ATOM   1067 C  CD2 . LEU B 1 47  ? 11.400  7.298   -5.191  1.00 29.24 ? 71  LEU B CD2 1 
ATOM   1068 N  N   . LEU B 1 48  ? 7.644   9.500   -2.808  1.00 18.26 ? 72  LEU B N   1 
ATOM   1069 C  CA  . LEU B 1 48  ? 6.753   10.252  -1.971  1.00 16.28 ? 72  LEU B CA  1 
ATOM   1070 C  C   . LEU B 1 48  ? 7.096   9.729   -0.615  1.00 14.38 ? 72  LEU B C   1 
ATOM   1071 O  O   . LEU B 1 48  ? 7.208   8.520   -0.421  1.00 14.59 ? 72  LEU B O   1 
ATOM   1072 C  CB  . LEU B 1 48  ? 5.292   9.950   -2.317  1.00 15.06 ? 72  LEU B CB  1 
ATOM   1073 C  CG  . LEU B 1 48  ? 4.911   10.178  -3.772  1.00 16.15 ? 72  LEU B CG  1 
ATOM   1074 C  CD1 . LEU B 1 48  ? 3.560   9.534   -4.081  1.00 20.19 ? 72  LEU B CD1 1 
ATOM   1075 C  CD2 . LEU B 1 48  ? 4.902   11.633  -4.069  1.00 14.76 ? 72  LEU B CD2 1 
ATOM   1076 N  N   . ILE B 1 49  ? 7.351   10.633  0.304   1.00 12.02 ? 73  ILE B N   1 
ATOM   1077 C  CA  . ILE B 1 49  ? 7.677   10.229  1.653   1.00 15.67 ? 73  ILE B CA  1 
ATOM   1078 C  C   . ILE B 1 49  ? 6.332   10.253  2.362   1.00 12.44 ? 73  ILE B C   1 
ATOM   1079 O  O   . ILE B 1 49  ? 5.639   11.258  2.335   1.00 13.86 ? 73  ILE B O   1 
ATOM   1080 C  CB  . ILE B 1 49  ? 8.759   11.181  2.242   1.00 17.99 ? 73  ILE B CB  1 
ATOM   1081 C  CG1 . ILE B 1 49  ? 10.016  11.084  1.359   1.00 13.33 ? 73  ILE B CG1 1 
ATOM   1082 C  CG2 . ILE B 1 49  ? 9.105   10.805  3.682   1.00 18.99 ? 73  ILE B CG2 1 
ATOM   1083 C  CD1 . ILE B 1 49  ? 11.116  12.017  1.724   1.00 13.51 ? 73  ILE B CD1 1 
ATOM   1084 N  N   . VAL B 1 50  ? 5.934   9.101   2.895   1.00 17.91 ? 74  VAL B N   1 
ATOM   1085 C  CA  . VAL B 1 50  ? 4.634   8.897   3.549   1.00 14.32 ? 74  VAL B CA  1 
ATOM   1086 C  C   . VAL B 1 50  ? 4.682   8.624   5.052   1.00 13.69 ? 74  VAL B C   1 
ATOM   1087 O  O   . VAL B 1 50  ? 5.387   7.745   5.533   1.00 14.56 ? 74  VAL B O   1 
ATOM   1088 C  CB  . VAL B 1 50  ? 3.888   7.726   2.847   1.00 11.78 ? 74  VAL B CB  1 
ATOM   1089 C  CG1 . VAL B 1 50  ? 2.476   7.572   3.376   1.00 8.52  ? 74  VAL B CG1 1 
ATOM   1090 C  CG2 . VAL B 1 50  ? 3.896   7.933   1.331   1.00 9.25  ? 74  VAL B CG2 1 
ATOM   1091 N  N   . ASP B 1 51  ? 3.885   9.370   5.780   1.00 13.54 ? 75  ASP B N   1 
ATOM   1092 C  CA  . ASP B 1 51  ? 3.805   9.229   7.218   1.00 17.51 ? 75  ASP B CA  1 
ATOM   1093 C  C   . ASP B 1 51  ? 2.475   8.554   7.547   1.00 19.34 ? 75  ASP B C   1 
ATOM   1094 O  O   . ASP B 1 51  ? 1.406   9.125   7.356   1.00 21.79 ? 75  ASP B O   1 
ATOM   1095 C  CB  . ASP B 1 51  ? 3.850   10.616  7.849   1.00 21.40 ? 75  ASP B CB  1 
ATOM   1096 C  CG  . ASP B 1 51  ? 4.170   10.590  9.327   1.00 25.85 ? 75  ASP B CG  1 
ATOM   1097 O  OD1 . ASP B 1 51  ? 4.147   9.512   9.953   1.00 30.51 ? 75  ASP B OD1 1 
ATOM   1098 O  OD2 . ASP B 1 51  ? 4.456   11.675  9.869   1.00 29.54 ? 75  ASP B OD2 1 
ATOM   1099 N  N   . SER B 1 52  ? 2.544   7.327   8.027   1.00 22.28 ? 76  SER B N   1 
ATOM   1100 C  CA  . SER B 1 52  ? 1.358   6.564   8.380   1.00 24.41 ? 76  SER B CA  1 
ATOM   1101 C  C   . SER B 1 52  ? 0.959   6.760   9.837   1.00 25.71 ? 76  SER B C   1 
ATOM   1102 O  O   . SER B 1 52  ? 0.054   6.069   10.330  1.00 28.61 ? 76  SER B O   1 
ATOM   1103 C  CB  . SER B 1 52  ? 1.625   5.090   8.135   1.00 25.03 ? 76  SER B CB  1 
ATOM   1104 O  OG  . SER B 1 52  ? 2.617   4.631   9.026   1.00 22.19 ? 76  SER B OG  1 
ATOM   1105 N  N   . ALA B 1 53  ? 1.655   7.666   10.527  1.00 24.73 ? 77  ALA B N   1 
ATOM   1106 C  CA  . ALA B 1 53  ? 1.393   7.961   11.929  1.00 21.99 ? 77  ALA B CA  1 
ATOM   1107 C  C   . ALA B 1 53  ? 0.575   9.215   12.153  1.00 23.45 ? 77  ALA B C   1 
ATOM   1108 O  O   . ALA B 1 53  ? 0.297   9.560   13.305  1.00 29.78 ? 77  ALA B O   1 
ATOM   1109 C  CB  . ALA B 1 53  ? 2.668   8.045   12.698  1.00 20.70 ? 77  ALA B CB  1 
ATOM   1110 N  N   . ILE B 1 54  ? 0.262   9.942   11.083  1.00 20.34 ? 78  ILE B N   1 
ATOM   1111 C  CA  . ILE B 1 54  ? -0.568  11.134  11.213  1.00 21.44 ? 78  ILE B CA  1 
ATOM   1112 C  C   . ILE B 1 54  ? -1.901  10.891  10.502  1.00 21.30 ? 78  ILE B C   1 
ATOM   1113 O  O   . ILE B 1 54  ? -1.956  10.214  9.478   1.00 20.52 ? 78  ILE B O   1 
ATOM   1114 C  CB  . ILE B 1 54  ? 0.123   12.431  10.686  1.00 23.55 ? 78  ILE B CB  1 
ATOM   1115 C  CG1 . ILE B 1 54  ? 0.408   12.349  9.207   1.00 21.68 ? 78  ILE B CG1 1 
ATOM   1116 C  CG2 . ILE B 1 54  ? 1.445   12.673  11.408  1.00 22.87 ? 78  ILE B CG2 1 
ATOM   1117 C  CD1 . ILE B 1 54  ? 1.391   13.403  8.779   1.00 22.78 ? 78  ILE B CD1 1 
ATOM   1118 N  N   . THR B 1 55  ? -2.985  11.388  11.072  1.00 22.21 ? 79  THR B N   1 
ATOM   1119 C  CA  . THR B 1 55  ? -4.273  11.171  10.464  1.00 24.69 ? 79  THR B CA  1 
ATOM   1120 C  C   . THR B 1 55  ? -4.568  12.195  9.414   1.00 23.00 ? 79  THR B C   1 
ATOM   1121 O  O   . THR B 1 55  ? -4.486  13.393  9.673   1.00 26.10 ? 79  THR B O   1 
ATOM   1122 C  CB  . THR B 1 55  ? -5.378  11.175  11.500  1.00 28.67 ? 79  THR B CB  1 
ATOM   1123 O  OG1 . THR B 1 55  ? -5.061  10.215  12.519  1.00 34.57 ? 79  THR B OG1 1 
ATOM   1124 C  CG2 . THR B 1 55  ? -6.709  10.796  10.848  1.00 31.03 ? 79  THR B CG2 1 
ATOM   1125 N  N   . ALA B 1 56  ? -4.906  11.693  8.224   1.00 22.40 ? 80  ALA B N   1 
ATOM   1126 C  CA  . ALA B 1 56  ? -5.227  12.495  7.055   1.00 14.21 ? 80  ALA B CA  1 
ATOM   1127 C  C   . ALA B 1 56  ? -6.266  13.544  7.363   1.00 14.97 ? 80  ALA B C   1 
ATOM   1128 O  O   . ALA B 1 56  ? -7.073  13.381  8.281   1.00 16.89 ? 80  ALA B O   1 
ATOM   1129 C  CB  . ALA B 1 56  ? -5.719  11.598  5.963   1.00 14.09 ? 80  ALA B CB  1 
ATOM   1130 N  N   . SER B 1 57  ? -6.250  14.617  6.585   1.00 15.00 ? 81  SER B N   1 
ATOM   1131 C  CA  . SER B 1 57  ? -7.184  15.720  6.753   1.00 13.03 ? 81  SER B CA  1 
ATOM   1132 C  C   . SER B 1 57  ? -7.644  16.176  5.407   1.00 10.55 ? 81  SER B C   1 
ATOM   1133 O  O   . SER B 1 57  ? -6.996  15.903  4.410   1.00 10.04 ? 81  SER B O   1 
ATOM   1134 C  CB  . SER B 1 57  ? -6.488  16.909  7.401   1.00 15.66 ? 81  SER B CB  1 
ATOM   1135 O  OG  . SER B 1 57  ? -6.223  16.675  8.762   1.00 26.06 ? 81  SER B OG  1 
ATOM   1136 N  N   . HIS B 1 58  ? -8.722  16.945  5.397   1.00 12.67 ? 82  HIS B N   1 
ATOM   1137 C  CA  . HIS B 1 58  ? -9.251  17.486  4.153   1.00 16.28 ? 82  HIS B CA  1 
ATOM   1138 C  C   . HIS B 1 58  ? -8.094  18.235  3.548   1.00 17.01 ? 82  HIS B C   1 
ATOM   1139 O  O   . HIS B 1 58  ? -7.384  18.938  4.250   1.00 21.02 ? 82  HIS B O   1 
ATOM   1140 C  CB  . HIS B 1 58  ? -10.376 18.468  4.463   1.00 18.89 ? 82  HIS B CB  1 
ATOM   1141 C  CG  . HIS B 1 58  ? -11.056 19.016  3.247   1.00 16.64 ? 82  HIS B CG  1 
ATOM   1142 N  ND1 . HIS B 1 58  ? -10.568 20.090  2.539   1.00 18.79 ? 82  HIS B ND1 1 
ATOM   1143 C  CD2 . HIS B 1 58  ? -12.243 18.705  2.681   1.00 12.37 ? 82  HIS B CD2 1 
ATOM   1144 C  CE1 . HIS B 1 58  ? -11.431 20.424  1.598   1.00 18.24 ? 82  HIS B CE1 1 
ATOM   1145 N  NE2 . HIS B 1 58  ? -12.452 19.596  1.660   1.00 13.63 ? 82  HIS B NE2 1 
ATOM   1146 N  N   . GLY B 1 59  ? -7.794  17.961  2.304   1.00 17.24 ? 83  GLY B N   1 
ATOM   1147 C  CA  . GLY B 1 59  ? -6.706  18.682  1.680   1.00 17.07 ? 83  GLY B CA  1 
ATOM   1148 C  C   . GLY B 1 59  ? -5.410  17.940  1.581   1.00 14.82 ? 83  GLY B C   1 
ATOM   1149 O  O   . GLY B 1 59  ? -4.660  18.210  0.668   1.00 19.46 ? 83  GLY B O   1 
ATOM   1150 N  N   . ASP B 1 60  ? -5.141  17.013  2.490   1.00 16.73 ? 84  ASP B N   1 
ATOM   1151 C  CA  . ASP B 1 60  ? -3.897  16.248  2.442   1.00 14.09 ? 84  ASP B CA  1 
ATOM   1152 C  C   . ASP B 1 60  ? -3.872  15.368  1.222   1.00 16.85 ? 84  ASP B C   1 
ATOM   1153 O  O   . ASP B 1 60  ? -4.914  15.086  0.625   1.00 20.50 ? 84  ASP B O   1 
ATOM   1154 C  CB  . ASP B 1 60  ? -3.729  15.351  3.662   1.00 12.83 ? 84  ASP B CB  1 
ATOM   1155 C  CG  . ASP B 1 60  ? -3.499  16.121  4.952   1.00 16.35 ? 84  ASP B CG  1 
ATOM   1156 O  OD1 . ASP B 1 60  ? -3.480  17.374  4.967   1.00 24.91 ? 84  ASP B OD1 1 
ATOM   1157 O  OD2 . ASP B 1 60  ? -3.348  15.452  5.984   1.00 23.01 ? 84  ASP B OD2 1 
ATOM   1158 N  N   . ILE B 1 61  ? -2.662  15.043  0.782   1.00 18.06 ? 85  ILE B N   1 
ATOM   1159 C  CA  . ILE B 1 61  ? -2.450  14.154  -0.347  1.00 16.21 ? 85  ILE B CA  1 
ATOM   1160 C  C   . ILE B 1 61  ? -2.121  12.878  0.382   1.00 18.08 ? 85  ILE B C   1 
ATOM   1161 O  O   . ILE B 1 61  ? -1.295  12.872  1.309   1.00 18.43 ? 85  ILE B O   1 
ATOM   1162 C  CB  . ILE B 1 61  ? -1.283  14.627  -1.256  1.00 14.99 ? 85  ILE B CB  1 
ATOM   1163 C  CG1 . ILE B 1 61  ? -1.754  15.820  -2.112  1.00 14.06 ? 85  ILE B CG1 1 
ATOM   1164 C  CG2 . ILE B 1 61  ? -0.775  13.498  -2.131  1.00 11.03 ? 85  ILE B CG2 1 
ATOM   1165 C  CD1 . ILE B 1 61  ? -0.725  16.301  -3.134  1.00 15.98 ? 85  ILE B CD1 1 
ATOM   1166 N  N   . VAL B 1 62  ? -2.780  11.797  -0.009  1.00 18.43 ? 86  VAL B N   1 
ATOM   1167 C  CA  . VAL B 1 62  ? -2.593  10.535  0.671   1.00 15.04 ? 86  VAL B CA  1 
ATOM   1168 C  C   . VAL B 1 62  ? -2.434  9.336   -0.248  1.00 18.54 ? 86  VAL B C   1 
ATOM   1169 O  O   . VAL B 1 62  ? -2.686  9.426   -1.454  1.00 18.07 ? 86  VAL B O   1 
ATOM   1170 C  CB  . VAL B 1 62  ? -3.801  10.292  1.579   1.00 11.96 ? 86  VAL B CB  1 
ATOM   1171 C  CG1 . VAL B 1 62  ? -3.860  11.328  2.671   1.00 4.79  ? 86  VAL B CG1 1 
ATOM   1172 C  CG2 . VAL B 1 62  ? -5.090  10.312  0.754   1.00 3.69  ? 86  VAL B CG2 1 
ATOM   1173 N  N   . ILE B 1 63  ? -1.932  8.243   0.331   1.00 17.77 ? 87  ILE B N   1 
ATOM   1174 C  CA  . ILE B 1 63  ? -1.786  6.978   -0.368  1.00 16.84 ? 87  ILE B CA  1 
ATOM   1175 C  C   . ILE B 1 63  ? -3.043  6.263   0.126   1.00 20.05 ? 87  ILE B C   1 
ATOM   1176 O  O   . ILE B 1 63  ? -3.218  6.064   1.338   1.00 16.39 ? 87  ILE B O   1 
ATOM   1177 C  CB  . ILE B 1 63  ? -0.600  6.181   0.134   1.00 14.40 ? 87  ILE B CB  1 
ATOM   1178 C  CG1 . ILE B 1 63  ? 0.595   7.087   0.246   1.00 22.67 ? 87  ILE B CG1 1 
ATOM   1179 C  CG2 . ILE B 1 63  ? -0.262  5.067   -0.841  1.00 14.71 ? 87  ILE B CG2 1 
ATOM   1180 C  CD1 . ILE B 1 63  ? 1.029   7.675   -1.093  1.00 28.00 ? 87  ILE B CD1 1 
ATOM   1181 N  N   . ALA B 1 64  ? -3.949  5.943   -0.784  1.00 20.00 ? 88  ALA B N   1 
ATOM   1182 C  CA  . ALA B 1 64  ? -5.174  5.272   -0.402  1.00 18.69 ? 88  ALA B CA  1 
ATOM   1183 C  C   . ALA B 1 64  ? -5.538  4.173   -1.368  1.00 21.11 ? 88  ALA B C   1 
ATOM   1184 O  O   . ALA B 1 64  ? -4.999  4.114   -2.478  1.00 20.47 ? 88  ALA B O   1 
ATOM   1185 C  CB  . ALA B 1 64  ? -6.314  6.276   -0.303  1.00 15.53 ? 88  ALA B CB  1 
ATOM   1186 N  N   . ALA B 1 65  ? -6.452  3.304   -0.929  1.00 23.70 ? 89  ALA B N   1 
ATOM   1187 C  CA  . ALA B 1 65  ? -6.970  2.195   -1.734  1.00 19.03 ? 89  ALA B CA  1 
ATOM   1188 C  C   . ALA B 1 65  ? -8.449  2.387   -1.828  1.00 16.34 ? 89  ALA B C   1 
ATOM   1189 O  O   . ALA B 1 65  ? -9.112  2.589   -0.811  1.00 20.75 ? 89  ALA B O   1 
ATOM   1190 C  CB  . ALA B 1 65  ? -6.705  0.860   -1.078  1.00 19.05 ? 89  ALA B CB  1 
ATOM   1191 N  N   . VAL B 1 66  ? -8.957  2.458   -3.048  1.00 17.63 ? 90  VAL B N   1 
ATOM   1192 C  CA  . VAL B 1 66  ? -10.391 2.561   -3.261  1.00 19.86 ? 90  VAL B CA  1 
ATOM   1193 C  C   . VAL B 1 66  ? -10.766 1.264   -3.927  1.00 21.93 ? 90  VAL B C   1 
ATOM   1194 O  O   . VAL B 1 66  ? -10.264 0.930   -5.018  1.00 20.67 ? 90  VAL B O   1 
ATOM   1195 C  CB  . VAL B 1 66  ? -10.837 3.676   -4.207  1.00 21.04 ? 90  VAL B CB  1 
ATOM   1196 C  CG1 . VAL B 1 66  ? -12.370 3.721   -4.207  1.00 21.93 ? 90  VAL B CG1 1 
ATOM   1197 C  CG2 . VAL B 1 66  ? -10.298 5.015   -3.758  1.00 25.83 ? 90  VAL B CG2 1 
ATOM   1198 N  N   . ASP B 1 67  ? -11.612 0.513   -3.230  1.00 23.86 ? 91  ASP B N   1 
ATOM   1199 C  CA  . ASP B 1 67  ? -12.096 -0.772  -3.698  1.00 22.75 ? 91  ASP B CA  1 
ATOM   1200 C  C   . ASP B 1 67  ? -10.890 -1.657  -4.012  1.00 21.51 ? 91  ASP B C   1 
ATOM   1201 O  O   . ASP B 1 67  ? -10.771 -2.227  -5.093  1.00 21.96 ? 91  ASP B O   1 
ATOM   1202 C  CB  . ASP B 1 67  ? -13.051 -0.579  -4.892  1.00 19.10 ? 91  ASP B CB  1 
ATOM   1203 C  CG  . ASP B 1 67  ? -14.263 0.302   -4.535  1.00 21.15 ? 91  ASP B CG  1 
ATOM   1204 O  OD1 . ASP B 1 67  ? -14.570 0.401   -3.323  1.00 21.44 ? 91  ASP B OD1 1 
ATOM   1205 O  OD2 . ASP B 1 67  ? -14.892 0.910   -5.443  1.00 15.92 ? 91  ASP B OD2 1 
ATOM   1206 N  N   . GLY B 1 68  ? -9.968  -1.694  -3.057  1.00 15.22 ? 92  GLY B N   1 
ATOM   1207 C  CA  . GLY B 1 68  ? -8.775  -2.504  -3.183  1.00 18.55 ? 92  GLY B CA  1 
ATOM   1208 C  C   . GLY B 1 68  ? -7.672  -2.060  -4.139  1.00 21.25 ? 92  GLY B C   1 
ATOM   1209 O  O   . GLY B 1 68  ? -6.626  -2.729  -4.224  1.00 22.65 ? 92  GLY B O   1 
ATOM   1210 N  N   . GLU B 1 69  ? -7.873  -0.946  -4.841  1.00 21.62 ? 93  GLU B N   1 
ATOM   1211 C  CA  . GLU B 1 69  ? -6.871  -0.441  -5.777  1.00 20.88 ? 93  GLU B CA  1 
ATOM   1212 C  C   . GLU B 1 69  ? -6.179  0.774   -5.171  1.00 19.26 ? 93  GLU B C   1 
ATOM   1213 O  O   . GLU B 1 69  ? -6.842  1.701   -4.753  1.00 23.69 ? 93  GLU B O   1 
ATOM   1214 C  CB  . GLU B 1 69  ? -7.553  -0.070  -7.081  1.00 19.60 ? 93  GLU B CB  1 
ATOM   1215 C  CG  . GLU B 1 69  ? -8.379  -1.230  -7.622  1.00 29.26 ? 93  GLU B CG  1 
ATOM   1216 C  CD  . GLU B 1 69  ? -9.108  -0.909  -8.903  1.00 27.89 ? 93  GLU B CD  1 
ATOM   1217 O  OE1 . GLU B 1 69  ? -8.533  -0.181  -9.730  1.00 39.44 ? 93  GLU B OE1 1 
ATOM   1218 O  OE2 . GLU B 1 69  ? -10.239 -1.395  -9.096  1.00 24.07 ? 93  GLU B OE2 1 
ATOM   1219 N  N   . PHE B 1 70  ? -4.852  0.756   -5.088  1.00 18.22 ? 94  PHE B N   1 
ATOM   1220 C  CA  . PHE B 1 70  ? -4.099  1.877   -4.513  1.00 18.08 ? 94  PHE B CA  1 
ATOM   1221 C  C   . PHE B 1 70  ? -4.008  3.097   -5.406  1.00 13.25 ? 94  PHE B C   1 
ATOM   1222 O  O   . PHE B 1 70  ? -3.966  2.996   -6.625  1.00 15.51 ? 94  PHE B O   1 
ATOM   1223 C  CB  . PHE B 1 70  ? -2.673  1.470   -4.162  1.00 16.93 ? 94  PHE B CB  1 
ATOM   1224 C  CG  . PHE B 1 70  ? -2.566  0.569   -2.984  1.00 21.06 ? 94  PHE B CG  1 
ATOM   1225 C  CD1 . PHE B 1 70  ? -2.653  1.073   -1.708  1.00 26.33 ? 94  PHE B CD1 1 
ATOM   1226 C  CD2 . PHE B 1 70  ? -2.292  -0.781  -3.145  1.00 25.25 ? 94  PHE B CD2 1 
ATOM   1227 C  CE1 . PHE B 1 70  ? -2.455  0.245   -0.602  1.00 23.91 ? 94  PHE B CE1 1 
ATOM   1228 C  CE2 . PHE B 1 70  ? -2.094  -1.600  -2.043  1.00 22.58 ? 94  PHE B CE2 1 
ATOM   1229 C  CZ  . PHE B 1 70  ? -2.176  -1.081  -0.777  1.00 18.96 ? 94  PHE B CZ  1 
ATOM   1230 N  N   . THR B 1 71  ? -3.898  4.251   -4.776  1.00 14.03 ? 95  THR B N   1 
ATOM   1231 C  CA  . THR B 1 71  ? -3.760  5.521   -5.486  1.00 17.03 ? 95  THR B CA  1 
ATOM   1232 C  C   . THR B 1 71  ? -3.160  6.579   -4.584  1.00 14.78 ? 95  THR B C   1 
ATOM   1233 O  O   . THR B 1 71  ? -3.160  6.454   -3.361  1.00 13.52 ? 95  THR B O   1 
ATOM   1234 C  CB  . THR B 1 71  ? -5.105  6.131   -5.962  1.00 16.70 ? 95  THR B CB  1 
ATOM   1235 O  OG1 . THR B 1 71  ? -6.192  5.651   -5.146  1.00 24.84 ? 95  THR B OG1 1 
ATOM   1236 C  CG2 . THR B 1 71  ? -5.318  5.912   -7.443  1.00 17.30 ? 95  THR B CG2 1 
ATOM   1237 N  N   . VAL B 1 72  ? -2.660  7.633   -5.212  1.00 15.06 ? 96  VAL B N   1 
ATOM   1238 C  CA  . VAL B 1 72  ? -2.138  8.761   -4.485  1.00 14.75 ? 96  VAL B CA  1 
ATOM   1239 C  C   . VAL B 1 72  ? -3.081  9.817   -4.975  1.00 13.60 ? 96  VAL B C   1 
ATOM   1240 O  O   . VAL B 1 72  ? -3.167  10.019  -6.181  1.00 16.12 ? 96  VAL B O   1 
ATOM   1241 C  CB  . VAL B 1 72  ? -0.713  9.105   -4.893  1.00 11.89 ? 96  VAL B CB  1 
ATOM   1242 C  CG1 . VAL B 1 72  ? -0.296  10.416  -4.279  1.00 2.00  ? 96  VAL B CG1 1 
ATOM   1243 C  CG2 . VAL B 1 72  ? 0.184   8.021   -4.407  1.00 12.62 ? 96  VAL B CG2 1 
ATOM   1244 N  N   . LYS B 1 73  ? -3.886  10.377  -4.080  1.00 10.83 ? 97  LYS B N   1 
ATOM   1245 C  CA  . LYS B 1 73  ? -4.824  11.411  -4.470  1.00 8.92  ? 97  LYS B CA  1 
ATOM   1246 C  C   . LYS B 1 73  ? -4.952  12.387  -3.351  1.00 11.06 ? 97  LYS B C   1 
ATOM   1247 O  O   . LYS B 1 73  ? -4.398  12.180  -2.269  1.00 14.34 ? 97  LYS B O   1 
ATOM   1248 C  CB  . LYS B 1 73  ? -6.185  10.810  -4.774  1.00 11.11 ? 97  LYS B CB  1 
ATOM   1249 C  CG  . LYS B 1 73  ? -6.271  10.078  -6.097  1.00 14.27 ? 97  LYS B CG  1 
ATOM   1250 C  CD  . LYS B 1 73  ? -6.143  11.016  -7.278  1.00 16.82 ? 97  LYS B CD  1 
ATOM   1251 C  CE  . LYS B 1 73  ? -6.199  10.245  -8.577  1.00 18.09 ? 97  LYS B CE  1 
ATOM   1252 N  NZ  . LYS B 1 73  ? -4.898  9.597   -8.857  1.00 23.15 ? 97  LYS B NZ  1 
ATOM   1253 N  N   . LYS B 1 74  ? -5.701  13.446  -3.603  1.00 12.68 ? 98  LYS B N   1 
ATOM   1254 C  CA  . LYS B 1 74  ? -5.914  14.476  -2.605  1.00 15.13 ? 98  LYS B CA  1 
ATOM   1255 C  C   . LYS B 1 74  ? -7.255  14.154  -1.979  1.00 15.42 ? 98  LYS B C   1 
ATOM   1256 O  O   . LYS B 1 74  ? -8.246  13.930  -2.688  1.00 14.48 ? 98  LYS B O   1 
ATOM   1257 C  CB  . LYS B 1 74  ? -5.910  15.851  -3.269  1.00 16.85 ? 98  LYS B CB  1 
ATOM   1258 C  CG  . LYS B 1 74  ? -6.098  17.048  -2.324  1.00 24.75 ? 98  LYS B CG  1 
ATOM   1259 C  CD  . LYS B 1 74  ? -5.304  18.244  -2.852  1.00 28.90 ? 98  LYS B CD  1 
ATOM   1260 C  CE  . LYS B 1 74  ? -5.891  19.546  -2.421  1.00 26.76 ? 98  LYS B CE  1 
ATOM   1261 N  NZ  . LYS B 1 74  ? -6.549  20.277  -3.548  1.00 26.73 ? 98  LYS B NZ  1 
ATOM   1262 N  N   . LEU B 1 75  ? -7.274  14.114  -0.654  1.00 18.15 ? 99  LEU B N   1 
ATOM   1263 C  CA  . LEU B 1 75  ? -8.472  13.749  0.095   1.00 17.54 ? 99  LEU B CA  1 
ATOM   1264 C  C   . LEU B 1 75  ? -9.421  14.908  0.282   1.00 20.50 ? 99  LEU B C   1 
ATOM   1265 O  O   . LEU B 1 75  ? -9.002  16.004  0.675   1.00 22.20 ? 99  LEU B O   1 
ATOM   1266 C  CB  . LEU B 1 75  ? -8.078  13.155  1.452   1.00 15.47 ? 99  LEU B CB  1 
ATOM   1267 C  CG  . LEU B 1 75  ? -9.209  12.680  2.364   1.00 18.12 ? 99  LEU B CG  1 
ATOM   1268 C  CD1 . LEU B 1 75  ? -9.967  11.501  1.748   1.00 16.80 ? 99  LEU B CD1 1 
ATOM   1269 C  CD2 . LEU B 1 75  ? -8.641  12.299  3.688   1.00 13.81 ? 99  LEU B CD2 1 
ATOM   1270 N  N   . GLN B 1 76  ? -10.695 14.680  -0.019  1.00 18.82 ? 100 GLN B N   1 
ATOM   1271 C  CA  . GLN B 1 76  ? -11.711 15.716  0.130   1.00 19.73 ? 100 GLN B CA  1 
ATOM   1272 C  C   . GLN B 1 76  ? -12.733 15.106  1.055   1.00 23.16 ? 100 GLN B C   1 
ATOM   1273 O  O   . GLN B 1 76  ? -13.184 13.990  0.822   1.00 26.40 ? 100 GLN B O   1 
ATOM   1274 C  CB  . GLN B 1 76  ? -12.342 16.061  -1.232  1.00 20.52 ? 100 GLN B CB  1 
ATOM   1275 C  CG  . GLN B 1 76  ? -12.591 17.566  -1.496  1.00 25.09 ? 100 GLN B CG  1 
ATOM   1276 C  CD  . GLN B 1 76  ? -11.332 18.375  -1.900  1.00 30.74 ? 100 GLN B CD  1 
ATOM   1277 O  OE1 . GLN B 1 76  ? -11.449 19.432  -2.532  1.00 34.53 ? 100 GLN B OE1 1 
ATOM   1278 N  NE2 . GLN B 1 76  ? -10.138 17.891  -1.537  1.00 25.50 ? 100 GLN B NE2 1 
ATOM   1279 N  N   . LEU B 1 77  ? -13.017 15.780  2.162   1.00 22.64 ? 101 LEU B N   1 
ATOM   1280 C  CA  . LEU B 1 77  ? -13.982 15.271  3.132   1.00 20.83 ? 101 LEU B CA  1 
ATOM   1281 C  C   . LEU B 1 77  ? -15.244 16.104  3.085   1.00 20.69 ? 101 LEU B C   1 
ATOM   1282 O  O   . LEU B 1 77  ? -16.247 15.731  3.671   1.00 25.51 ? 101 LEU B O   1 
ATOM   1283 C  CB  . LEU B 1 77  ? -13.405 15.314  4.567   1.00 11.14 ? 101 LEU B CB  1 
ATOM   1284 C  CG  . LEU B 1 77  ? -12.096 14.576  4.842   1.00 14.24 ? 101 LEU B CG  1 
ATOM   1285 C  CD1 . LEU B 1 77  ? -11.655 14.681  6.273   1.00 10.56 ? 101 LEU B CD1 1 
ATOM   1286 C  CD2 . LEU B 1 77  ? -12.231 13.143  4.470   1.00 16.48 ? 101 LEU B CD2 1 
ATOM   1287 N  N   . ARG B 1 78  ? -15.189 17.225  2.368   1.00 23.23 ? 102 ARG B N   1 
ATOM   1288 C  CA  . ARG B 1 78  ? -16.300 18.180  2.284   1.00 22.95 ? 102 ARG B CA  1 
ATOM   1289 C  C   . ARG B 1 78  ? -16.263 18.712  0.882   1.00 24.77 ? 102 ARG B C   1 
ATOM   1290 O  O   . ARG B 1 78  ? -15.183 18.943  0.338   1.00 23.57 ? 102 ARG B O   1 
ATOM   1291 C  CB  . ARG B 1 78  ? -16.071 19.380  3.223   1.00 18.87 ? 102 ARG B CB  1 
ATOM   1292 C  CG  . ARG B 1 78  ? -15.721 19.034  4.671   1.00 23.02 ? 102 ARG B CG  1 
ATOM   1293 C  CD  . ARG B 1 78  ? -15.266 20.244  5.524   1.00 28.72 ? 102 ARG B CD  1 
ATOM   1294 N  NE  . ARG B 1 78  ? -14.196 21.043  4.912   1.00 24.10 ? 102 ARG B NE  1 
ATOM   1295 C  CZ  . ARG B 1 78  ? -14.416 22.187  4.282   1.00 23.03 ? 102 ARG B CZ  1 
ATOM   1296 N  NH1 . ARG B 1 78  ? -15.654 22.655  4.196   1.00 23.46 ? 102 ARG B NH1 1 
ATOM   1297 N  NH2 . ARG B 1 78  ? -13.429 22.815  3.660   1.00 25.24 ? 102 ARG B NH2 1 
ATOM   1298 N  N   . PRO B 1 79  ? -17.436 18.921  0.262   1.00 30.83 ? 103 PRO B N   1 
ATOM   1299 C  CA  . PRO B 1 79  ? -18.766 18.678  0.816   1.00 33.74 ? 103 PRO B CA  1 
ATOM   1300 C  C   . PRO B 1 79  ? -19.023 17.186  0.934   1.00 35.68 ? 103 PRO B C   1 
ATOM   1301 O  O   . PRO B 1 79  ? -19.863 16.769  1.732   1.00 35.73 ? 103 PRO B O   1 
ATOM   1302 C  CB  . PRO B 1 79  ? -19.674 19.315  -0.225  1.00 33.79 ? 103 PRO B CB  1 
ATOM   1303 C  CG  . PRO B 1 79  ? -18.963 19.025  -1.478  1.00 33.57 ? 103 PRO B CG  1 
ATOM   1304 C  CD  . PRO B 1 79  ? -17.546 19.407  -1.126  1.00 34.60 ? 103 PRO B CD  1 
ATOM   1305 N  N   . THR B 1 80  ? -18.308 16.394  0.129   1.00 36.63 ? 104 THR B N   1 
ATOM   1306 C  CA  . THR B 1 80  ? -18.426 14.924  0.158   1.00 37.68 ? 104 THR B CA  1 
ATOM   1307 C  C   . THR B 1 80  ? -17.044 14.264  0.195   1.00 34.79 ? 104 THR B C   1 
ATOM   1308 O  O   . THR B 1 80  ? -16.036 14.888  -0.184  1.00 30.47 ? 104 THR B O   1 
ATOM   1309 C  CB  . THR B 1 80  ? -19.155 14.353  -1.104  1.00 39.58 ? 104 THR B CB  1 
ATOM   1310 O  OG1 . THR B 1 80  ? -18.500 14.815  -2.291  1.00 42.09 ? 104 THR B OG1 1 
ATOM   1311 C  CG2 . THR B 1 80  ? -20.629 14.770  -1.139  1.00 43.37 ? 104 THR B CG2 1 
ATOM   1312 N  N   . VAL B 1 81  ? -17.007 12.992  0.612   1.00 30.57 ? 105 VAL B N   1 
ATOM   1313 C  CA  . VAL B 1 81  ? -15.753 12.265  0.672   1.00 27.46 ? 105 VAL B CA  1 
ATOM   1314 C  C   . VAL B 1 81  ? -15.339 11.818  -0.713  1.00 28.05 ? 105 VAL B C   1 
ATOM   1315 O  O   . VAL B 1 81  ? -16.049 11.039  -1.335  1.00 26.03 ? 105 VAL B O   1 
ATOM   1316 C  CB  . VAL B 1 81  ? -15.821 11.072  1.612   1.00 22.99 ? 105 VAL B CB  1 
ATOM   1317 C  CG1 . VAL B 1 81  ? -14.561 10.249  1.486   1.00 27.05 ? 105 VAL B CG1 1 
ATOM   1318 C  CG2 . VAL B 1 81  ? -15.923 11.557  3.036   1.00 28.49 ? 105 VAL B CG2 1 
ATOM   1319 N  N   . GLN B 1 82  ? -14.212 12.361  -1.201  1.00 29.15 ? 106 GLN B N   1 
ATOM   1320 C  CA  . GLN B 1 82  ? -13.671 12.045  -2.531  1.00 27.08 ? 106 GLN B CA  1 
ATOM   1321 C  C   . GLN B 1 82  ? -12.148 11.944  -2.571  1.00 23.81 ? 106 GLN B C   1 
ATOM   1322 O  O   . GLN B 1 82  ? -11.445 12.320  -1.646  1.00 25.77 ? 106 GLN B O   1 
ATOM   1323 C  CB  . GLN B 1 82  ? -14.009 13.136  -3.548  1.00 25.28 ? 106 GLN B CB  1 
ATOM   1324 C  CG  . GLN B 1 82  ? -15.450 13.401  -3.857  1.00 26.75 ? 106 GLN B CG  1 
ATOM   1325 C  CD  . GLN B 1 82  ? -15.567 14.195  -5.160  1.00 33.12 ? 106 GLN B CD  1 
ATOM   1326 O  OE1 . GLN B 1 82  ? -15.074 13.759  -6.204  1.00 34.64 ? 106 GLN B OE1 1 
ATOM   1327 N  NE2 . GLN B 1 82  ? -16.177 15.375  -5.099  1.00 33.61 ? 106 GLN B NE2 1 
ATOM   1328 N  N   . LEU B 1 83  ? -11.660 11.469  -3.706  1.00 25.60 ? 107 LEU B N   1 
ATOM   1329 C  CA  . LEU B 1 83  ? -10.242 11.372  -3.993  1.00 24.76 ? 107 LEU B CA  1 
ATOM   1330 C  C   . LEU B 1 83  ? -10.160 12.128  -5.327  1.00 26.11 ? 107 LEU B C   1 
ATOM   1331 O  O   . LEU B 1 83  ? -10.709 11.690  -6.349  1.00 26.72 ? 107 LEU B O   1 
ATOM   1332 C  CB  . LEU B 1 83  ? -9.766  9.923   -4.133  1.00 21.78 ? 107 LEU B CB  1 
ATOM   1333 C  CG  . LEU B 1 83  ? -9.542  9.140   -2.837  1.00 19.86 ? 107 LEU B CG  1 
ATOM   1334 C  CD1 . LEU B 1 83  ? -8.605  8.001   -3.144  1.00 17.39 ? 107 LEU B CD1 1 
ATOM   1335 C  CD2 . LEU B 1 83  ? -8.917  10.012  -1.759  1.00 15.71 ? 107 LEU B CD2 1 
ATOM   1336 N  N   . ILE B 1 84  ? -9.586  13.331  -5.275  1.00 24.62 ? 108 ILE B N   1 
ATOM   1337 C  CA  . ILE B 1 84  ? -9.477  14.161  -6.458  1.00 25.48 ? 108 ILE B CA  1 
ATOM   1338 C  C   . ILE B 1 84  ? -8.036  14.258  -6.962  1.00 26.42 ? 108 ILE B C   1 
ATOM   1339 O  O   . ILE B 1 84  ? -7.078  14.302  -6.175  1.00 24.30 ? 108 ILE B O   1 
ATOM   1340 C  CB  . ILE B 1 84  ? -10.045 15.603  -6.208  1.00 23.09 ? 108 ILE B CB  1 
ATOM   1341 C  CG1 . ILE B 1 84  ? -9.347  16.243  -5.023  1.00 21.83 ? 108 ILE B CG1 1 
ATOM   1342 C  CG2 . ILE B 1 84  ? -11.547 15.577  -5.887  1.00 21.25 ? 108 ILE B CG2 1 
ATOM   1343 C  CD1 . ILE B 1 84  ? -9.691  17.677  -4.878  1.00 21.44 ? 108 ILE B CD1 1 
ATOM   1344 N  N   . PRO B 1 85  ? -7.867  14.227  -8.288  1.00 26.46 ? 109 PRO B N   1 
ATOM   1345 C  CA  . PRO B 1 85  ? -6.549  14.326  -8.924  1.00 25.11 ? 109 PRO B CA  1 
ATOM   1346 C  C   . PRO B 1 85  ? -6.083  15.782  -8.858  1.00 24.97 ? 109 PRO B C   1 
ATOM   1347 O  O   . PRO B 1 85  ? -6.660  16.585  -8.120  1.00 24.45 ? 109 PRO B O   1 
ATOM   1348 C  CB  . PRO B 1 85  ? -6.852  13.918  -10.360 1.00 20.06 ? 109 PRO B CB  1 
ATOM   1349 C  CG  . PRO B 1 85  ? -8.216  14.452  -10.555 1.00 20.28 ? 109 PRO B CG  1 
ATOM   1350 C  CD  . PRO B 1 85  ? -8.929  14.047  -9.293  1.00 23.43 ? 109 PRO B CD  1 
HETATM 1351 N  N   . MSE B 1 86  ? -4.999  16.089  -9.570  1.00 24.71 ? 110 MSE B N   1 
HETATM 1352 C  CA  . MSE B 1 86  ? -4.443  17.443  -9.672  1.00 20.73 ? 110 MSE B CA  1 
HETATM 1353 C  C   . MSE B 1 86  ? -3.832  17.472  -11.058 1.00 20.78 ? 110 MSE B C   1 
HETATM 1354 O  O   . MSE B 1 86  ? -2.622  17.531  -11.241 1.00 21.20 ? 110 MSE B O   1 
HETATM 1355 C  CB  . MSE B 1 86  ? -3.425  17.738  -8.578  1.00 19.84 ? 110 MSE B CB  1 
HETATM 1356 C  CG  . MSE B 1 86  ? -4.051  17.730  -7.214  1.00 23.07 ? 110 MSE B CG  1 
HETATM 1357 SE SE  . MSE B 1 86  ? -2.921  18.169  -5.929  1.00 31.45 ? 110 MSE B SE  1 
HETATM 1358 C  CE  . MSE B 1 86  ? -3.210  19.956  -6.015  1.00 27.51 ? 110 MSE B CE  1 
ATOM   1359 N  N   . ASN B 1 87  ? -4.732  17.310  -12.025 1.00 23.61 ? 111 ASN B N   1 
ATOM   1360 C  CA  . ASN B 1 87  ? -4.453  17.284  -13.440 1.00 22.11 ? 111 ASN B CA  1 
ATOM   1361 C  C   . ASN B 1 87  ? -5.830  17.377  -14.075 1.00 26.29 ? 111 ASN B C   1 
ATOM   1362 O  O   . ASN B 1 87  ? -6.669  16.481  -13.933 1.00 25.23 ? 111 ASN B O   1 
ATOM   1363 C  CB  . ASN B 1 87  ? -3.778  15.976  -13.825 1.00 23.08 ? 111 ASN B CB  1 
ATOM   1364 C  CG  . ASN B 1 87  ? -3.564  15.871  -15.290 1.00 24.79 ? 111 ASN B CG  1 
ATOM   1365 O  OD1 . ASN B 1 87  ? -4.304  16.486  -16.058 1.00 30.37 ? 111 ASN B OD1 1 
ATOM   1366 N  ND2 . ASN B 1 87  ? -2.550  15.117  -15.711 1.00 23.20 ? 111 ASN B ND2 1 
ATOM   1367 N  N   . SER B 1 88  ? -6.050  18.487  -14.771 1.00 30.80 ? 112 SER B N   1 
ATOM   1368 C  CA  . SER B 1 88  ? -7.321  18.813  -15.420 1.00 33.33 ? 112 SER B CA  1 
ATOM   1369 C  C   . SER B 1 88  ? -7.922  17.701  -16.268 1.00 33.47 ? 112 SER B C   1 
ATOM   1370 O  O   . SER B 1 88  ? -9.128  17.651  -16.489 1.00 36.71 ? 112 SER B O   1 
ATOM   1371 C  CB  . SER B 1 88  ? -7.140  20.053  -16.306 1.00 34.46 ? 112 SER B CB  1 
ATOM   1372 O  OG  . SER B 1 88  ? -6.094  19.851  -17.263 1.00 36.71 ? 112 SER B OG  1 
ATOM   1373 N  N   . ALA B 1 89  ? -7.066  16.857  -16.804 1.00 31.22 ? 113 ALA B N   1 
ATOM   1374 C  CA  . ALA B 1 89  ? -7.529  15.791  -17.650 1.00 31.49 ? 113 ALA B CA  1 
ATOM   1375 C  C   . ALA B 1 89  ? -8.195  14.674  -16.860 1.00 32.22 ? 113 ALA B C   1 
ATOM   1376 O  O   . ALA B 1 89  ? -8.999  13.917  -17.417 1.00 36.50 ? 113 ALA B O   1 
ATOM   1377 C  CB  . ALA B 1 89  ? -6.365  15.248  -18.473 1.00 33.19 ? 113 ALA B CB  1 
ATOM   1378 N  N   . TYR B 1 90  ? -7.877  14.563  -15.573 1.00 30.47 ? 114 TYR B N   1 
ATOM   1379 C  CA  . TYR B 1 90  ? -8.459  13.510  -14.750 1.00 28.01 ? 114 TYR B CA  1 
ATOM   1380 C  C   . TYR B 1 90  ? -9.736  13.966  -14.066 1.00 28.46 ? 114 TYR B C   1 
ATOM   1381 O  O   . TYR B 1 90  ? -9.954  15.154  -13.899 1.00 27.35 ? 114 TYR B O   1 
ATOM   1382 C  CB  . TYR B 1 90  ? -7.442  13.013  -13.724 1.00 22.66 ? 114 TYR B CB  1 
ATOM   1383 C  CG  . TYR B 1 90  ? -6.303  12.261  -14.355 1.00 25.03 ? 114 TYR B CG  1 
ATOM   1384 C  CD1 . TYR B 1 90  ? -5.358  12.920  -15.154 1.00 26.06 ? 114 TYR B CD1 1 
ATOM   1385 C  CD2 . TYR B 1 90  ? -6.171  10.898  -14.179 1.00 26.31 ? 114 TYR B CD2 1 
ATOM   1386 C  CE1 . TYR B 1 90  ? -4.303  12.230  -15.760 1.00 26.17 ? 114 TYR B CE1 1 
ATOM   1387 C  CE2 . TYR B 1 90  ? -5.118  10.195  -14.773 1.00 32.28 ? 114 TYR B CE2 1 
ATOM   1388 C  CZ  . TYR B 1 90  ? -4.185  10.864  -15.562 1.00 31.60 ? 114 TYR B CZ  1 
ATOM   1389 O  OH  . TYR B 1 90  ? -3.124  10.155  -16.109 1.00 30.06 ? 114 TYR B OH  1 
ATOM   1390 N  N   . SER B 1 91  ? -10.588 13.005  -13.708 1.00 33.97 ? 115 SER B N   1 
ATOM   1391 C  CA  . SER B 1 91  ? -11.864 13.253  -13.028 1.00 33.05 ? 115 SER B CA  1 
ATOM   1392 C  C   . SER B 1 91  ? -11.833 12.657  -11.619 1.00 32.22 ? 115 SER B C   1 
ATOM   1393 O  O   . SER B 1 91  ? -11.135 11.668  -11.364 1.00 34.57 ? 115 SER B O   1 
ATOM   1394 C  CB  . SER B 1 91  ? -13.006 12.605  -13.818 1.00 34.91 ? 115 SER B CB  1 
ATOM   1395 O  OG  . SER B 1 91  ? -13.223 13.288  -15.050 1.00 43.05 ? 115 SER B OG  1 
ATOM   1396 N  N   . PRO B 1 92  ? -12.555 13.284  -10.689 1.00 28.96 ? 116 PRO B N   1 
ATOM   1397 C  CA  . PRO B 1 92  ? -12.686 12.907  -9.277  1.00 29.61 ? 116 PRO B CA  1 
ATOM   1398 C  C   . PRO B 1 92  ? -13.226 11.518  -9.055  1.00 31.14 ? 116 PRO B C   1 
ATOM   1399 O  O   . PRO B 1 92  ? -13.820 10.935  -9.968  1.00 33.22 ? 116 PRO B O   1 
ATOM   1400 C  CB  . PRO B 1 92  ? -13.676 13.931  -8.760  1.00 25.90 ? 116 PRO B CB  1 
ATOM   1401 C  CG  . PRO B 1 92  ? -13.268 15.158  -9.554  1.00 30.25 ? 116 PRO B CG  1 
ATOM   1402 C  CD  . PRO B 1 92  ? -13.124 14.620  -10.937 1.00 29.25 ? 116 PRO B CD  1 
ATOM   1403 N  N   . ILE B 1 93  ? -13.076 11.037  -7.818  1.00 32.06 ? 117 ILE B N   1 
ATOM   1404 C  CA  . ILE B 1 93  ? -13.553 9.715   -7.367  1.00 31.03 ? 117 ILE B CA  1 
ATOM   1405 C  C   . ILE B 1 93  ? -14.354 9.902   -6.066  1.00 30.75 ? 117 ILE B C   1 
ATOM   1406 O  O   . ILE B 1 93  ? -13.792 10.275  -5.033  1.00 28.49 ? 117 ILE B O   1 
ATOM   1407 C  CB  . ILE B 1 93  ? -12.339 8.748   -7.082  1.00 29.85 ? 117 ILE B CB  1 
ATOM   1408 C  CG1 . ILE B 1 93  ? -11.788 8.183   -8.385  1.00 28.55 ? 117 ILE B CG1 1 
ATOM   1409 C  CG2 . ILE B 1 93  ? -12.710 7.650   -6.075  1.00 24.06 ? 117 ILE B CG2 1 
ATOM   1410 C  CD1 . ILE B 1 93  ? -10.662 7.205   -8.179  1.00 30.56 ? 117 ILE B CD1 1 
ATOM   1411 N  N   . THR B 1 94  ? -15.663 9.687   -6.105  1.00 32.67 ? 118 THR B N   1 
ATOM   1412 C  CA  . THR B 1 94  ? -16.453 9.846   -4.872  1.00 37.06 ? 118 THR B CA  1 
ATOM   1413 C  C   . THR B 1 94  ? -16.454 8.543   -4.066  1.00 35.36 ? 118 THR B C   1 
ATOM   1414 O  O   . THR B 1 94  ? -16.495 7.444   -4.628  1.00 34.10 ? 118 THR B O   1 
ATOM   1415 C  CB  . THR B 1 94  ? -17.930 10.255  -5.162  1.00 39.29 ? 118 THR B CB  1 
ATOM   1416 O  OG1 . THR B 1 94  ? -17.968 11.361  -6.080  1.00 44.43 ? 118 THR B OG1 1 
ATOM   1417 C  CG2 . THR B 1 94  ? -18.643 10.651  -3.855  1.00 35.82 ? 118 THR B CG2 1 
ATOM   1418 N  N   . ILE B 1 95  ? -16.407 8.653   -2.751  1.00 33.54 ? 119 ILE B N   1 
ATOM   1419 C  CA  . ILE B 1 95  ? -16.437 7.445   -1.950  1.00 35.70 ? 119 ILE B CA  1 
ATOM   1420 C  C   . ILE B 1 95  ? -17.822 7.215   -1.333  1.00 37.46 ? 119 ILE B C   1 
ATOM   1421 O  O   . ILE B 1 95  ? -18.102 7.613   -0.183  1.00 35.24 ? 119 ILE B O   1 
ATOM   1422 C  CB  . ILE B 1 95  ? -15.367 7.446   -0.847  1.00 38.37 ? 119 ILE B CB  1 
ATOM   1423 C  CG1 . ILE B 1 95  ? -13.979 7.730   -1.457  1.00 38.02 ? 119 ILE B CG1 1 
ATOM   1424 C  CG2 . ILE B 1 95  ? -15.430 6.110   -0.056  1.00 31.43 ? 119 ILE B CG2 1 
ATOM   1425 C  CD1 . ILE B 1 95  ? -13.595 6.814   -2.624  1.00 34.81 ? 119 ILE B CD1 1 
ATOM   1426 N  N   . SER B 1 96  ? -18.696 6.608   -2.132  1.00 39.41 ? 120 SER B N   1 
ATOM   1427 C  CA  . SER B 1 96  ? -20.047 6.285   -1.688  1.00 40.41 ? 120 SER B CA  1 
ATOM   1428 C  C   . SER B 1 96  ? -20.056 5.060   -0.802  1.00 38.85 ? 120 SER B C   1 
ATOM   1429 O  O   . SER B 1 96  ? -19.093 4.309   -0.752  1.00 37.49 ? 120 SER B O   1 
ATOM   1430 C  CB  . SER B 1 96  ? -20.970 6.032   -2.877  1.00 41.86 ? 120 SER B CB  1 
ATOM   1431 O  OG  . SER B 1 96  ? -21.485 7.245   -3.384  1.00 50.37 ? 120 SER B OG  1 
ATOM   1432 N  N   . SER B 1 97  ? -21.192 4.854   -0.150  1.00 43.54 ? 121 SER B N   1 
ATOM   1433 C  CA  . SER B 1 97  ? -21.452 3.727   0.753   1.00 42.20 ? 121 SER B CA  1 
ATOM   1434 C  C   . SER B 1 97  ? -21.117 2.353   0.143   1.00 40.15 ? 121 SER B C   1 
ATOM   1435 O  O   . SER B 1 97  ? -20.674 1.446   0.841   1.00 42.39 ? 121 SER B O   1 
ATOM   1436 C  CB  . SER B 1 97  ? -22.936 3.793   1.144   1.00 47.64 ? 121 SER B CB  1 
ATOM   1437 O  OG  . SER B 1 97  ? -23.688 4.555   0.172   1.00 46.45 ? 121 SER B OG  1 
ATOM   1438 N  N   . GLU B 1 98  ? -21.305 2.203   -1.162  1.00 37.70 ? 122 GLU B N   1 
ATOM   1439 C  CA  . GLU B 1 98  ? -20.991 0.944   -1.823  1.00 38.05 ? 122 GLU B CA  1 
ATOM   1440 C  C   . GLU B 1 98  ? -19.501 0.899   -2.187  1.00 39.91 ? 122 GLU B C   1 
ATOM   1441 O  O   . GLU B 1 98  ? -19.050 -0.004  -2.912  1.00 39.96 ? 122 GLU B O   1 
ATOM   1442 C  CB  . GLU B 1 98  ? -21.789 0.773   -3.116  1.00 42.69 ? 122 GLU B CB  1 
ATOM   1443 C  CG  . GLU B 1 98  ? -23.033 1.610   -3.246  1.00 43.67 ? 122 GLU B CG  1 
ATOM   1444 C  CD  . GLU B 1 98  ? -22.702 3.050   -3.498  1.00 43.78 ? 122 GLU B CD  1 
ATOM   1445 O  OE1 . GLU B 1 98  ? -22.014 3.346   -4.502  1.00 46.68 ? 122 GLU B OE1 1 
ATOM   1446 O  OE2 . GLU B 1 98  ? -23.109 3.872   -2.655  1.00 48.72 ? 122 GLU B OE2 1 
ATOM   1447 N  N   . ASP B 1 99  ? -18.753 1.909   -1.752  1.00 35.64 ? 123 ASP B N   1 
ATOM   1448 C  CA  . ASP B 1 99  ? -17.351 1.967   -2.058  1.00 30.21 ? 123 ASP B CA  1 
ATOM   1449 C  C   . ASP B 1 99  ? -16.613 1.960   -0.766  1.00 30.41 ? 123 ASP B C   1 
ATOM   1450 O  O   . ASP B 1 99  ? -17.152 2.355   0.263   1.00 33.67 ? 123 ASP B O   1 
ATOM   1451 C  CB  . ASP B 1 99  ? -17.035 3.229   -2.832  1.00 31.10 ? 123 ASP B CB  1 
ATOM   1452 C  CG  . ASP B 1 99  ? -17.910 3.384   -4.055  1.00 35.60 ? 123 ASP B CG  1 
ATOM   1453 O  OD1 . ASP B 1 99  ? -17.562 2.822   -5.124  1.00 34.07 ? 123 ASP B OD1 1 
ATOM   1454 O  OD2 . ASP B 1 99  ? -18.956 4.064   -3.937  1.00 37.08 ? 123 ASP B OD2 1 
ATOM   1455 N  N   . THR B 1 100 ? -15.402 1.431   -0.805  1.00 29.88 ? 124 THR B N   1 
ATOM   1456 C  CA  . THR B 1 100 ? -14.542 1.363   0.353   1.00 30.19 ? 124 THR B CA  1 
ATOM   1457 C  C   . THR B 1 100 ? -13.289 2.215   0.099   1.00 28.41 ? 124 THR B C   1 
ATOM   1458 O  O   . THR B 1 100 ? -12.677 2.152   -0.972  1.00 27.89 ? 124 THR B O   1 
ATOM   1459 C  CB  . THR B 1 100 ? -14.134 -0.071  0.607   1.00 27.62 ? 124 THR B CB  1 
ATOM   1460 O  OG1 . THR B 1 100 ? -14.180 -0.788  -0.625  1.00 38.58 ? 124 THR B OG1 1 
ATOM   1461 C  CG2 . THR B 1 100 ? -15.047 -0.704  1.565   1.00 26.21 ? 124 THR B CG2 1 
ATOM   1462 N  N   . LEU B 1 101 ? -12.965 3.047   1.076   1.00 25.06 ? 125 LEU B N   1 
ATOM   1463 C  CA  . LEU B 1 101 ? -11.813 3.916   1.020   1.00 23.32 ? 125 LEU B CA  1 
ATOM   1464 C  C   . LEU B 1 101 ? -10.883 3.511   2.137   1.00 21.44 ? 125 LEU B C   1 
ATOM   1465 O  O   . LEU B 1 101 ? -11.311 3.328   3.258   1.00 23.27 ? 125 LEU B O   1 
ATOM   1466 C  CB  . LEU B 1 101 ? -12.238 5.379   1.234   1.00 22.74 ? 125 LEU B CB  1 
ATOM   1467 C  CG  . LEU B 1 101 ? -11.137 6.444   1.253   1.00 20.01 ? 125 LEU B CG  1 
ATOM   1468 C  CD1 . LEU B 1 101 ? -10.431 6.498   -0.094  1.00 18.40 ? 125 LEU B CD1 1 
ATOM   1469 C  CD2 . LEU B 1 101 ? -11.748 7.783   1.591   1.00 19.97 ? 125 LEU B CD2 1 
ATOM   1470 N  N   . ASP B 1 102 ? -9.610  3.366   1.829   1.00 26.49 ? 126 ASP B N   1 
ATOM   1471 C  CA  . ASP B 1 102 ? -8.629  3.016   2.837   1.00 30.38 ? 126 ASP B CA  1 
ATOM   1472 C  C   . ASP B 1 102 ? -7.456  3.995   2.713   1.00 30.26 ? 126 ASP B C   1 
ATOM   1473 O  O   . ASP B 1 102 ? -6.804  4.039   1.670   1.00 33.94 ? 126 ASP B O   1 
ATOM   1474 C  CB  . ASP B 1 102 ? -8.137  1.614   2.573   1.00 37.63 ? 126 ASP B CB  1 
ATOM   1475 C  CG  . ASP B 1 102 ? -8.047  0.795   3.822   1.00 43.48 ? 126 ASP B CG  1 
ATOM   1476 O  OD1 . ASP B 1 102 ? -7.201  1.129   4.692   1.00 43.29 ? 126 ASP B OD1 1 
ATOM   1477 O  OD2 . ASP B 1 102 ? -8.832  -0.188  3.914   1.00 47.30 ? 126 ASP B OD2 1 
ATOM   1478 N  N   . VAL B 1 103 ? -7.188  4.777   3.755   1.00 25.45 ? 127 VAL B N   1 
ATOM   1479 C  CA  . VAL B 1 103 ? -6.088  5.749   3.729   1.00 19.32 ? 127 VAL B CA  1 
ATOM   1480 C  C   . VAL B 1 103 ? -4.903  5.149   4.451   1.00 18.05 ? 127 VAL B C   1 
ATOM   1481 O  O   . VAL B 1 103 ? -5.008  4.799   5.624   1.00 18.74 ? 127 VAL B O   1 
ATOM   1482 C  CB  . VAL B 1 103 ? -6.522  7.098   4.378   1.00 15.47 ? 127 VAL B CB  1 
ATOM   1483 C  CG1 . VAL B 1 103 ? -5.346  8.002   4.576   1.00 16.49 ? 127 VAL B CG1 1 
ATOM   1484 C  CG2 . VAL B 1 103 ? -7.544  7.798   3.478   1.00 13.17 ? 127 VAL B CG2 1 
ATOM   1485 N  N   . PHE B 1 104 ? -3.782  5.000   3.752   1.00 19.26 ? 128 PHE B N   1 
ATOM   1486 C  CA  . PHE B 1 104 ? -2.572  4.405   4.359   1.00 22.97 ? 128 PHE B CA  1 
ATOM   1487 C  C   . PHE B 1 104 ? -1.449  5.355   4.821   1.00 26.63 ? 128 PHE B C   1 
ATOM   1488 O  O   . PHE B 1 104 ? -0.392  4.904   5.276   1.00 30.34 ? 128 PHE B O   1 
ATOM   1489 C  CB  . PHE B 1 104 ? -1.993  3.344   3.423   1.00 24.25 ? 128 PHE B CB  1 
ATOM   1490 C  CG  . PHE B 1 104 ? -2.996  2.326   2.992   1.00 32.01 ? 128 PHE B CG  1 
ATOM   1491 C  CD1 . PHE B 1 104 ? -3.237  1.208   3.768   1.00 34.32 ? 128 PHE B CD1 1 
ATOM   1492 C  CD2 . PHE B 1 104 ? -3.729  2.504   1.833   1.00 32.17 ? 128 PHE B CD2 1 
ATOM   1493 C  CE1 . PHE B 1 104 ? -4.191  0.283   3.395   1.00 37.09 ? 128 PHE B CE1 1 
ATOM   1494 C  CE2 . PHE B 1 104 ? -4.675  1.596   1.457   1.00 33.80 ? 128 PHE B CE2 1 
ATOM   1495 C  CZ  . PHE B 1 104 ? -4.915  0.473   2.240   1.00 36.97 ? 128 PHE B CZ  1 
ATOM   1496 N  N   . GLY B 1 105 ? -1.656  6.661   4.682   1.00 28.76 ? 129 GLY B N   1 
ATOM   1497 C  CA  . GLY B 1 105 ? -0.652  7.611   5.110   1.00 26.06 ? 129 GLY B CA  1 
ATOM   1498 C  C   . GLY B 1 105 ? -0.772  8.904   4.336   1.00 27.45 ? 129 GLY B C   1 
ATOM   1499 O  O   . GLY B 1 105 ? -1.373  8.927   3.249   1.00 26.80 ? 129 GLY B O   1 
ATOM   1500 N  N   . VAL B 1 106 ? -0.240  9.979   4.927   1.00 26.52 ? 130 VAL B N   1 
ATOM   1501 C  CA  . VAL B 1 106 ? -0.226  11.327  4.333   1.00 21.19 ? 130 VAL B CA  1 
ATOM   1502 C  C   . VAL B 1 106 ? 1.132   11.556  3.652   1.00 20.49 ? 130 VAL B C   1 
ATOM   1503 O  O   . VAL B 1 106 ? 2.175   11.327  4.272   1.00 20.24 ? 130 VAL B O   1 
ATOM   1504 C  CB  . VAL B 1 106 ? -0.352  12.409  5.435   1.00 17.19 ? 130 VAL B CB  1 
ATOM   1505 C  CG1 . VAL B 1 106 ? -0.232  13.791  4.856   1.00 8.12  ? 130 VAL B CG1 1 
ATOM   1506 C  CG2 . VAL B 1 106 ? -1.635  12.265  6.140   1.00 17.34 ? 130 VAL B CG2 1 
ATOM   1507 N  N   . VAL B 1 107 ? 1.141   11.948  2.380   1.00 17.39 ? 131 VAL B N   1 
ATOM   1508 C  CA  . VAL B 1 107 ? 2.421   12.239  1.719   1.00 14.90 ? 131 VAL B CA  1 
ATOM   1509 C  C   . VAL B 1 107 ? 2.957   13.526  2.368   1.00 15.69 ? 131 VAL B C   1 
ATOM   1510 O  O   . VAL B 1 107 ? 2.278   14.554  2.356   1.00 13.37 ? 131 VAL B O   1 
ATOM   1511 C  CB  . VAL B 1 107 ? 2.248   12.474  0.208   1.00 14.95 ? 131 VAL B CB  1 
ATOM   1512 C  CG1 . VAL B 1 107 ? 3.552   12.948  -0.403  1.00 13.65 ? 131 VAL B CG1 1 
ATOM   1513 C  CG2 . VAL B 1 107 ? 1.781   11.174  -0.477  1.00 18.94 ? 131 VAL B CG2 1 
ATOM   1514 N  N   . ILE B 1 108 ? 4.104   13.445  3.035   1.00 11.89 ? 132 ILE B N   1 
ATOM   1515 C  CA  . ILE B 1 108 ? 4.684   14.631  3.668   1.00 14.81 ? 132 ILE B CA  1 
ATOM   1516 C  C   . ILE B 1 108 ? 5.736   15.375  2.794   1.00 18.19 ? 132 ILE B C   1 
ATOM   1517 O  O   . ILE B 1 108 ? 5.927   16.590  2.933   1.00 19.12 ? 132 ILE B O   1 
ATOM   1518 C  CB  . ILE B 1 108 ? 5.257   14.338  5.054   1.00 7.99  ? 132 ILE B CB  1 
ATOM   1519 C  CG1 . ILE B 1 108 ? 6.253   13.186  4.990   1.00 9.90  ? 132 ILE B CG1 1 
ATOM   1520 C  CG2 . ILE B 1 108 ? 4.151   14.061  6.009   1.00 9.73  ? 132 ILE B CG2 1 
ATOM   1521 C  CD1 . ILE B 1 108 ? 7.124   13.025  6.244   1.00 6.37  ? 132 ILE B CD1 1 
ATOM   1522 N  N   . HIS B 1 109 ? 6.411   14.656  1.899   1.00 19.07 ? 133 HIS B N   1 
ATOM   1523 C  CA  . HIS B 1 109 ? 7.400   15.262  1.001   1.00 18.24 ? 133 HIS B CA  1 
ATOM   1524 C  C   . HIS B 1 109 ? 7.412   14.513  -0.322  1.00 17.47 ? 133 HIS B C   1 
ATOM   1525 O  O   . HIS B 1 109 ? 7.111   13.324  -0.369  1.00 18.51 ? 133 HIS B O   1 
ATOM   1526 C  CB  . HIS B 1 109 ? 8.819   15.205  1.591   1.00 15.49 ? 133 HIS B CB  1 
ATOM   1527 C  CG  . HIS B 1 109 ? 8.965   15.942  2.882   1.00 21.21 ? 133 HIS B CG  1 
ATOM   1528 N  ND1 . HIS B 1 109 ? 9.382   15.330  4.044   1.00 23.94 ? 133 HIS B ND1 1 
ATOM   1529 C  CD2 . HIS B 1 109 ? 8.680   17.224  3.211   1.00 17.94 ? 133 HIS B CD2 1 
ATOM   1530 C  CE1 . HIS B 1 109 ? 9.346   16.201  5.040   1.00 18.22 ? 133 HIS B CE1 1 
ATOM   1531 N  NE2 . HIS B 1 109 ? 8.917   17.350  4.563   1.00 20.33 ? 133 HIS B NE2 1 
ATOM   1532 N  N   . VAL B 1 110 ? 7.757   15.221  -1.384  1.00 15.38 ? 134 VAL B N   1 
ATOM   1533 C  CA  . VAL B 1 110 ? 7.869   14.650  -2.707  1.00 14.52 ? 134 VAL B CA  1 
ATOM   1534 C  C   . VAL B 1 110 ? 9.313   14.882  -3.059  1.00 15.32 ? 134 VAL B C   1 
ATOM   1535 O  O   . VAL B 1 110 ? 9.797   16.001  -2.953  1.00 20.02 ? 134 VAL B O   1 
ATOM   1536 C  CB  . VAL B 1 110 ? 7.040   15.421  -3.738  1.00 13.61 ? 134 VAL B CB  1 
ATOM   1537 C  CG1 . VAL B 1 110 ? 7.049   14.701  -5.065  1.00 12.70 ? 134 VAL B CG1 1 
ATOM   1538 C  CG2 . VAL B 1 110 ? 5.646   15.638  -3.207  1.00 14.64 ? 134 VAL B CG2 1 
ATOM   1539 N  N   . VAL B 1 111 ? 10.018  13.835  -3.440  1.00 16.30 ? 135 VAL B N   1 
ATOM   1540 C  CA  . VAL B 1 111 ? 11.404  13.984  -3.810  1.00 16.66 ? 135 VAL B CA  1 
ATOM   1541 C  C   . VAL B 1 111 ? 11.542  13.774  -5.304  1.00 15.79 ? 135 VAL B C   1 
ATOM   1542 O  O   . VAL B 1 111 ? 11.342  12.663  -5.794  1.00 14.75 ? 135 VAL B O   1 
ATOM   1543 C  CB  . VAL B 1 111 ? 12.291  12.967  -3.081  1.00 16.18 ? 135 VAL B CB  1 
ATOM   1544 C  CG1 . VAL B 1 111 ? 13.745  13.192  -3.446  1.00 16.35 ? 135 VAL B CG1 1 
ATOM   1545 C  CG2 . VAL B 1 111 ? 12.092  13.083  -1.590  1.00 19.71 ? 135 VAL B CG2 1 
ATOM   1546 N  N   . LYS B 1 112 ? 11.821  14.847  -6.045  1.00 17.56 ? 136 LYS B N   1 
ATOM   1547 C  CA  . LYS B 1 112 ? 12.013  14.726  -7.504  1.00 16.95 ? 136 LYS B CA  1 
ATOM   1548 C  C   . LYS B 1 112 ? 13.520  14.513  -7.764  1.00 18.48 ? 136 LYS B C   1 
ATOM   1549 O  O   . LYS B 1 112 ? 14.331  14.520  -6.832  1.00 23.34 ? 136 LYS B O   1 
ATOM   1550 C  CB  . LYS B 1 112 ? 11.452  15.943  -8.258  1.00 9.53  ? 136 LYS B CB  1 
ATOM   1551 C  CG  . LYS B 1 112 ? 10.337  16.648  -7.487  1.00 15.18 ? 136 LYS B CG  1 
ATOM   1552 C  CD  . LYS B 1 112 ? 9.389   17.447  -8.356  1.00 19.56 ? 136 LYS B CD  1 
ATOM   1553 C  CE  . LYS B 1 112 ? 8.496   16.520  -9.185  1.00 26.97 ? 136 LYS B CE  1 
ATOM   1554 N  NZ  . LYS B 1 112 ? 7.561   17.198  -10.127 1.00 27.89 ? 136 LYS B NZ  1 
ATOM   1555 N  N   . ALA B 1 113 ? 13.884  14.132  -8.974  1.00 19.18 ? 137 ALA B N   1 
ATOM   1556 C  CA  . ALA B 1 113 ? 15.286  13.924  -9.310  1.00 23.33 ? 137 ALA B CA  1 
ATOM   1557 C  C   . ALA B 1 113 ? 15.480  14.503  -10.703 1.00 29.48 ? 137 ALA B C   1 
ATOM   1558 O  O   . ALA B 1 113 ? 14.640  14.189  -11.588 1.00 28.31 ? 137 ALA B O   1 
ATOM   1559 C  CB  . ALA B 1 113 ? 15.652  12.453  -9.281  1.00 16.29 ? 137 ALA B CB  1 
HETATM 1560 O  O   . HOH C 2 .   ? 0.236   -15.679 3.406   1.00 18.59 ? 141 HOH A O   1 
HETATM 1561 O  O   . HOH C 2 .   ? -12.712 -12.699 -9.037  1.00 26.86 ? 142 HOH A O   1 
HETATM 1562 O  O   . HOH C 2 .   ? 1.596   -6.884  -7.938  1.00 21.66 ? 143 HOH A O   1 
HETATM 1563 O  O   . HOH C 2 .   ? 1.953   -19.019 1.138   1.00 26.50 ? 144 HOH A O   1 
HETATM 1564 O  O   . HOH C 2 .   ? 0.634   -10.525 -11.006 1.00 24.92 ? 145 HOH A O   1 
HETATM 1565 O  O   . HOH C 2 .   ? 8.606   -3.479  6.052   1.00 27.08 ? 146 HOH A O   1 
HETATM 1566 O  O   . HOH C 2 .   ? 19.932  -4.550  -6.448  1.00 39.02 ? 147 HOH A O   1 
HETATM 1567 O  O   . HOH C 2 .   ? -5.130  -18.591 -9.911  1.00 23.91 ? 148 HOH A O   1 
HETATM 1568 O  O   . HOH C 2 .   ? -3.751  -11.100 -16.218 1.00 23.27 ? 149 HOH A O   1 
HETATM 1569 O  O   . HOH C 2 .   ? -1.518  -12.805 -9.835  1.00 21.40 ? 150 HOH A O   1 
HETATM 1570 O  O   . HOH C 2 .   ? -0.036  -16.249 10.942  1.00 36.80 ? 151 HOH A O   1 
HETATM 1571 O  O   . HOH C 2 .   ? -11.298 -15.740 -10.266 1.00 47.81 ? 152 HOH A O   1 
HETATM 1572 O  O   . HOH C 2 .   ? 6.145   -20.800 -10.905 1.00 42.92 ? 153 HOH A O   1 
HETATM 1573 O  O   . HOH C 2 .   ? -7.915  -10.231 10.394  1.00 17.30 ? 154 HOH A O   1 
HETATM 1574 O  O   . HOH C 2 .   ? 10.264  -0.030  -1.099  1.00 15.43 ? 155 HOH A O   1 
HETATM 1575 O  O   . HOH C 2 .   ? -1.445  -10.629 -8.485  1.00 35.53 ? 156 HOH A O   1 
HETATM 1576 O  O   . HOH C 2 .   ? -6.408  -9.238  -16.676 1.00 31.59 ? 157 HOH A O   1 
HETATM 1577 O  O   . HOH C 2 .   ? -12.242 -7.802  -9.375  1.00 25.72 ? 158 HOH A O   1 
HETATM 1578 O  O   . HOH C 2 .   ? 7.721   -21.864 0.390   1.00 16.71 ? 159 HOH A O   1 
HETATM 1579 O  O   . HOH C 2 .   ? 3.527   -21.752 -14.289 1.00 16.40 ? 160 HOH A O   1 
HETATM 1580 O  O   . HOH C 2 .   ? 3.467   1.151   -6.876  1.00 42.78 ? 161 HOH A O   1 
HETATM 1581 O  O   . HOH C 2 .   ? 3.091   -7.683  8.117   1.00 24.84 ? 162 HOH A O   1 
HETATM 1582 O  O   . HOH C 2 .   ? 0.631   -12.626 -18.032 1.00 21.63 ? 163 HOH A O   1 
HETATM 1583 O  O   . HOH C 2 .   ? 16.462  -13.426 6.184   1.00 28.67 ? 164 HOH A O   1 
HETATM 1584 O  O   . HOH C 2 .   ? -8.140  -5.748  16.660  1.00 5.00  ? 165 HOH A O   1 
HETATM 1585 O  O   . HOH C 2 .   ? -4.987  -13.841 10.611  1.00 32.76 ? 166 HOH A O   1 
HETATM 1586 O  O   . HOH C 2 .   ? 2.043   -8.554  -13.319 1.00 33.54 ? 167 HOH A O   1 
HETATM 1587 O  O   . HOH C 2 .   ? -4.527  -13.372 -13.620 1.00 20.81 ? 168 HOH A O   1 
HETATM 1588 O  O   . HOH C 2 .   ? 9.577   -17.583 -10.616 1.00 24.94 ? 169 HOH A O   1 
HETATM 1589 O  O   . HOH C 2 .   ? 6.317   -8.826  8.586   1.00 18.07 ? 170 HOH A O   1 
HETATM 1590 O  O   . HOH C 2 .   ? -20.923 -17.258 9.726   1.00 39.56 ? 171 HOH A O   1 
HETATM 1591 O  O   . HOH C 2 .   ? 12.101  -0.613  4.364   1.00 35.82 ? 172 HOH A O   1 
HETATM 1592 O  O   . HOH C 2 .   ? -29.537 -18.444 8.540   1.00 38.66 ? 173 HOH A O   1 
HETATM 1593 O  O   . HOH C 2 .   ? -8.873  -5.975  -11.814 1.00 31.19 ? 174 HOH A O   1 
HETATM 1594 O  O   . HOH C 2 .   ? 24.822  -1.999  -0.349  1.00 33.08 ? 175 HOH A O   1 
HETATM 1595 O  O   . HOH C 2 .   ? 9.372   -10.829 -7.683  1.00 44.39 ? 176 HOH A O   1 
HETATM 1596 O  O   . HOH C 2 .   ? -16.164 -13.906 -8.093  1.00 30.23 ? 177 HOH A O   1 
HETATM 1597 O  O   . HOH C 2 .   ? -1.572  -20.244 -2.042  1.00 40.58 ? 178 HOH A O   1 
HETATM 1598 O  O   . HOH C 2 .   ? 20.131  -2.168  3.340   1.00 39.75 ? 179 HOH A O   1 
HETATM 1599 O  O   . HOH D 2 .   ? -10.434 -0.514  -0.690  1.00 33.73 ? 141 HOH B O   1 
HETATM 1600 O  O   . HOH D 2 .   ? 7.659   11.299  9.450   1.00 16.90 ? 142 HOH B O   1 
HETATM 1601 O  O   . HOH D 2 .   ? -5.693  8.293   8.154   1.00 34.87 ? 143 HOH B O   1 
HETATM 1602 O  O   . HOH D 2 .   ? -0.008  16.006  1.884   1.00 18.94 ? 144 HOH B O   1 
HETATM 1603 O  O   . HOH D 2 .   ? -2.064  6.787   9.198   1.00 21.85 ? 145 HOH B O   1 
HETATM 1604 O  O   . HOH D 2 .   ? -15.100 16.975  -2.485  1.00 18.51 ? 146 HOH B O   1 
HETATM 1605 O  O   . HOH D 2 .   ? -3.080  7.146   -14.058 1.00 23.86 ? 147 HOH B O   1 
HETATM 1606 O  O   . HOH D 2 .   ? -3.099  4.410   8.426   1.00 31.58 ? 148 HOH B O   1 
HETATM 1607 O  O   . HOH D 2 .   ? -1.737  8.929   -11.949 1.00 10.73 ? 149 HOH B O   1 
HETATM 1608 O  O   . HOH D 2 .   ? -2.952  8.559   7.503   1.00 13.71 ? 150 HOH B O   1 
HETATM 1609 O  O   . HOH D 2 .   ? 6.341   1.685   7.710   1.00 22.42 ? 151 HOH B O   1 
HETATM 1610 O  O   . HOH D 2 .   ? 3.679   2.058   7.748   1.00 46.21 ? 152 HOH B O   1 
HETATM 1611 O  O   . HOH D 2 .   ? -8.097  17.643  -11.924 1.00 31.50 ? 153 HOH B O   1 
HETATM 1612 O  O   . HOH D 2 .   ? -2.301  20.105  -16.165 1.00 34.13 ? 154 HOH B O   1 
HETATM 1613 O  O   . HOH D 2 .   ? 0.529   3.840   -5.438  1.00 24.11 ? 155 HOH B O   1 
HETATM 1614 O  O   . HOH D 2 .   ? 3.709   12.836  -14.309 1.00 24.13 ? 156 HOH B O   1 
HETATM 1615 O  O   . HOH D 2 .   ? 0.906   10.367  -9.146  1.00 32.32 ? 157 HOH B O   1 
HETATM 1616 O  O   . HOH D 2 .   ? 5.385   14.151  9.993   1.00 22.21 ? 158 HOH B O   1 
HETATM 1617 O  O   . HOH D 2 .   ? 11.682  3.460   16.460  1.00 24.08 ? 159 HOH B O   1 
HETATM 1618 O  O   . HOH D 2 .   ? -1.601  8.923   -8.115  1.00 33.17 ? 160 HOH B O   1 
HETATM 1619 O  O   . HOH D 2 .   ? -15.174 6.398   -6.565  1.00 37.97 ? 161 HOH B O   1 
HETATM 1620 O  O   . HOH D 2 .   ? -10.503 17.490  8.307   1.00 21.62 ? 162 HOH B O   1 
HETATM 1621 O  O   . HOH D 2 .   ? -15.585 3.962   1.968   1.00 40.05 ? 163 HOH B O   1 
HETATM 1622 O  O   . HOH D 2 .   ? -7.906  10.643  -11.659 1.00 32.40 ? 164 HOH B O   1 
HETATM 1623 O  O   . HOH D 2 .   ? 5.005   18.012  -10.535 1.00 36.59 ? 165 HOH B O   1 
HETATM 1624 O  O   . HOH D 2 .   ? -12.902 16.015  -15.235 1.00 31.00 ? 166 HOH B O   1 
HETATM 1625 O  O   . HOH D 2 .   ? 1.078   7.635   -7.969  1.00 28.93 ? 167 HOH B O   1 
HETATM 1626 O  O   . HOH D 2 .   ? -2.386  9.995   -18.475 1.00 46.95 ? 168 HOH B O   1 
HETATM 1627 O  O   . HOH D 2 .   ? -19.318 15.399  3.468   1.00 36.75 ? 169 HOH B O   1 
HETATM 1628 O  O   . HOH D 2 .   ? -10.901 17.895  -13.918 1.00 33.01 ? 170 HOH B O   1 
HETATM 1629 O  O   . HOH D 2 .   ? -4.506  7.298   -11.789 1.00 29.48 ? 171 HOH B O   1 
HETATM 1630 O  O   . HOH D 2 .   ? -19.312 9.883   -0.641  1.00 26.95 ? 172 HOH B O   1 
HETATM 1631 O  O   . HOH D 2 .   ? 9.351   6.896   15.506  1.00 24.18 ? 173 HOH B O   1 
HETATM 1632 O  O   . HOH D 2 .   ? 31.904  23.011  15.254  1.00 39.75 ? 174 HOH B O   1 
HETATM 1633 O  O   . HOH D 2 .   ? -8.183  -1.711  -12.448 1.00 33.27 ? 175 HOH B O   1 
HETATM 1634 O  O   . HOH D 2 .   ? 18.778  14.357  -11.976 1.00 33.39 ? 176 HOH B O   1 
HETATM 1635 O  O   . HOH D 2 .   ? -7.514  15.715  11.367  1.00 25.00 ? 177 HOH B O   1 
HETATM 1636 O  O   . HOH D 2 .   ? 1.082   12.108  -11.097 1.00 14.23 ? 178 HOH B O   1 
# 
